data_2D1V
# 
_entry.id   2D1V 
# 
_audit_conform.dict_name       mmcif_pdbx.dic 
_audit_conform.dict_version    5.388 
_audit_conform.dict_location   http://mmcif.pdb.org/dictionaries/ascii/mmcif_pdbx.dic 
# 
loop_
_database_2.database_id 
_database_2.database_code 
_database_2.pdbx_database_accession 
_database_2.pdbx_DOI 
PDB   2D1V         pdb_00002d1v 10.2210/pdb2d1v/pdb 
RCSB  RCSB024884   ?            ?                   
WWPDB D_1000024884 ?            ?                   
# 
loop_
_pdbx_audit_revision_history.ordinal 
_pdbx_audit_revision_history.data_content_type 
_pdbx_audit_revision_history.major_revision 
_pdbx_audit_revision_history.minor_revision 
_pdbx_audit_revision_history.revision_date 
1 'Structure model' 1 0 2006-09-12 
2 'Structure model' 1 1 2008-04-30 
3 'Structure model' 1 2 2011-07-13 
4 'Structure model' 1 3 2017-10-11 
5 'Structure model' 1 4 2024-03-13 
# 
_pdbx_audit_revision_details.ordinal             1 
_pdbx_audit_revision_details.revision_ordinal    1 
_pdbx_audit_revision_details.data_content_type   'Structure model' 
_pdbx_audit_revision_details.provider            repository 
_pdbx_audit_revision_details.type                'Initial release' 
_pdbx_audit_revision_details.description         ? 
_pdbx_audit_revision_details.details             ? 
# 
loop_
_pdbx_audit_revision_group.ordinal 
_pdbx_audit_revision_group.revision_ordinal 
_pdbx_audit_revision_group.data_content_type 
_pdbx_audit_revision_group.group 
1 2 'Structure model' 'Version format compliance' 
2 3 'Structure model' 'Version format compliance' 
3 4 'Structure model' 'Refinement description'    
4 5 'Structure model' 'Data collection'           
5 5 'Structure model' 'Database references'       
# 
loop_
_pdbx_audit_revision_category.ordinal 
_pdbx_audit_revision_category.revision_ordinal 
_pdbx_audit_revision_category.data_content_type 
_pdbx_audit_revision_category.category 
1 4 'Structure model' software       
2 5 'Structure model' chem_comp_atom 
3 5 'Structure model' chem_comp_bond 
4 5 'Structure model' database_2     
# 
loop_
_pdbx_audit_revision_item.ordinal 
_pdbx_audit_revision_item.revision_ordinal 
_pdbx_audit_revision_item.data_content_type 
_pdbx_audit_revision_item.item 
1 5 'Structure model' '_database_2.pdbx_DOI'                
2 5 'Structure model' '_database_2.pdbx_database_accession' 
# 
_pdbx_database_status.status_code                     REL 
_pdbx_database_status.entry_id                        2D1V 
_pdbx_database_status.recvd_initial_deposition_date   2005-09-01 
_pdbx_database_status.deposit_site                    PDBJ 
_pdbx_database_status.process_site                    PDBJ 
_pdbx_database_status.status_code_sf                  REL 
_pdbx_database_status.status_code_mr                  ? 
_pdbx_database_status.SG_entry                        ? 
_pdbx_database_status.pdb_format_compatible           Y 
_pdbx_database_status.status_code_cs                  ? 
_pdbx_database_status.methods_development_category    ? 
_pdbx_database_status.status_code_nmr_data            ? 
# 
loop_
_audit_author.name 
_audit_author.pdbx_ordinal 
'Okajima, T.'  1 
'Okada, A.'    2 
'Watanabe, T.' 3 
'Yamamoto, K.' 4 
'Tanizawa, K.' 5 
'Utsumi, R.'   6 
# 
_citation.id                        primary 
_citation.title                     
;Response regulator YycF essential for bacterial growth: X-ray crystal structure of the DNA-binding domain and its PhoB-like DNA recognition motif
;
_citation.journal_abbrev            'Febs Lett.' 
_citation.journal_volume            582 
_citation.page_first                3434 
_citation.page_last                 3438 
_citation.year                      2008 
_citation.journal_id_ASTM           FEBLAL 
_citation.country                   NE 
_citation.journal_id_ISSN           0014-5793 
_citation.journal_id_CSD            0165 
_citation.book_publisher            ? 
_citation.pdbx_database_id_PubMed   18789936 
_citation.pdbx_database_id_DOI      10.1016/j.febslet.2008.09.007 
# 
loop_
_citation_author.citation_id 
_citation_author.name 
_citation_author.ordinal 
_citation_author.identifier_ORCID 
primary 'Okajima, T.'  1 ? 
primary 'Doi, A.'      2 ? 
primary 'Okada, A.'    3 ? 
primary 'Gotoh, Y.'    4 ? 
primary 'Tanizawa, K.' 5 ? 
primary 'Utsumi, R.'   6 ? 
# 
loop_
_entity.id 
_entity.type 
_entity.src_method 
_entity.pdbx_description 
_entity.formula_weight 
_entity.pdbx_number_of_molecules 
_entity.pdbx_ec 
_entity.pdbx_mutation 
_entity.pdbx_fragment 
_entity.details 
1 polymer man 'Transcriptional regulatory protein yycF' 12811.339 1  ? ? 'DNA-binding domain (Residues 128-235)' ? 
2 water   nat water                                     18.015    38 ? ? ?                                       ? 
# 
_entity_poly.entity_id                      1 
_entity_poly.type                           'polypeptide(L)' 
_entity_poly.nstd_linkage                   no 
_entity_poly.nstd_monomer                   no 
_entity_poly.pdbx_seq_one_letter_code       
;EEPSSNEIHIGSLVIFPDAYVVSKRDETIELTHREFELLHYLAKHIGQVMTREHLLQTVWGYDYFGDVRTVDVTVRRLRE
KIEDNPSHPNWIVTRRGVGYYLRNPEQD
;
_entity_poly.pdbx_seq_one_letter_code_can   
;EEPSSNEIHIGSLVIFPDAYVVSKRDETIELTHREFELLHYLAKHIGQVMTREHLLQTVWGYDYFGDVRTVDVTVRRLRE
KIEDNPSHPNWIVTRRGVGYYLRNPEQD
;
_entity_poly.pdbx_strand_id                 A 
_entity_poly.pdbx_target_identifier         ? 
# 
_pdbx_entity_nonpoly.entity_id   2 
_pdbx_entity_nonpoly.name        water 
_pdbx_entity_nonpoly.comp_id     HOH 
# 
loop_
_entity_poly_seq.entity_id 
_entity_poly_seq.num 
_entity_poly_seq.mon_id 
_entity_poly_seq.hetero 
1 1   GLU n 
1 2   GLU n 
1 3   PRO n 
1 4   SER n 
1 5   SER n 
1 6   ASN n 
1 7   GLU n 
1 8   ILE n 
1 9   HIS n 
1 10  ILE n 
1 11  GLY n 
1 12  SER n 
1 13  LEU n 
1 14  VAL n 
1 15  ILE n 
1 16  PHE n 
1 17  PRO n 
1 18  ASP n 
1 19  ALA n 
1 20  TYR n 
1 21  VAL n 
1 22  VAL n 
1 23  SER n 
1 24  LYS n 
1 25  ARG n 
1 26  ASP n 
1 27  GLU n 
1 28  THR n 
1 29  ILE n 
1 30  GLU n 
1 31  LEU n 
1 32  THR n 
1 33  HIS n 
1 34  ARG n 
1 35  GLU n 
1 36  PHE n 
1 37  GLU n 
1 38  LEU n 
1 39  LEU n 
1 40  HIS n 
1 41  TYR n 
1 42  LEU n 
1 43  ALA n 
1 44  LYS n 
1 45  HIS n 
1 46  ILE n 
1 47  GLY n 
1 48  GLN n 
1 49  VAL n 
1 50  MET n 
1 51  THR n 
1 52  ARG n 
1 53  GLU n 
1 54  HIS n 
1 55  LEU n 
1 56  LEU n 
1 57  GLN n 
1 58  THR n 
1 59  VAL n 
1 60  TRP n 
1 61  GLY n 
1 62  TYR n 
1 63  ASP n 
1 64  TYR n 
1 65  PHE n 
1 66  GLY n 
1 67  ASP n 
1 68  VAL n 
1 69  ARG n 
1 70  THR n 
1 71  VAL n 
1 72  ASP n 
1 73  VAL n 
1 74  THR n 
1 75  VAL n 
1 76  ARG n 
1 77  ARG n 
1 78  LEU n 
1 79  ARG n 
1 80  GLU n 
1 81  LYS n 
1 82  ILE n 
1 83  GLU n 
1 84  ASP n 
1 85  ASN n 
1 86  PRO n 
1 87  SER n 
1 88  HIS n 
1 89  PRO n 
1 90  ASN n 
1 91  TRP n 
1 92  ILE n 
1 93  VAL n 
1 94  THR n 
1 95  ARG n 
1 96  ARG n 
1 97  GLY n 
1 98  VAL n 
1 99  GLY n 
1 100 TYR n 
1 101 TYR n 
1 102 LEU n 
1 103 ARG n 
1 104 ASN n 
1 105 PRO n 
1 106 GLU n 
1 107 GLN n 
1 108 ASP n 
# 
_entity_src_gen.entity_id                          1 
_entity_src_gen.pdbx_src_id                        1 
_entity_src_gen.pdbx_alt_source_flag               sample 
_entity_src_gen.pdbx_seq_type                      ? 
_entity_src_gen.pdbx_beg_seq_num                   ? 
_entity_src_gen.pdbx_end_seq_num                   ? 
_entity_src_gen.gene_src_common_name               ? 
_entity_src_gen.gene_src_genus                     ? 
_entity_src_gen.pdbx_gene_src_gene                 yycF 
_entity_src_gen.gene_src_species                   ? 
_entity_src_gen.gene_src_strain                    ? 
_entity_src_gen.gene_src_tissue                    ? 
_entity_src_gen.gene_src_tissue_fraction           ? 
_entity_src_gen.gene_src_details                   ? 
_entity_src_gen.pdbx_gene_src_fragment             ? 
_entity_src_gen.pdbx_gene_src_scientific_name      'Bacillus subtilis' 
_entity_src_gen.pdbx_gene_src_ncbi_taxonomy_id     1423 
_entity_src_gen.pdbx_gene_src_variant              ? 
_entity_src_gen.pdbx_gene_src_cell_line            ? 
_entity_src_gen.pdbx_gene_src_atcc                 ? 
_entity_src_gen.pdbx_gene_src_organ                ? 
_entity_src_gen.pdbx_gene_src_organelle            ? 
_entity_src_gen.pdbx_gene_src_cell                 ? 
_entity_src_gen.pdbx_gene_src_cellular_location    ? 
_entity_src_gen.host_org_common_name               ? 
_entity_src_gen.pdbx_host_org_scientific_name      'Escherichia coli' 
_entity_src_gen.pdbx_host_org_ncbi_taxonomy_id     562 
_entity_src_gen.host_org_genus                     ? 
_entity_src_gen.pdbx_host_org_gene                 ? 
_entity_src_gen.pdbx_host_org_organ                ? 
_entity_src_gen.host_org_species                   ? 
_entity_src_gen.pdbx_host_org_tissue               ? 
_entity_src_gen.pdbx_host_org_tissue_fraction      ? 
_entity_src_gen.pdbx_host_org_strain               M15 
_entity_src_gen.pdbx_host_org_variant              ? 
_entity_src_gen.pdbx_host_org_cell_line            ? 
_entity_src_gen.pdbx_host_org_atcc                 ? 
_entity_src_gen.pdbx_host_org_culture_collection   ? 
_entity_src_gen.pdbx_host_org_cell                 ? 
_entity_src_gen.pdbx_host_org_organelle            ? 
_entity_src_gen.pdbx_host_org_cellular_location    ? 
_entity_src_gen.pdbx_host_org_vector_type          PLASMID 
_entity_src_gen.pdbx_host_org_vector               ? 
_entity_src_gen.host_org_details                   ? 
_entity_src_gen.expression_system_id               ? 
_entity_src_gen.plasmid_name                       pQE30 
_entity_src_gen.plasmid_details                    ? 
_entity_src_gen.pdbx_description                   ? 
# 
loop_
_chem_comp.id 
_chem_comp.type 
_chem_comp.mon_nstd_flag 
_chem_comp.name 
_chem_comp.pdbx_synonyms 
_chem_comp.formula 
_chem_comp.formula_weight 
ALA 'L-peptide linking' y ALANINE         ? 'C3 H7 N O2'     89.093  
ARG 'L-peptide linking' y ARGININE        ? 'C6 H15 N4 O2 1' 175.209 
ASN 'L-peptide linking' y ASPARAGINE      ? 'C4 H8 N2 O3'    132.118 
ASP 'L-peptide linking' y 'ASPARTIC ACID' ? 'C4 H7 N O4'     133.103 
GLN 'L-peptide linking' y GLUTAMINE       ? 'C5 H10 N2 O3'   146.144 
GLU 'L-peptide linking' y 'GLUTAMIC ACID' ? 'C5 H9 N O4'     147.129 
GLY 'peptide linking'   y GLYCINE         ? 'C2 H5 N O2'     75.067  
HIS 'L-peptide linking' y HISTIDINE       ? 'C6 H10 N3 O2 1' 156.162 
HOH non-polymer         . WATER           ? 'H2 O'           18.015  
ILE 'L-peptide linking' y ISOLEUCINE      ? 'C6 H13 N O2'    131.173 
LEU 'L-peptide linking' y LEUCINE         ? 'C6 H13 N O2'    131.173 
LYS 'L-peptide linking' y LYSINE          ? 'C6 H15 N2 O2 1' 147.195 
MET 'L-peptide linking' y METHIONINE      ? 'C5 H11 N O2 S'  149.211 
PHE 'L-peptide linking' y PHENYLALANINE   ? 'C9 H11 N O2'    165.189 
PRO 'L-peptide linking' y PROLINE         ? 'C5 H9 N O2'     115.130 
SER 'L-peptide linking' y SERINE          ? 'C3 H7 N O3'     105.093 
THR 'L-peptide linking' y THREONINE       ? 'C4 H9 N O3'     119.119 
TRP 'L-peptide linking' y TRYPTOPHAN      ? 'C11 H12 N2 O2'  204.225 
TYR 'L-peptide linking' y TYROSINE        ? 'C9 H11 N O3'    181.189 
VAL 'L-peptide linking' y VALINE          ? 'C5 H11 N O2'    117.146 
# 
loop_
_pdbx_poly_seq_scheme.asym_id 
_pdbx_poly_seq_scheme.entity_id 
_pdbx_poly_seq_scheme.seq_id 
_pdbx_poly_seq_scheme.mon_id 
_pdbx_poly_seq_scheme.ndb_seq_num 
_pdbx_poly_seq_scheme.pdb_seq_num 
_pdbx_poly_seq_scheme.auth_seq_num 
_pdbx_poly_seq_scheme.pdb_mon_id 
_pdbx_poly_seq_scheme.auth_mon_id 
_pdbx_poly_seq_scheme.pdb_strand_id 
_pdbx_poly_seq_scheme.pdb_ins_code 
_pdbx_poly_seq_scheme.hetero 
A 1 1   GLU 1   128 ?   ?   ?   A . n 
A 1 2   GLU 2   129 ?   ?   ?   A . n 
A 1 3   PRO 3   130 ?   ?   ?   A . n 
A 1 4   SER 4   131 131 SER SER A . n 
A 1 5   SER 5   132 132 SER SER A . n 
A 1 6   ASN 6   133 133 ASN ASN A . n 
A 1 7   GLU 7   134 134 GLU GLU A . n 
A 1 8   ILE 8   135 135 ILE ILE A . n 
A 1 9   HIS 9   136 136 HIS HIS A . n 
A 1 10  ILE 10  137 137 ILE ILE A . n 
A 1 11  GLY 11  138 138 GLY GLY A . n 
A 1 12  SER 12  139 139 SER SER A . n 
A 1 13  LEU 13  140 140 LEU LEU A . n 
A 1 14  VAL 14  141 141 VAL VAL A . n 
A 1 15  ILE 15  142 142 ILE ILE A . n 
A 1 16  PHE 16  143 143 PHE PHE A . n 
A 1 17  PRO 17  144 144 PRO PRO A . n 
A 1 18  ASP 18  145 145 ASP ASP A . n 
A 1 19  ALA 19  146 146 ALA ALA A . n 
A 1 20  TYR 20  147 147 TYR TYR A . n 
A 1 21  VAL 21  148 148 VAL VAL A . n 
A 1 22  VAL 22  149 149 VAL VAL A . n 
A 1 23  SER 23  150 150 SER SER A . n 
A 1 24  LYS 24  151 151 LYS LYS A . n 
A 1 25  ARG 25  152 152 ARG ARG A . n 
A 1 26  ASP 26  153 153 ASP ASP A . n 
A 1 27  GLU 27  154 154 GLU GLU A . n 
A 1 28  THR 28  155 155 THR THR A . n 
A 1 29  ILE 29  156 156 ILE ILE A . n 
A 1 30  GLU 30  157 157 GLU GLU A . n 
A 1 31  LEU 31  158 158 LEU LEU A . n 
A 1 32  THR 32  159 159 THR THR A . n 
A 1 33  HIS 33  160 160 HIS HIS A . n 
A 1 34  ARG 34  161 161 ARG ARG A . n 
A 1 35  GLU 35  162 162 GLU GLU A . n 
A 1 36  PHE 36  163 163 PHE PHE A . n 
A 1 37  GLU 37  164 164 GLU GLU A . n 
A 1 38  LEU 38  165 165 LEU LEU A . n 
A 1 39  LEU 39  166 166 LEU LEU A . n 
A 1 40  HIS 40  167 167 HIS HIS A . n 
A 1 41  TYR 41  168 168 TYR TYR A . n 
A 1 42  LEU 42  169 169 LEU LEU A . n 
A 1 43  ALA 43  170 170 ALA ALA A . n 
A 1 44  LYS 44  171 171 LYS LYS A . n 
A 1 45  HIS 45  172 172 HIS HIS A . n 
A 1 46  ILE 46  173 173 ILE ILE A . n 
A 1 47  GLY 47  174 174 GLY GLY A . n 
A 1 48  GLN 48  175 175 GLN GLN A . n 
A 1 49  VAL 49  176 176 VAL VAL A . n 
A 1 50  MET 50  177 177 MET MET A . n 
A 1 51  THR 51  178 178 THR THR A . n 
A 1 52  ARG 52  179 179 ARG ARG A . n 
A 1 53  GLU 53  180 180 GLU GLU A . n 
A 1 54  HIS 54  181 181 HIS HIS A . n 
A 1 55  LEU 55  182 182 LEU LEU A . n 
A 1 56  LEU 56  183 183 LEU LEU A . n 
A 1 57  GLN 57  184 184 GLN GLN A . n 
A 1 58  THR 58  185 185 THR THR A . n 
A 1 59  VAL 59  186 186 VAL VAL A . n 
A 1 60  TRP 60  187 187 TRP TRP A . n 
A 1 61  GLY 61  188 188 GLY GLY A . n 
A 1 62  TYR 62  189 189 TYR TYR A . n 
A 1 63  ASP 63  190 190 ASP ASP A . n 
A 1 64  TYR 64  191 191 TYR TYR A . n 
A 1 65  PHE 65  192 192 PHE PHE A . n 
A 1 66  GLY 66  193 193 GLY GLY A . n 
A 1 67  ASP 67  194 194 ASP ASP A . n 
A 1 68  VAL 68  195 195 VAL VAL A . n 
A 1 69  ARG 69  196 196 ARG ARG A . n 
A 1 70  THR 70  197 197 THR THR A . n 
A 1 71  VAL 71  198 198 VAL VAL A . n 
A 1 72  ASP 72  199 199 ASP ASP A . n 
A 1 73  VAL 73  200 200 VAL VAL A . n 
A 1 74  THR 74  201 201 THR THR A . n 
A 1 75  VAL 75  202 202 VAL VAL A . n 
A 1 76  ARG 76  203 203 ARG ARG A . n 
A 1 77  ARG 77  204 204 ARG ARG A . n 
A 1 78  LEU 78  205 205 LEU LEU A . n 
A 1 79  ARG 79  206 206 ARG ARG A . n 
A 1 80  GLU 80  207 207 GLU GLU A . n 
A 1 81  LYS 81  208 208 LYS LYS A . n 
A 1 82  ILE 82  209 209 ILE ILE A . n 
A 1 83  GLU 83  210 210 GLU GLU A . n 
A 1 84  ASP 84  211 211 ASP ASP A . n 
A 1 85  ASN 85  212 212 ASN ASN A . n 
A 1 86  PRO 86  213 213 PRO PRO A . n 
A 1 87  SER 87  214 214 SER SER A . n 
A 1 88  HIS 88  215 215 HIS HIS A . n 
A 1 89  PRO 89  216 216 PRO PRO A . n 
A 1 90  ASN 90  217 217 ASN ASN A . n 
A 1 91  TRP 91  218 218 TRP TRP A . n 
A 1 92  ILE 92  219 219 ILE ILE A . n 
A 1 93  VAL 93  220 220 VAL VAL A . n 
A 1 94  THR 94  221 221 THR THR A . n 
A 1 95  ARG 95  222 222 ARG ARG A . n 
A 1 96  ARG 96  223 223 ARG ARG A . n 
A 1 97  GLY 97  224 224 GLY GLY A . n 
A 1 98  VAL 98  225 225 VAL VAL A . n 
A 1 99  GLY 99  226 226 GLY GLY A . n 
A 1 100 TYR 100 227 227 TYR TYR A . n 
A 1 101 TYR 101 228 228 TYR TYR A . n 
A 1 102 LEU 102 229 229 LEU LEU A . n 
A 1 103 ARG 103 230 230 ARG ARG A . n 
A 1 104 ASN 104 231 231 ASN ASN A . n 
A 1 105 PRO 105 232 232 PRO PRO A . n 
A 1 106 GLU 106 233 233 GLU GLU A . n 
A 1 107 GLN 107 234 ?   ?   ?   A . n 
A 1 108 ASP 108 235 ?   ?   ?   A . n 
# 
loop_
_pdbx_nonpoly_scheme.asym_id 
_pdbx_nonpoly_scheme.entity_id 
_pdbx_nonpoly_scheme.mon_id 
_pdbx_nonpoly_scheme.ndb_seq_num 
_pdbx_nonpoly_scheme.pdb_seq_num 
_pdbx_nonpoly_scheme.auth_seq_num 
_pdbx_nonpoly_scheme.pdb_mon_id 
_pdbx_nonpoly_scheme.auth_mon_id 
_pdbx_nonpoly_scheme.pdb_strand_id 
_pdbx_nonpoly_scheme.pdb_ins_code 
B 2 HOH 1  1  1  HOH HOH A . 
B 2 HOH 2  2  2  HOH HOH A . 
B 2 HOH 3  3  3  HOH HOH A . 
B 2 HOH 4  4  4  HOH HOH A . 
B 2 HOH 5  5  5  HOH HOH A . 
B 2 HOH 6  6  6  HOH HOH A . 
B 2 HOH 7  7  7  HOH HOH A . 
B 2 HOH 8  8  8  HOH HOH A . 
B 2 HOH 9  9  9  HOH HOH A . 
B 2 HOH 10 10 10 HOH HOH A . 
B 2 HOH 11 11 11 HOH HOH A . 
B 2 HOH 12 12 12 HOH HOH A . 
B 2 HOH 13 13 13 HOH HOH A . 
B 2 HOH 14 14 14 HOH HOH A . 
B 2 HOH 15 15 15 HOH HOH A . 
B 2 HOH 16 16 16 HOH HOH A . 
B 2 HOH 17 17 17 HOH HOH A . 
B 2 HOH 18 18 18 HOH HOH A . 
B 2 HOH 19 19 19 HOH HOH A . 
B 2 HOH 20 20 20 HOH HOH A . 
B 2 HOH 21 21 21 HOH HOH A . 
B 2 HOH 22 22 22 HOH HOH A . 
B 2 HOH 23 23 23 HOH HOH A . 
B 2 HOH 24 24 24 HOH HOH A . 
B 2 HOH 25 25 25 HOH HOH A . 
B 2 HOH 26 26 26 HOH HOH A . 
B 2 HOH 27 27 27 HOH HOH A . 
B 2 HOH 28 28 28 HOH HOH A . 
B 2 HOH 29 29 29 HOH HOH A . 
B 2 HOH 30 30 30 HOH HOH A . 
B 2 HOH 31 31 31 HOH HOH A . 
B 2 HOH 32 32 32 HOH HOH A . 
B 2 HOH 33 33 33 HOH HOH A . 
B 2 HOH 34 34 34 HOH HOH A . 
B 2 HOH 35 35 35 HOH HOH A . 
B 2 HOH 36 36 36 HOH HOH A . 
B 2 HOH 37 37 37 HOH HOH A . 
B 2 HOH 38 38 38 HOH HOH A . 
# 
loop_
_software.name 
_software.classification 
_software.version 
_software.citation_id 
_software.pdbx_ordinal 
MOSFLM 'data reduction' .         ? 1 
SCALA  'data scaling'   .         ? 2 
MOLREP phasing          .         ? 3 
CNS    refinement       1.1       ? 4 
CCP4   'data scaling'   '(SCALA)' ? 5 
# 
_cell.entry_id           2D1V 
_cell.length_a           45.754 
_cell.length_b           65.584 
_cell.length_c           79.070 
_cell.angle_alpha        90.00 
_cell.angle_beta         90.00 
_cell.angle_gamma        90.00 
_cell.Z_PDB              8 
_cell.pdbx_unique_axis   ? 
_cell.length_a_esd       ? 
_cell.length_b_esd       ? 
_cell.length_c_esd       ? 
_cell.angle_alpha_esd    ? 
_cell.angle_beta_esd     ? 
_cell.angle_gamma_esd    ? 
# 
_symmetry.entry_id                         2D1V 
_symmetry.space_group_name_H-M             'C 2 2 21' 
_symmetry.pdbx_full_space_group_name_H-M   ? 
_symmetry.cell_setting                     ? 
_symmetry.Int_Tables_number                20 
_symmetry.space_group_name_Hall            ? 
# 
_exptl.entry_id          2D1V 
_exptl.method            'X-RAY DIFFRACTION' 
_exptl.crystals_number   1 
# 
_exptl_crystal.id                    1 
_exptl_crystal.density_meas          ? 
_exptl_crystal.density_Matthews      2.3 
_exptl_crystal.density_percent_sol   46.5 
_exptl_crystal.description           ? 
_exptl_crystal.F_000                 ? 
_exptl_crystal.preparation           ? 
# 
_exptl_crystal_grow.crystal_id      1 
_exptl_crystal_grow.method          MICRODIALYSIS 
_exptl_crystal_grow.temp            289 
_exptl_crystal_grow.temp_details    ? 
_exptl_crystal_grow.pH              6.6 
_exptl_crystal_grow.pdbx_details    '90mM HEPES, 9mM MgCl2, 3% dioxane, pH 6.6, MICRODIALYSIS, temperature 289K' 
_exptl_crystal_grow.pdbx_pH_range   . 
# 
_diffrn.id                     1 
_diffrn.ambient_temp           100 
_diffrn.ambient_temp_details   ? 
_diffrn.crystal_id             1 
# 
_diffrn_detector.diffrn_id              1 
_diffrn_detector.detector               CCD 
_diffrn_detector.type                   'Bruker DIP-6040' 
_diffrn_detector.pdbx_collection_date   2004-10-07 
_diffrn_detector.details                ? 
# 
_diffrn_radiation.diffrn_id                        1 
_diffrn_radiation.wavelength_id                    1 
_diffrn_radiation.pdbx_monochromatic_or_laue_m_l   M 
_diffrn_radiation.monochromator                    'Si 111' 
_diffrn_radiation.pdbx_diffrn_protocol             'SINGLE WAVELENGTH' 
_diffrn_radiation.pdbx_scattering_type             x-ray 
# 
_diffrn_radiation_wavelength.id           1 
_diffrn_radiation_wavelength.wavelength   0.9 
_diffrn_radiation_wavelength.wt           1.0 
# 
_diffrn_source.diffrn_id                   1 
_diffrn_source.source                      SYNCHROTRON 
_diffrn_source.type                        'SPRING-8 BEAMLINE BL44XU' 
_diffrn_source.pdbx_synchrotron_site       SPring-8 
_diffrn_source.pdbx_synchrotron_beamline   BL44XU 
_diffrn_source.pdbx_wavelength             ? 
_diffrn_source.pdbx_wavelength_list        0.9 
# 
_reflns.entry_id                     2D1V 
_reflns.observed_criterion_sigma_F   0 
_reflns.observed_criterion_sigma_I   3.0 
_reflns.d_resolution_high            2.4 
_reflns.d_resolution_low             33.9 
_reflns.number_all                   4739 
_reflns.number_obs                   4659 
_reflns.percent_possible_obs         95.2 
_reflns.pdbx_Rmerge_I_obs            0.103 
_reflns.pdbx_Rsym_value              ? 
_reflns.pdbx_netI_over_sigmaI        ? 
_reflns.B_iso_Wilson_estimate        ? 
_reflns.pdbx_redundancy              ? 
_reflns.R_free_details               ? 
_reflns.limit_h_max                  ? 
_reflns.limit_h_min                  ? 
_reflns.limit_k_max                  ? 
_reflns.limit_k_min                  ? 
_reflns.limit_l_max                  ? 
_reflns.limit_l_min                  ? 
_reflns.observed_criterion_F_max     ? 
_reflns.observed_criterion_F_min     ? 
_reflns.pdbx_chi_squared             ? 
_reflns.pdbx_scaling_rejects         ? 
_reflns.pdbx_diffrn_id               1 
_reflns.pdbx_ordinal                 1 
# 
_reflns_shell.d_res_high             2.4 
_reflns_shell.d_res_low              2.53 
_reflns_shell.percent_possible_all   98.2 
_reflns_shell.Rmerge_I_obs           0.377 
_reflns_shell.pdbx_Rsym_value        ? 
_reflns_shell.meanI_over_sigI_obs    2.6 
_reflns_shell.pdbx_redundancy        ? 
_reflns_shell.percent_possible_obs   ? 
_reflns_shell.number_unique_all      684 
_reflns_shell.number_measured_all    ? 
_reflns_shell.number_measured_obs    ? 
_reflns_shell.number_unique_obs      ? 
_reflns_shell.pdbx_chi_squared       ? 
_reflns_shell.pdbx_diffrn_id         ? 
_reflns_shell.pdbx_ordinal           1 
# 
_refine.entry_id                                 2D1V 
_refine.ls_d_res_high                            2.4 
_refine.ls_d_res_low                             33.9 
_refine.pdbx_ls_sigma_F                          1.0 
_refine.pdbx_ls_sigma_I                          ? 
_refine.ls_number_reflns_all                     4659 
_refine.ls_number_reflns_obs                     4659 
_refine.ls_number_reflns_R_free                  248 
_refine.ls_percent_reflns_obs                    ? 
_refine.ls_R_factor_all                          0.229 
_refine.ls_R_factor_obs                          0.229 
_refine.ls_R_factor_R_work                       0.228 
_refine.ls_R_factor_R_free                       0.232 
_refine.ls_redundancy_reflns_obs                 ? 
_refine.pdbx_data_cutoff_high_absF               ? 
_refine.pdbx_data_cutoff_low_absF                ? 
_refine.ls_number_parameters                     ? 
_refine.ls_number_restraints                     ? 
_refine.ls_percent_reflns_R_free                 ? 
_refine.ls_R_factor_R_free_error                 ? 
_refine.ls_R_factor_R_free_error_details         ? 
_refine.pdbx_method_to_determine_struct          'MOLECULAR REPLACEMENT' 
_refine.pdbx_starting_model                      ? 
_refine.pdbx_ls_cross_valid_method               ? 
_refine.pdbx_R_Free_selection_details            RANDOM 
_refine.pdbx_stereochem_target_val_spec_case     ? 
_refine.pdbx_stereochemistry_target_values       'Engh & Huber' 
_refine.solvent_model_details                    ? 
_refine.solvent_model_param_bsol                 ? 
_refine.solvent_model_param_ksol                 ? 
_refine.occupancy_max                            ? 
_refine.occupancy_min                            ? 
_refine.pdbx_isotropic_thermal_model             ? 
_refine.B_iso_mean                               ? 
_refine.aniso_B[1][1]                            ? 
_refine.aniso_B[1][2]                            ? 
_refine.aniso_B[1][3]                            ? 
_refine.aniso_B[2][2]                            ? 
_refine.aniso_B[2][3]                            ? 
_refine.aniso_B[3][3]                            ? 
_refine.details                                  ? 
_refine.B_iso_min                                ? 
_refine.B_iso_max                                ? 
_refine.correlation_coeff_Fo_to_Fc               ? 
_refine.correlation_coeff_Fo_to_Fc_free          ? 
_refine.pdbx_solvent_vdw_probe_radii             ? 
_refine.pdbx_solvent_ion_probe_radii             ? 
_refine.pdbx_solvent_shrinkage_radii             ? 
_refine.overall_SU_R_Cruickshank_DPI             ? 
_refine.overall_SU_R_free                        ? 
_refine.overall_SU_ML                            ? 
_refine.overall_SU_B                             ? 
_refine.pdbx_overall_ESU_R_Free                  ? 
_refine.pdbx_data_cutoff_high_rms_absF           ? 
_refine.pdbx_overall_ESU_R                       ? 
_refine.ls_wR_factor_R_free                      ? 
_refine.ls_wR_factor_R_work                      ? 
_refine.overall_FOM_free_R_set                   ? 
_refine.overall_FOM_work_R_set                   ? 
_refine.pdbx_refine_id                           'X-RAY DIFFRACTION' 
_refine.pdbx_overall_phase_error                 ? 
_refine.pdbx_diffrn_id                           1 
_refine.pdbx_TLS_residual_ADP_flag               ? 
_refine.pdbx_overall_SU_R_free_Cruickshank_DPI   ? 
_refine.pdbx_overall_SU_R_Blow_DPI               ? 
_refine.pdbx_overall_SU_R_free_Blow_DPI          ? 
# 
_refine_analyze.entry_id                        2D1V 
_refine_analyze.Luzzati_coordinate_error_obs    0.37 
_refine_analyze.Luzzati_sigma_a_obs             0.57 
_refine_analyze.Luzzati_d_res_low_obs           5.00 
_refine_analyze.Luzzati_coordinate_error_free   0.44 
_refine_analyze.Luzzati_sigma_a_free            0.60 
_refine_analyze.Luzzati_d_res_low_free          ? 
_refine_analyze.number_disordered_residues      ? 
_refine_analyze.occupancy_sum_non_hydrogen      ? 
_refine_analyze.occupancy_sum_hydrogen          ? 
_refine_analyze.pdbx_Luzzati_d_res_high_obs     ? 
_refine_analyze.pdbx_refine_id                  'X-RAY DIFFRACTION' 
# 
_refine_hist.pdbx_refine_id                   'X-RAY DIFFRACTION' 
_refine_hist.cycle_id                         LAST 
_refine_hist.pdbx_number_atoms_protein        863 
_refine_hist.pdbx_number_atoms_nucleic_acid   0 
_refine_hist.pdbx_number_atoms_ligand         0 
_refine_hist.number_atoms_solvent             38 
_refine_hist.number_atoms_total               901 
_refine_hist.d_res_high                       2.4 
_refine_hist.d_res_low                        33.9 
# 
loop_
_refine_ls_restr.type 
_refine_ls_restr.dev_ideal 
_refine_ls_restr.dev_ideal_target 
_refine_ls_restr.weight 
_refine_ls_restr.number 
_refine_ls_restr.pdbx_refine_id 
_refine_ls_restr.pdbx_restraint_function 
c_bond_d    0.007 ? ? ? 'X-RAY DIFFRACTION' ? 
c_angle_deg 1.3   ? ? ? 'X-RAY DIFFRACTION' ? 
# 
_struct.entry_id                  2D1V 
_struct.title                     'Crystal structure of DNA-binding domain of Bacillus subtilis YycF' 
_struct.pdbx_model_details        ? 
_struct.pdbx_CASP_flag            ? 
_struct.pdbx_model_type_details   ? 
# 
_struct_keywords.entry_id        2D1V 
_struct_keywords.pdbx_keywords   TRANSCRIPTION 
_struct_keywords.text            
'helix-turn-helix motif, DNA-binding domain, two-component system, response regulator, TRANSCRIPTION' 
# 
loop_
_struct_asym.id 
_struct_asym.pdbx_blank_PDB_chainid_flag 
_struct_asym.pdbx_modified 
_struct_asym.entity_id 
_struct_asym.details 
A N N 1 ? 
B N N 2 ? 
# 
_struct_ref.id                         1 
_struct_ref.db_name                    UNP 
_struct_ref.db_code                    YYCF_BACSU 
_struct_ref.pdbx_db_accession          P37478 
_struct_ref.entity_id                  1 
_struct_ref.pdbx_align_begin           128 
_struct_ref.pdbx_seq_one_letter_code   ? 
_struct_ref.pdbx_db_isoform            ? 
# 
_struct_ref_seq.align_id                      1 
_struct_ref_seq.ref_id                        1 
_struct_ref_seq.pdbx_PDB_id_code              2D1V 
_struct_ref_seq.pdbx_strand_id                A 
_struct_ref_seq.seq_align_beg                 1 
_struct_ref_seq.pdbx_seq_align_beg_ins_code   ? 
_struct_ref_seq.seq_align_end                 108 
_struct_ref_seq.pdbx_seq_align_end_ins_code   ? 
_struct_ref_seq.pdbx_db_accession             P37478 
_struct_ref_seq.db_align_beg                  128 
_struct_ref_seq.pdbx_db_align_beg_ins_code    ? 
_struct_ref_seq.db_align_end                  235 
_struct_ref_seq.pdbx_db_align_end_ins_code    ? 
_struct_ref_seq.pdbx_auth_seq_align_beg       128 
_struct_ref_seq.pdbx_auth_seq_align_end       235 
# 
_pdbx_struct_assembly.id                   1 
_pdbx_struct_assembly.details              author_and_software_defined_assembly 
_pdbx_struct_assembly.method_details       PISA 
_pdbx_struct_assembly.oligomeric_details   monomeric 
_pdbx_struct_assembly.oligomeric_count     1 
# 
_pdbx_struct_assembly_gen.assembly_id       1 
_pdbx_struct_assembly_gen.oper_expression   1 
_pdbx_struct_assembly_gen.asym_id_list      A,B 
# 
_pdbx_struct_oper_list.id                   1 
_pdbx_struct_oper_list.type                 'identity operation' 
_pdbx_struct_oper_list.name                 1_555 
_pdbx_struct_oper_list.symmetry_operation   x,y,z 
_pdbx_struct_oper_list.matrix[1][1]         1.0000000000 
_pdbx_struct_oper_list.matrix[1][2]         0.0000000000 
_pdbx_struct_oper_list.matrix[1][3]         0.0000000000 
_pdbx_struct_oper_list.vector[1]            0.0000000000 
_pdbx_struct_oper_list.matrix[2][1]         0.0000000000 
_pdbx_struct_oper_list.matrix[2][2]         1.0000000000 
_pdbx_struct_oper_list.matrix[2][3]         0.0000000000 
_pdbx_struct_oper_list.vector[2]            0.0000000000 
_pdbx_struct_oper_list.matrix[3][1]         0.0000000000 
_pdbx_struct_oper_list.matrix[3][2]         0.0000000000 
_pdbx_struct_oper_list.matrix[3][3]         1.0000000000 
_pdbx_struct_oper_list.vector[3]            0.0000000000 
# 
_struct_biol.id   1 
# 
loop_
_struct_conf.conf_type_id 
_struct_conf.id 
_struct_conf.pdbx_PDB_helix_id 
_struct_conf.beg_label_comp_id 
_struct_conf.beg_label_asym_id 
_struct_conf.beg_label_seq_id 
_struct_conf.pdbx_beg_PDB_ins_code 
_struct_conf.end_label_comp_id 
_struct_conf.end_label_asym_id 
_struct_conf.end_label_seq_id 
_struct_conf.pdbx_end_PDB_ins_code 
_struct_conf.beg_auth_comp_id 
_struct_conf.beg_auth_asym_id 
_struct_conf.beg_auth_seq_id 
_struct_conf.end_auth_comp_id 
_struct_conf.end_auth_asym_id 
_struct_conf.end_auth_seq_id 
_struct_conf.pdbx_PDB_helix_class 
_struct_conf.details 
_struct_conf.pdbx_PDB_helix_length 
HELX_P HELX_P1 1 THR A 32 ? HIS A 45 ? THR A 159 HIS A 172 1 ? 14 
HELX_P HELX_P2 2 THR A 51 ? GLY A 61 ? THR A 178 GLY A 188 1 ? 11 
HELX_P HELX_P3 3 VAL A 68 ? GLU A 83 ? VAL A 195 GLU A 210 1 ? 16 
# 
_struct_conf_type.id          HELX_P 
_struct_conf_type.criteria    ? 
_struct_conf_type.reference   ? 
# 
loop_
_struct_sheet.id 
_struct_sheet.type 
_struct_sheet.number_strands 
_struct_sheet.details 
A ? 4 ? 
B ? 2 ? 
# 
loop_
_struct_sheet_order.sheet_id 
_struct_sheet_order.range_id_1 
_struct_sheet_order.range_id_2 
_struct_sheet_order.offset 
_struct_sheet_order.sense 
A 1 2 ? anti-parallel 
A 2 3 ? anti-parallel 
A 3 4 ? anti-parallel 
B 1 2 ? anti-parallel 
# 
loop_
_struct_sheet_range.sheet_id 
_struct_sheet_range.id 
_struct_sheet_range.beg_label_comp_id 
_struct_sheet_range.beg_label_asym_id 
_struct_sheet_range.beg_label_seq_id 
_struct_sheet_range.pdbx_beg_PDB_ins_code 
_struct_sheet_range.end_label_comp_id 
_struct_sheet_range.end_label_asym_id 
_struct_sheet_range.end_label_seq_id 
_struct_sheet_range.pdbx_end_PDB_ins_code 
_struct_sheet_range.beg_auth_comp_id 
_struct_sheet_range.beg_auth_asym_id 
_struct_sheet_range.beg_auth_seq_id 
_struct_sheet_range.end_auth_comp_id 
_struct_sheet_range.end_auth_asym_id 
_struct_sheet_range.end_auth_seq_id 
A 1 ILE A 8  ? ILE A 10  ? ILE A 135 ILE A 137 
A 2 LEU A 13 ? PHE A 16  ? LEU A 140 PHE A 143 
A 3 VAL A 21 ? LYS A 24  ? VAL A 148 LYS A 151 
A 4 GLU A 27 ? THR A 28  ? GLU A 154 THR A 155 
B 1 ILE A 92 ? ARG A 95  ? ILE A 219 ARG A 222 
B 2 GLY A 99 ? LEU A 102 ? GLY A 226 LEU A 229 
# 
loop_
_pdbx_struct_sheet_hbond.sheet_id 
_pdbx_struct_sheet_hbond.range_id_1 
_pdbx_struct_sheet_hbond.range_id_2 
_pdbx_struct_sheet_hbond.range_1_label_atom_id 
_pdbx_struct_sheet_hbond.range_1_label_comp_id 
_pdbx_struct_sheet_hbond.range_1_label_asym_id 
_pdbx_struct_sheet_hbond.range_1_label_seq_id 
_pdbx_struct_sheet_hbond.range_1_PDB_ins_code 
_pdbx_struct_sheet_hbond.range_1_auth_atom_id 
_pdbx_struct_sheet_hbond.range_1_auth_comp_id 
_pdbx_struct_sheet_hbond.range_1_auth_asym_id 
_pdbx_struct_sheet_hbond.range_1_auth_seq_id 
_pdbx_struct_sheet_hbond.range_2_label_atom_id 
_pdbx_struct_sheet_hbond.range_2_label_comp_id 
_pdbx_struct_sheet_hbond.range_2_label_asym_id 
_pdbx_struct_sheet_hbond.range_2_label_seq_id 
_pdbx_struct_sheet_hbond.range_2_PDB_ins_code 
_pdbx_struct_sheet_hbond.range_2_auth_atom_id 
_pdbx_struct_sheet_hbond.range_2_auth_comp_id 
_pdbx_struct_sheet_hbond.range_2_auth_asym_id 
_pdbx_struct_sheet_hbond.range_2_auth_seq_id 
A 1 2 N ILE A 8  ? N ILE A 135 O ILE A 15  ? O ILE A 142 
A 2 3 N VAL A 14 ? N VAL A 141 O SER A 23  ? O SER A 150 
A 3 4 N LYS A 24 ? N LYS A 151 O GLU A 27  ? O GLU A 154 
B 1 2 N VAL A 93 ? N VAL A 220 O TYR A 101 ? O TYR A 228 
# 
loop_
_pdbx_validate_torsion.id 
_pdbx_validate_torsion.PDB_model_num 
_pdbx_validate_torsion.auth_comp_id 
_pdbx_validate_torsion.auth_asym_id 
_pdbx_validate_torsion.auth_seq_id 
_pdbx_validate_torsion.PDB_ins_code 
_pdbx_validate_torsion.label_alt_id 
_pdbx_validate_torsion.phi 
_pdbx_validate_torsion.psi 
1 1 SER A 132 ? ? -162.40 77.12  
2 1 GLU A 134 ? ? -173.78 141.30 
3 1 ASP A 153 ? ? 82.91   -11.43 
4 1 ILE A 173 ? ? -33.57  128.72 
5 1 TRP A 218 ? ? -108.67 -63.27 
6 1 ARG A 223 ? ? -36.55  127.81 
7 1 PRO A 232 ? ? -55.22  66.71  
# 
loop_
_pdbx_unobs_or_zero_occ_residues.id 
_pdbx_unobs_or_zero_occ_residues.PDB_model_num 
_pdbx_unobs_or_zero_occ_residues.polymer_flag 
_pdbx_unobs_or_zero_occ_residues.occupancy_flag 
_pdbx_unobs_or_zero_occ_residues.auth_asym_id 
_pdbx_unobs_or_zero_occ_residues.auth_comp_id 
_pdbx_unobs_or_zero_occ_residues.auth_seq_id 
_pdbx_unobs_or_zero_occ_residues.PDB_ins_code 
_pdbx_unobs_or_zero_occ_residues.label_asym_id 
_pdbx_unobs_or_zero_occ_residues.label_comp_id 
_pdbx_unobs_or_zero_occ_residues.label_seq_id 
1 1 Y 1 A GLU 128 ? A GLU 1   
2 1 Y 1 A GLU 129 ? A GLU 2   
3 1 Y 1 A PRO 130 ? A PRO 3   
4 1 Y 1 A GLN 234 ? A GLN 107 
5 1 Y 1 A ASP 235 ? A ASP 108 
# 
loop_
_chem_comp_atom.comp_id 
_chem_comp_atom.atom_id 
_chem_comp_atom.type_symbol 
_chem_comp_atom.pdbx_aromatic_flag 
_chem_comp_atom.pdbx_stereo_config 
_chem_comp_atom.pdbx_ordinal 
ALA N    N N N 1   
ALA CA   C N S 2   
ALA C    C N N 3   
ALA O    O N N 4   
ALA CB   C N N 5   
ALA OXT  O N N 6   
ALA H    H N N 7   
ALA H2   H N N 8   
ALA HA   H N N 9   
ALA HB1  H N N 10  
ALA HB2  H N N 11  
ALA HB3  H N N 12  
ALA HXT  H N N 13  
ARG N    N N N 14  
ARG CA   C N S 15  
ARG C    C N N 16  
ARG O    O N N 17  
ARG CB   C N N 18  
ARG CG   C N N 19  
ARG CD   C N N 20  
ARG NE   N N N 21  
ARG CZ   C N N 22  
ARG NH1  N N N 23  
ARG NH2  N N N 24  
ARG OXT  O N N 25  
ARG H    H N N 26  
ARG H2   H N N 27  
ARG HA   H N N 28  
ARG HB2  H N N 29  
ARG HB3  H N N 30  
ARG HG2  H N N 31  
ARG HG3  H N N 32  
ARG HD2  H N N 33  
ARG HD3  H N N 34  
ARG HE   H N N 35  
ARG HH11 H N N 36  
ARG HH12 H N N 37  
ARG HH21 H N N 38  
ARG HH22 H N N 39  
ARG HXT  H N N 40  
ASN N    N N N 41  
ASN CA   C N S 42  
ASN C    C N N 43  
ASN O    O N N 44  
ASN CB   C N N 45  
ASN CG   C N N 46  
ASN OD1  O N N 47  
ASN ND2  N N N 48  
ASN OXT  O N N 49  
ASN H    H N N 50  
ASN H2   H N N 51  
ASN HA   H N N 52  
ASN HB2  H N N 53  
ASN HB3  H N N 54  
ASN HD21 H N N 55  
ASN HD22 H N N 56  
ASN HXT  H N N 57  
ASP N    N N N 58  
ASP CA   C N S 59  
ASP C    C N N 60  
ASP O    O N N 61  
ASP CB   C N N 62  
ASP CG   C N N 63  
ASP OD1  O N N 64  
ASP OD2  O N N 65  
ASP OXT  O N N 66  
ASP H    H N N 67  
ASP H2   H N N 68  
ASP HA   H N N 69  
ASP HB2  H N N 70  
ASP HB3  H N N 71  
ASP HD2  H N N 72  
ASP HXT  H N N 73  
GLN N    N N N 74  
GLN CA   C N S 75  
GLN C    C N N 76  
GLN O    O N N 77  
GLN CB   C N N 78  
GLN CG   C N N 79  
GLN CD   C N N 80  
GLN OE1  O N N 81  
GLN NE2  N N N 82  
GLN OXT  O N N 83  
GLN H    H N N 84  
GLN H2   H N N 85  
GLN HA   H N N 86  
GLN HB2  H N N 87  
GLN HB3  H N N 88  
GLN HG2  H N N 89  
GLN HG3  H N N 90  
GLN HE21 H N N 91  
GLN HE22 H N N 92  
GLN HXT  H N N 93  
GLU N    N N N 94  
GLU CA   C N S 95  
GLU C    C N N 96  
GLU O    O N N 97  
GLU CB   C N N 98  
GLU CG   C N N 99  
GLU CD   C N N 100 
GLU OE1  O N N 101 
GLU OE2  O N N 102 
GLU OXT  O N N 103 
GLU H    H N N 104 
GLU H2   H N N 105 
GLU HA   H N N 106 
GLU HB2  H N N 107 
GLU HB3  H N N 108 
GLU HG2  H N N 109 
GLU HG3  H N N 110 
GLU HE2  H N N 111 
GLU HXT  H N N 112 
GLY N    N N N 113 
GLY CA   C N N 114 
GLY C    C N N 115 
GLY O    O N N 116 
GLY OXT  O N N 117 
GLY H    H N N 118 
GLY H2   H N N 119 
GLY HA2  H N N 120 
GLY HA3  H N N 121 
GLY HXT  H N N 122 
HIS N    N N N 123 
HIS CA   C N S 124 
HIS C    C N N 125 
HIS O    O N N 126 
HIS CB   C N N 127 
HIS CG   C Y N 128 
HIS ND1  N Y N 129 
HIS CD2  C Y N 130 
HIS CE1  C Y N 131 
HIS NE2  N Y N 132 
HIS OXT  O N N 133 
HIS H    H N N 134 
HIS H2   H N N 135 
HIS HA   H N N 136 
HIS HB2  H N N 137 
HIS HB3  H N N 138 
HIS HD1  H N N 139 
HIS HD2  H N N 140 
HIS HE1  H N N 141 
HIS HE2  H N N 142 
HIS HXT  H N N 143 
HOH O    O N N 144 
HOH H1   H N N 145 
HOH H2   H N N 146 
ILE N    N N N 147 
ILE CA   C N S 148 
ILE C    C N N 149 
ILE O    O N N 150 
ILE CB   C N S 151 
ILE CG1  C N N 152 
ILE CG2  C N N 153 
ILE CD1  C N N 154 
ILE OXT  O N N 155 
ILE H    H N N 156 
ILE H2   H N N 157 
ILE HA   H N N 158 
ILE HB   H N N 159 
ILE HG12 H N N 160 
ILE HG13 H N N 161 
ILE HG21 H N N 162 
ILE HG22 H N N 163 
ILE HG23 H N N 164 
ILE HD11 H N N 165 
ILE HD12 H N N 166 
ILE HD13 H N N 167 
ILE HXT  H N N 168 
LEU N    N N N 169 
LEU CA   C N S 170 
LEU C    C N N 171 
LEU O    O N N 172 
LEU CB   C N N 173 
LEU CG   C N N 174 
LEU CD1  C N N 175 
LEU CD2  C N N 176 
LEU OXT  O N N 177 
LEU H    H N N 178 
LEU H2   H N N 179 
LEU HA   H N N 180 
LEU HB2  H N N 181 
LEU HB3  H N N 182 
LEU HG   H N N 183 
LEU HD11 H N N 184 
LEU HD12 H N N 185 
LEU HD13 H N N 186 
LEU HD21 H N N 187 
LEU HD22 H N N 188 
LEU HD23 H N N 189 
LEU HXT  H N N 190 
LYS N    N N N 191 
LYS CA   C N S 192 
LYS C    C N N 193 
LYS O    O N N 194 
LYS CB   C N N 195 
LYS CG   C N N 196 
LYS CD   C N N 197 
LYS CE   C N N 198 
LYS NZ   N N N 199 
LYS OXT  O N N 200 
LYS H    H N N 201 
LYS H2   H N N 202 
LYS HA   H N N 203 
LYS HB2  H N N 204 
LYS HB3  H N N 205 
LYS HG2  H N N 206 
LYS HG3  H N N 207 
LYS HD2  H N N 208 
LYS HD3  H N N 209 
LYS HE2  H N N 210 
LYS HE3  H N N 211 
LYS HZ1  H N N 212 
LYS HZ2  H N N 213 
LYS HZ3  H N N 214 
LYS HXT  H N N 215 
MET N    N N N 216 
MET CA   C N S 217 
MET C    C N N 218 
MET O    O N N 219 
MET CB   C N N 220 
MET CG   C N N 221 
MET SD   S N N 222 
MET CE   C N N 223 
MET OXT  O N N 224 
MET H    H N N 225 
MET H2   H N N 226 
MET HA   H N N 227 
MET HB2  H N N 228 
MET HB3  H N N 229 
MET HG2  H N N 230 
MET HG3  H N N 231 
MET HE1  H N N 232 
MET HE2  H N N 233 
MET HE3  H N N 234 
MET HXT  H N N 235 
PHE N    N N N 236 
PHE CA   C N S 237 
PHE C    C N N 238 
PHE O    O N N 239 
PHE CB   C N N 240 
PHE CG   C Y N 241 
PHE CD1  C Y N 242 
PHE CD2  C Y N 243 
PHE CE1  C Y N 244 
PHE CE2  C Y N 245 
PHE CZ   C Y N 246 
PHE OXT  O N N 247 
PHE H    H N N 248 
PHE H2   H N N 249 
PHE HA   H N N 250 
PHE HB2  H N N 251 
PHE HB3  H N N 252 
PHE HD1  H N N 253 
PHE HD2  H N N 254 
PHE HE1  H N N 255 
PHE HE2  H N N 256 
PHE HZ   H N N 257 
PHE HXT  H N N 258 
PRO N    N N N 259 
PRO CA   C N S 260 
PRO C    C N N 261 
PRO O    O N N 262 
PRO CB   C N N 263 
PRO CG   C N N 264 
PRO CD   C N N 265 
PRO OXT  O N N 266 
PRO H    H N N 267 
PRO HA   H N N 268 
PRO HB2  H N N 269 
PRO HB3  H N N 270 
PRO HG2  H N N 271 
PRO HG3  H N N 272 
PRO HD2  H N N 273 
PRO HD3  H N N 274 
PRO HXT  H N N 275 
SER N    N N N 276 
SER CA   C N S 277 
SER C    C N N 278 
SER O    O N N 279 
SER CB   C N N 280 
SER OG   O N N 281 
SER OXT  O N N 282 
SER H    H N N 283 
SER H2   H N N 284 
SER HA   H N N 285 
SER HB2  H N N 286 
SER HB3  H N N 287 
SER HG   H N N 288 
SER HXT  H N N 289 
THR N    N N N 290 
THR CA   C N S 291 
THR C    C N N 292 
THR O    O N N 293 
THR CB   C N R 294 
THR OG1  O N N 295 
THR CG2  C N N 296 
THR OXT  O N N 297 
THR H    H N N 298 
THR H2   H N N 299 
THR HA   H N N 300 
THR HB   H N N 301 
THR HG1  H N N 302 
THR HG21 H N N 303 
THR HG22 H N N 304 
THR HG23 H N N 305 
THR HXT  H N N 306 
TRP N    N N N 307 
TRP CA   C N S 308 
TRP C    C N N 309 
TRP O    O N N 310 
TRP CB   C N N 311 
TRP CG   C Y N 312 
TRP CD1  C Y N 313 
TRP CD2  C Y N 314 
TRP NE1  N Y N 315 
TRP CE2  C Y N 316 
TRP CE3  C Y N 317 
TRP CZ2  C Y N 318 
TRP CZ3  C Y N 319 
TRP CH2  C Y N 320 
TRP OXT  O N N 321 
TRP H    H N N 322 
TRP H2   H N N 323 
TRP HA   H N N 324 
TRP HB2  H N N 325 
TRP HB3  H N N 326 
TRP HD1  H N N 327 
TRP HE1  H N N 328 
TRP HE3  H N N 329 
TRP HZ2  H N N 330 
TRP HZ3  H N N 331 
TRP HH2  H N N 332 
TRP HXT  H N N 333 
TYR N    N N N 334 
TYR CA   C N S 335 
TYR C    C N N 336 
TYR O    O N N 337 
TYR CB   C N N 338 
TYR CG   C Y N 339 
TYR CD1  C Y N 340 
TYR CD2  C Y N 341 
TYR CE1  C Y N 342 
TYR CE2  C Y N 343 
TYR CZ   C Y N 344 
TYR OH   O N N 345 
TYR OXT  O N N 346 
TYR H    H N N 347 
TYR H2   H N N 348 
TYR HA   H N N 349 
TYR HB2  H N N 350 
TYR HB3  H N N 351 
TYR HD1  H N N 352 
TYR HD2  H N N 353 
TYR HE1  H N N 354 
TYR HE2  H N N 355 
TYR HH   H N N 356 
TYR HXT  H N N 357 
VAL N    N N N 358 
VAL CA   C N S 359 
VAL C    C N N 360 
VAL O    O N N 361 
VAL CB   C N N 362 
VAL CG1  C N N 363 
VAL CG2  C N N 364 
VAL OXT  O N N 365 
VAL H    H N N 366 
VAL H2   H N N 367 
VAL HA   H N N 368 
VAL HB   H N N 369 
VAL HG11 H N N 370 
VAL HG12 H N N 371 
VAL HG13 H N N 372 
VAL HG21 H N N 373 
VAL HG22 H N N 374 
VAL HG23 H N N 375 
VAL HXT  H N N 376 
# 
loop_
_chem_comp_bond.comp_id 
_chem_comp_bond.atom_id_1 
_chem_comp_bond.atom_id_2 
_chem_comp_bond.value_order 
_chem_comp_bond.pdbx_aromatic_flag 
_chem_comp_bond.pdbx_stereo_config 
_chem_comp_bond.pdbx_ordinal 
ALA N   CA   sing N N 1   
ALA N   H    sing N N 2   
ALA N   H2   sing N N 3   
ALA CA  C    sing N N 4   
ALA CA  CB   sing N N 5   
ALA CA  HA   sing N N 6   
ALA C   O    doub N N 7   
ALA C   OXT  sing N N 8   
ALA CB  HB1  sing N N 9   
ALA CB  HB2  sing N N 10  
ALA CB  HB3  sing N N 11  
ALA OXT HXT  sing N N 12  
ARG N   CA   sing N N 13  
ARG N   H    sing N N 14  
ARG N   H2   sing N N 15  
ARG CA  C    sing N N 16  
ARG CA  CB   sing N N 17  
ARG CA  HA   sing N N 18  
ARG C   O    doub N N 19  
ARG C   OXT  sing N N 20  
ARG CB  CG   sing N N 21  
ARG CB  HB2  sing N N 22  
ARG CB  HB3  sing N N 23  
ARG CG  CD   sing N N 24  
ARG CG  HG2  sing N N 25  
ARG CG  HG3  sing N N 26  
ARG CD  NE   sing N N 27  
ARG CD  HD2  sing N N 28  
ARG CD  HD3  sing N N 29  
ARG NE  CZ   sing N N 30  
ARG NE  HE   sing N N 31  
ARG CZ  NH1  sing N N 32  
ARG CZ  NH2  doub N N 33  
ARG NH1 HH11 sing N N 34  
ARG NH1 HH12 sing N N 35  
ARG NH2 HH21 sing N N 36  
ARG NH2 HH22 sing N N 37  
ARG OXT HXT  sing N N 38  
ASN N   CA   sing N N 39  
ASN N   H    sing N N 40  
ASN N   H2   sing N N 41  
ASN CA  C    sing N N 42  
ASN CA  CB   sing N N 43  
ASN CA  HA   sing N N 44  
ASN C   O    doub N N 45  
ASN C   OXT  sing N N 46  
ASN CB  CG   sing N N 47  
ASN CB  HB2  sing N N 48  
ASN CB  HB3  sing N N 49  
ASN CG  OD1  doub N N 50  
ASN CG  ND2  sing N N 51  
ASN ND2 HD21 sing N N 52  
ASN ND2 HD22 sing N N 53  
ASN OXT HXT  sing N N 54  
ASP N   CA   sing N N 55  
ASP N   H    sing N N 56  
ASP N   H2   sing N N 57  
ASP CA  C    sing N N 58  
ASP CA  CB   sing N N 59  
ASP CA  HA   sing N N 60  
ASP C   O    doub N N 61  
ASP C   OXT  sing N N 62  
ASP CB  CG   sing N N 63  
ASP CB  HB2  sing N N 64  
ASP CB  HB3  sing N N 65  
ASP CG  OD1  doub N N 66  
ASP CG  OD2  sing N N 67  
ASP OD2 HD2  sing N N 68  
ASP OXT HXT  sing N N 69  
GLN N   CA   sing N N 70  
GLN N   H    sing N N 71  
GLN N   H2   sing N N 72  
GLN CA  C    sing N N 73  
GLN CA  CB   sing N N 74  
GLN CA  HA   sing N N 75  
GLN C   O    doub N N 76  
GLN C   OXT  sing N N 77  
GLN CB  CG   sing N N 78  
GLN CB  HB2  sing N N 79  
GLN CB  HB3  sing N N 80  
GLN CG  CD   sing N N 81  
GLN CG  HG2  sing N N 82  
GLN CG  HG3  sing N N 83  
GLN CD  OE1  doub N N 84  
GLN CD  NE2  sing N N 85  
GLN NE2 HE21 sing N N 86  
GLN NE2 HE22 sing N N 87  
GLN OXT HXT  sing N N 88  
GLU N   CA   sing N N 89  
GLU N   H    sing N N 90  
GLU N   H2   sing N N 91  
GLU CA  C    sing N N 92  
GLU CA  CB   sing N N 93  
GLU CA  HA   sing N N 94  
GLU C   O    doub N N 95  
GLU C   OXT  sing N N 96  
GLU CB  CG   sing N N 97  
GLU CB  HB2  sing N N 98  
GLU CB  HB3  sing N N 99  
GLU CG  CD   sing N N 100 
GLU CG  HG2  sing N N 101 
GLU CG  HG3  sing N N 102 
GLU CD  OE1  doub N N 103 
GLU CD  OE2  sing N N 104 
GLU OE2 HE2  sing N N 105 
GLU OXT HXT  sing N N 106 
GLY N   CA   sing N N 107 
GLY N   H    sing N N 108 
GLY N   H2   sing N N 109 
GLY CA  C    sing N N 110 
GLY CA  HA2  sing N N 111 
GLY CA  HA3  sing N N 112 
GLY C   O    doub N N 113 
GLY C   OXT  sing N N 114 
GLY OXT HXT  sing N N 115 
HIS N   CA   sing N N 116 
HIS N   H    sing N N 117 
HIS N   H2   sing N N 118 
HIS CA  C    sing N N 119 
HIS CA  CB   sing N N 120 
HIS CA  HA   sing N N 121 
HIS C   O    doub N N 122 
HIS C   OXT  sing N N 123 
HIS CB  CG   sing N N 124 
HIS CB  HB2  sing N N 125 
HIS CB  HB3  sing N N 126 
HIS CG  ND1  sing Y N 127 
HIS CG  CD2  doub Y N 128 
HIS ND1 CE1  doub Y N 129 
HIS ND1 HD1  sing N N 130 
HIS CD2 NE2  sing Y N 131 
HIS CD2 HD2  sing N N 132 
HIS CE1 NE2  sing Y N 133 
HIS CE1 HE1  sing N N 134 
HIS NE2 HE2  sing N N 135 
HIS OXT HXT  sing N N 136 
HOH O   H1   sing N N 137 
HOH O   H2   sing N N 138 
ILE N   CA   sing N N 139 
ILE N   H    sing N N 140 
ILE N   H2   sing N N 141 
ILE CA  C    sing N N 142 
ILE CA  CB   sing N N 143 
ILE CA  HA   sing N N 144 
ILE C   O    doub N N 145 
ILE C   OXT  sing N N 146 
ILE CB  CG1  sing N N 147 
ILE CB  CG2  sing N N 148 
ILE CB  HB   sing N N 149 
ILE CG1 CD1  sing N N 150 
ILE CG1 HG12 sing N N 151 
ILE CG1 HG13 sing N N 152 
ILE CG2 HG21 sing N N 153 
ILE CG2 HG22 sing N N 154 
ILE CG2 HG23 sing N N 155 
ILE CD1 HD11 sing N N 156 
ILE CD1 HD12 sing N N 157 
ILE CD1 HD13 sing N N 158 
ILE OXT HXT  sing N N 159 
LEU N   CA   sing N N 160 
LEU N   H    sing N N 161 
LEU N   H2   sing N N 162 
LEU CA  C    sing N N 163 
LEU CA  CB   sing N N 164 
LEU CA  HA   sing N N 165 
LEU C   O    doub N N 166 
LEU C   OXT  sing N N 167 
LEU CB  CG   sing N N 168 
LEU CB  HB2  sing N N 169 
LEU CB  HB3  sing N N 170 
LEU CG  CD1  sing N N 171 
LEU CG  CD2  sing N N 172 
LEU CG  HG   sing N N 173 
LEU CD1 HD11 sing N N 174 
LEU CD1 HD12 sing N N 175 
LEU CD1 HD13 sing N N 176 
LEU CD2 HD21 sing N N 177 
LEU CD2 HD22 sing N N 178 
LEU CD2 HD23 sing N N 179 
LEU OXT HXT  sing N N 180 
LYS N   CA   sing N N 181 
LYS N   H    sing N N 182 
LYS N   H2   sing N N 183 
LYS CA  C    sing N N 184 
LYS CA  CB   sing N N 185 
LYS CA  HA   sing N N 186 
LYS C   O    doub N N 187 
LYS C   OXT  sing N N 188 
LYS CB  CG   sing N N 189 
LYS CB  HB2  sing N N 190 
LYS CB  HB3  sing N N 191 
LYS CG  CD   sing N N 192 
LYS CG  HG2  sing N N 193 
LYS CG  HG3  sing N N 194 
LYS CD  CE   sing N N 195 
LYS CD  HD2  sing N N 196 
LYS CD  HD3  sing N N 197 
LYS CE  NZ   sing N N 198 
LYS CE  HE2  sing N N 199 
LYS CE  HE3  sing N N 200 
LYS NZ  HZ1  sing N N 201 
LYS NZ  HZ2  sing N N 202 
LYS NZ  HZ3  sing N N 203 
LYS OXT HXT  sing N N 204 
MET N   CA   sing N N 205 
MET N   H    sing N N 206 
MET N   H2   sing N N 207 
MET CA  C    sing N N 208 
MET CA  CB   sing N N 209 
MET CA  HA   sing N N 210 
MET C   O    doub N N 211 
MET C   OXT  sing N N 212 
MET CB  CG   sing N N 213 
MET CB  HB2  sing N N 214 
MET CB  HB3  sing N N 215 
MET CG  SD   sing N N 216 
MET CG  HG2  sing N N 217 
MET CG  HG3  sing N N 218 
MET SD  CE   sing N N 219 
MET CE  HE1  sing N N 220 
MET CE  HE2  sing N N 221 
MET CE  HE3  sing N N 222 
MET OXT HXT  sing N N 223 
PHE N   CA   sing N N 224 
PHE N   H    sing N N 225 
PHE N   H2   sing N N 226 
PHE CA  C    sing N N 227 
PHE CA  CB   sing N N 228 
PHE CA  HA   sing N N 229 
PHE C   O    doub N N 230 
PHE C   OXT  sing N N 231 
PHE CB  CG   sing N N 232 
PHE CB  HB2  sing N N 233 
PHE CB  HB3  sing N N 234 
PHE CG  CD1  doub Y N 235 
PHE CG  CD2  sing Y N 236 
PHE CD1 CE1  sing Y N 237 
PHE CD1 HD1  sing N N 238 
PHE CD2 CE2  doub Y N 239 
PHE CD2 HD2  sing N N 240 
PHE CE1 CZ   doub Y N 241 
PHE CE1 HE1  sing N N 242 
PHE CE2 CZ   sing Y N 243 
PHE CE2 HE2  sing N N 244 
PHE CZ  HZ   sing N N 245 
PHE OXT HXT  sing N N 246 
PRO N   CA   sing N N 247 
PRO N   CD   sing N N 248 
PRO N   H    sing N N 249 
PRO CA  C    sing N N 250 
PRO CA  CB   sing N N 251 
PRO CA  HA   sing N N 252 
PRO C   O    doub N N 253 
PRO C   OXT  sing N N 254 
PRO CB  CG   sing N N 255 
PRO CB  HB2  sing N N 256 
PRO CB  HB3  sing N N 257 
PRO CG  CD   sing N N 258 
PRO CG  HG2  sing N N 259 
PRO CG  HG3  sing N N 260 
PRO CD  HD2  sing N N 261 
PRO CD  HD3  sing N N 262 
PRO OXT HXT  sing N N 263 
SER N   CA   sing N N 264 
SER N   H    sing N N 265 
SER N   H2   sing N N 266 
SER CA  C    sing N N 267 
SER CA  CB   sing N N 268 
SER CA  HA   sing N N 269 
SER C   O    doub N N 270 
SER C   OXT  sing N N 271 
SER CB  OG   sing N N 272 
SER CB  HB2  sing N N 273 
SER CB  HB3  sing N N 274 
SER OG  HG   sing N N 275 
SER OXT HXT  sing N N 276 
THR N   CA   sing N N 277 
THR N   H    sing N N 278 
THR N   H2   sing N N 279 
THR CA  C    sing N N 280 
THR CA  CB   sing N N 281 
THR CA  HA   sing N N 282 
THR C   O    doub N N 283 
THR C   OXT  sing N N 284 
THR CB  OG1  sing N N 285 
THR CB  CG2  sing N N 286 
THR CB  HB   sing N N 287 
THR OG1 HG1  sing N N 288 
THR CG2 HG21 sing N N 289 
THR CG2 HG22 sing N N 290 
THR CG2 HG23 sing N N 291 
THR OXT HXT  sing N N 292 
TRP N   CA   sing N N 293 
TRP N   H    sing N N 294 
TRP N   H2   sing N N 295 
TRP CA  C    sing N N 296 
TRP CA  CB   sing N N 297 
TRP CA  HA   sing N N 298 
TRP C   O    doub N N 299 
TRP C   OXT  sing N N 300 
TRP CB  CG   sing N N 301 
TRP CB  HB2  sing N N 302 
TRP CB  HB3  sing N N 303 
TRP CG  CD1  doub Y N 304 
TRP CG  CD2  sing Y N 305 
TRP CD1 NE1  sing Y N 306 
TRP CD1 HD1  sing N N 307 
TRP CD2 CE2  doub Y N 308 
TRP CD2 CE3  sing Y N 309 
TRP NE1 CE2  sing Y N 310 
TRP NE1 HE1  sing N N 311 
TRP CE2 CZ2  sing Y N 312 
TRP CE3 CZ3  doub Y N 313 
TRP CE3 HE3  sing N N 314 
TRP CZ2 CH2  doub Y N 315 
TRP CZ2 HZ2  sing N N 316 
TRP CZ3 CH2  sing Y N 317 
TRP CZ3 HZ3  sing N N 318 
TRP CH2 HH2  sing N N 319 
TRP OXT HXT  sing N N 320 
TYR N   CA   sing N N 321 
TYR N   H    sing N N 322 
TYR N   H2   sing N N 323 
TYR CA  C    sing N N 324 
TYR CA  CB   sing N N 325 
TYR CA  HA   sing N N 326 
TYR C   O    doub N N 327 
TYR C   OXT  sing N N 328 
TYR CB  CG   sing N N 329 
TYR CB  HB2  sing N N 330 
TYR CB  HB3  sing N N 331 
TYR CG  CD1  doub Y N 332 
TYR CG  CD2  sing Y N 333 
TYR CD1 CE1  sing Y N 334 
TYR CD1 HD1  sing N N 335 
TYR CD2 CE2  doub Y N 336 
TYR CD2 HD2  sing N N 337 
TYR CE1 CZ   doub Y N 338 
TYR CE1 HE1  sing N N 339 
TYR CE2 CZ   sing Y N 340 
TYR CE2 HE2  sing N N 341 
TYR CZ  OH   sing N N 342 
TYR OH  HH   sing N N 343 
TYR OXT HXT  sing N N 344 
VAL N   CA   sing N N 345 
VAL N   H    sing N N 346 
VAL N   H2   sing N N 347 
VAL CA  C    sing N N 348 
VAL CA  CB   sing N N 349 
VAL CA  HA   sing N N 350 
VAL C   O    doub N N 351 
VAL C   OXT  sing N N 352 
VAL CB  CG1  sing N N 353 
VAL CB  CG2  sing N N 354 
VAL CB  HB   sing N N 355 
VAL CG1 HG11 sing N N 356 
VAL CG1 HG12 sing N N 357 
VAL CG1 HG13 sing N N 358 
VAL CG2 HG21 sing N N 359 
VAL CG2 HG22 sing N N 360 
VAL CG2 HG23 sing N N 361 
VAL OXT HXT  sing N N 362 
# 
_atom_sites.entry_id                    2D1V 
_atom_sites.fract_transf_matrix[1][1]   0.00900922 
_atom_sites.fract_transf_matrix[1][2]   0.00740157 
_atom_sites.fract_transf_matrix[1][3]   -0.01848609 
_atom_sites.fract_transf_matrix[2][1]   -0.00618594 
_atom_sites.fract_transf_matrix[2][2]   -0.01163446 
_atom_sites.fract_transf_matrix[2][3]   -0.00767300 
_atom_sites.fract_transf_matrix[3][1]   -0.01031720 
_atom_sites.fract_transf_matrix[3][2]   0.00696300 
_atom_sites.fract_transf_matrix[3][3]   -0.00224021 
_atom_sites.fract_transf_vector[1]      0.220288 
_atom_sites.fract_transf_vector[2]      0.141180 
_atom_sites.fract_transf_vector[3]      0.383013 
# 
loop_
_atom_type.symbol 
C 
N 
O 
S 
# 
loop_
_atom_site.group_PDB 
_atom_site.id 
_atom_site.type_symbol 
_atom_site.label_atom_id 
_atom_site.label_alt_id 
_atom_site.label_comp_id 
_atom_site.label_asym_id 
_atom_site.label_entity_id 
_atom_site.label_seq_id 
_atom_site.pdbx_PDB_ins_code 
_atom_site.Cartn_x 
_atom_site.Cartn_y 
_atom_site.Cartn_z 
_atom_site.occupancy 
_atom_site.B_iso_or_equiv 
_atom_site.pdbx_formal_charge 
_atom_site.auth_seq_id 
_atom_site.auth_comp_id 
_atom_site.auth_asym_id 
_atom_site.auth_atom_id 
_atom_site.pdbx_PDB_model_num 
ATOM   1   N N   . SER A 1 4   ? 0.639   -1.393  19.720  1.00 115.54 ? 131 SER A N   1 
ATOM   2   C CA  . SER A 1 4   ? 1.663   -0.346  19.422  1.00 116.22 ? 131 SER A CA  1 
ATOM   3   C C   . SER A 1 4   ? 1.878   -0.173  17.913  1.00 115.72 ? 131 SER A C   1 
ATOM   4   O O   . SER A 1 4   ? 1.617   -1.094  17.133  1.00 115.79 ? 131 SER A O   1 
ATOM   5   C CB  . SER A 1 4   ? 2.991   -0.713  20.100  1.00 116.98 ? 131 SER A CB  1 
ATOM   6   O OG  . SER A 1 4   ? 3.975   0.293   19.910  1.00 117.57 ? 131 SER A OG  1 
ATOM   7   N N   . SER A 1 5   ? 2.351   1.010   17.511  1.00 114.77 ? 132 SER A N   1 
ATOM   8   C CA  . SER A 1 5   ? 2.603   1.321   16.098  1.00 113.32 ? 132 SER A CA  1 
ATOM   9   C C   . SER A 1 5   ? 3.526   2.537   15.925  1.00 111.36 ? 132 SER A C   1 
ATOM   10  O O   . SER A 1 5   ? 3.063   3.633   15.605  1.00 110.67 ? 132 SER A O   1 
ATOM   11  C CB  . SER A 1 5   ? 1.280   1.598   15.365  1.00 114.05 ? 132 SER A CB  1 
ATOM   12  O OG  . SER A 1 5   ? 0.399   0.486   15.413  1.00 114.55 ? 132 SER A OG  1 
ATOM   13  N N   . ASN A 1 6   ? 4.828   2.350   16.129  1.00 108.87 ? 133 ASN A N   1 
ATOM   14  C CA  . ASN A 1 6   ? 5.761   3.462   15.980  1.00 106.23 ? 133 ASN A CA  1 
ATOM   15  C C   . ASN A 1 6   ? 6.213   3.624   14.530  1.00 103.40 ? 133 ASN A C   1 
ATOM   16  O O   . ASN A 1 6   ? 6.121   4.721   13.972  1.00 102.74 ? 133 ASN A O   1 
ATOM   17  C CB  . ASN A 1 6   ? 6.977   3.282   16.900  1.00 107.79 ? 133 ASN A CB  1 
ATOM   18  C CG  . ASN A 1 6   ? 7.719   1.983   16.647  1.00 109.17 ? 133 ASN A CG  1 
ATOM   19  O OD1 . ASN A 1 6   ? 7.170   0.895   16.827  1.00 110.24 ? 133 ASN A OD1 1 
ATOM   20  N ND2 . ASN A 1 6   ? 8.976   2.093   16.228  1.00 109.09 ? 133 ASN A ND2 1 
ATOM   21  N N   . GLU A 1 7   ? 6.687   2.535   13.920  1.00 98.97  ? 134 GLU A N   1 
ATOM   22  C CA  . GLU A 1 7   ? 7.144   2.577   12.534  1.00 94.30  ? 134 GLU A CA  1 
ATOM   23  C C   . GLU A 1 7   ? 7.510   1.212   11.964  1.00 90.45  ? 134 GLU A C   1 
ATOM   24  O O   . GLU A 1 7   ? 8.091   0.374   12.645  1.00 89.83  ? 134 GLU A O   1 
ATOM   25  C CB  . GLU A 1 7   ? 8.347   3.518   12.402  1.00 94.85  ? 134 GLU A CB  1 
ATOM   26  C CG  . GLU A 1 7   ? 9.614   3.049   13.102  1.00 96.62  ? 134 GLU A CG  1 
ATOM   27  C CD  . GLU A 1 7   ? 10.633  4.174   13.271  1.00 97.42  ? 134 GLU A CD  1 
ATOM   28  O OE1 . GLU A 1 7   ? 10.360  5.104   14.062  1.00 96.92  ? 134 GLU A OE1 1 
ATOM   29  O OE2 . GLU A 1 7   ? 11.699  4.134   12.614  1.00 96.57  ? 134 GLU A OE2 1 
ATOM   30  N N   . ILE A 1 8   ? 7.163   1.009   10.698  1.00 86.61  ? 135 ILE A N   1 
ATOM   31  C CA  . ILE A 1 8   ? 7.441   -0.238  9.996   1.00 83.28  ? 135 ILE A CA  1 
ATOM   32  C C   . ILE A 1 8   ? 8.515   0.000   8.937   1.00 83.32  ? 135 ILE A C   1 
ATOM   33  O O   . ILE A 1 8   ? 8.524   1.037   8.272   1.00 82.80  ? 135 ILE A O   1 
ATOM   34  C CB  . ILE A 1 8   ? 6.178   -0.766  9.282   1.00 80.87  ? 135 ILE A CB  1 
ATOM   35  C CG1 . ILE A 1 8   ? 5.052   -0.958  10.294  1.00 77.52  ? 135 ILE A CG1 1 
ATOM   36  C CG2 . ILE A 1 8   ? 6.489   -2.062  8.551   1.00 78.31  ? 135 ILE A CG2 1 
ATOM   37  C CD1 . ILE A 1 8   ? 3.702   -1.148  9.660   1.00 76.59  ? 135 ILE A CD1 1 
ATOM   38  N N   . HIS A 1 9   ? 9.421   -0.962  8.793   1.00 82.96  ? 136 HIS A N   1 
ATOM   39  C CA  . HIS A 1 9   ? 10.498  -0.876  7.806   1.00 82.47  ? 136 HIS A CA  1 
ATOM   40  C C   . HIS A 1 9   ? 10.324  -2.003  6.798   1.00 82.31  ? 136 HIS A C   1 
ATOM   41  O O   . HIS A 1 9   ? 10.003  -3.131  7.169   1.00 82.39  ? 136 HIS A O   1 
ATOM   42  C CB  . HIS A 1 9   ? 11.872  -1.026  8.474   1.00 83.38  ? 136 HIS A CB  1 
ATOM   43  C CG  . HIS A 1 9   ? 12.351  0.202   9.189   1.00 83.70  ? 136 HIS A CG  1 
ATOM   44  N ND1 . HIS A 1 9   ? 11.651  0.791   10.219  1.00 84.17  ? 136 HIS A ND1 1 
ATOM   45  C CD2 . HIS A 1 9   ? 13.480  0.936   9.035   1.00 83.59  ? 136 HIS A CD2 1 
ATOM   46  C CE1 . HIS A 1 9   ? 12.326  1.834   10.669  1.00 83.95  ? 136 HIS A CE1 1 
ATOM   47  N NE2 . HIS A 1 9   ? 13.439  1.944   9.968   1.00 84.08  ? 136 HIS A NE2 1 
ATOM   48  N N   . ILE A 1 10  ? 10.526  -1.693  5.523   1.00 82.34  ? 137 ILE A N   1 
ATOM   49  C CA  . ILE A 1 10  ? 10.408  -2.680  4.450   1.00 81.87  ? 137 ILE A CA  1 
ATOM   50  C C   . ILE A 1 10  ? 11.444  -2.263  3.420   1.00 81.54  ? 137 ILE A C   1 
ATOM   51  O O   . ILE A 1 10  ? 11.171  -1.456  2.531   1.00 82.18  ? 137 ILE A O   1 
ATOM   52  C CB  . ILE A 1 10  ? 8.988   -2.670  3.821   1.00 82.36  ? 137 ILE A CB  1 
ATOM   53  C CG1 . ILE A 1 10  ? 7.940   -3.005  4.894   1.00 82.08  ? 137 ILE A CG1 1 
ATOM   54  C CG2 . ILE A 1 10  ? 8.911   -3.696  2.694   1.00 81.35  ? 137 ILE A CG2 1 
ATOM   55  C CD1 . ILE A 1 10  ? 6.698   -2.152  4.842   1.00 81.29  ? 137 ILE A CD1 1 
ATOM   56  N N   . GLY A 1 11  ? 12.644  -2.817  3.553   1.00 80.59  ? 138 GLY A N   1 
ATOM   57  C CA  . GLY A 1 11  ? 13.714  -2.430  2.659   1.00 78.23  ? 138 GLY A CA  1 
ATOM   58  C C   . GLY A 1 11  ? 14.054  -1.024  3.112   1.00 76.17  ? 138 GLY A C   1 
ATOM   59  O O   . GLY A 1 11  ? 14.056  -0.749  4.309   1.00 75.79  ? 138 GLY A O   1 
ATOM   60  N N   . SER A 1 12  ? 14.316  -0.132  2.168   1.00 75.13  ? 139 SER A N   1 
ATOM   61  C CA  . SER A 1 12  ? 14.641  1.251   2.488   1.00 75.04  ? 139 SER A CA  1 
ATOM   62  C C   . SER A 1 12  ? 13.371  2.102   2.629   1.00 74.29  ? 139 SER A C   1 
ATOM   63  O O   . SER A 1 12  ? 13.430  3.335   2.686   1.00 71.97  ? 139 SER A O   1 
ATOM   64  C CB  . SER A 1 12  ? 15.545  1.834   1.400   1.00 76.99  ? 139 SER A CB  1 
ATOM   65  O OG  . SER A 1 12  ? 14.995  1.619   0.108   1.00 79.04  ? 139 SER A OG  1 
ATOM   66  N N   . LEU A 1 13  ? 12.224  1.427   2.678   1.00 73.57  ? 140 LEU A N   1 
ATOM   67  C CA  . LEU A 1 13  ? 10.930  2.096   2.814   1.00 72.68  ? 140 LEU A CA  1 
ATOM   68  C C   . LEU A 1 13  ? 10.466  2.081   4.275   1.00 72.05  ? 140 LEU A C   1 
ATOM   69  O O   . LEU A 1 13  ? 10.367  1.022   4.902   1.00 70.50  ? 140 LEU A O   1 
ATOM   70  C CB  . LEU A 1 13  ? 9.890   1.401   1.923   1.00 70.70  ? 140 LEU A CB  1 
ATOM   71  C CG  . LEU A 1 13  ? 8.437   1.891   1.974   1.00 69.80  ? 140 LEU A CG  1 
ATOM   72  C CD1 . LEU A 1 13  ? 8.333   3.303   1.397   1.00 68.56  ? 140 LEU A CD1 1 
ATOM   73  C CD2 . LEU A 1 13  ? 7.550   0.917   1.203   1.00 66.55  ? 140 LEU A CD2 1 
ATOM   74  N N   . VAL A 1 14  ? 10.171  3.258   4.812   1.00 72.56  ? 141 VAL A N   1 
ATOM   75  C CA  . VAL A 1 14  ? 9.736   3.347   6.200   1.00 74.16  ? 141 VAL A CA  1 
ATOM   76  C C   . VAL A 1 14  ? 8.327   3.908   6.359   1.00 73.97  ? 141 VAL A C   1 
ATOM   77  O O   . VAL A 1 14  ? 7.972   4.899   5.721   1.00 73.44  ? 141 VAL A O   1 
ATOM   78  C CB  . VAL A 1 14  ? 10.692  4.227   7.027   1.00 74.38  ? 141 VAL A CB  1 
ATOM   79  C CG1 . VAL A 1 14  ? 10.533  3.891   8.494   1.00 74.66  ? 141 VAL A CG1 1 
ATOM   80  C CG2 . VAL A 1 14  ? 12.131  4.025   6.574   1.00 73.66  ? 141 VAL A CG2 1 
ATOM   81  N N   . ILE A 1 15  ? 7.537   3.265   7.216   1.00 75.15  ? 142 ILE A N   1 
ATOM   82  C CA  . ILE A 1 15  ? 6.161   3.693   7.483   1.00 77.30  ? 142 ILE A CA  1 
ATOM   83  C C   . ILE A 1 15  ? 6.012   4.111   8.945   1.00 76.70  ? 142 ILE A C   1 
ATOM   84  O O   . ILE A 1 15  ? 6.301   3.320   9.843   1.00 75.29  ? 142 ILE A O   1 
ATOM   85  C CB  . ILE A 1 15  ? 5.118   2.554   7.248   1.00 78.86  ? 142 ILE A CB  1 
ATOM   86  C CG1 . ILE A 1 15  ? 5.294   1.916   5.863   1.00 80.54  ? 142 ILE A CG1 1 
ATOM   87  C CG2 . ILE A 1 15  ? 3.704   3.116   7.400   1.00 78.10  ? 142 ILE A CG2 1 
ATOM   88  C CD1 . ILE A 1 15  ? 5.060   2.855   4.707   1.00 82.61  ? 142 ILE A CD1 1 
ATOM   89  N N   . PHE A 1 16  ? 5.559   5.343   9.177   1.00 77.07  ? 143 PHE A N   1 
ATOM   90  C CA  . PHE A 1 16  ? 5.336   5.847   10.538  1.00 76.60  ? 143 PHE A CA  1 
ATOM   91  C C   . PHE A 1 16  ? 3.840   6.073   10.728  1.00 75.08  ? 143 PHE A C   1 
ATOM   92  O O   . PHE A 1 16  ? 3.332   7.176   10.526  1.00 73.41  ? 143 PHE A O   1 
ATOM   93  C CB  . PHE A 1 16  ? 6.077   7.165   10.774  1.00 77.83  ? 143 PHE A CB  1 
ATOM   94  C CG  . PHE A 1 16  ? 7.559   7.084   10.544  1.00 80.69  ? 143 PHE A CG  1 
ATOM   95  C CD1 . PHE A 1 16  ? 8.074   6.976   9.252   1.00 81.89  ? 143 PHE A CD1 1 
ATOM   96  C CD2 . PHE A 1 16  ? 8.448   7.152   11.617  1.00 81.54  ? 143 PHE A CD2 1 
ATOM   97  C CE1 . PHE A 1 16  ? 9.452   6.937   9.032   1.00 82.72  ? 143 PHE A CE1 1 
ATOM   98  C CE2 . PHE A 1 16  ? 9.831   7.114   11.410  1.00 82.26  ? 143 PHE A CE2 1 
ATOM   99  C CZ  . PHE A 1 16  ? 10.334  7.008   10.117  1.00 81.71  ? 143 PHE A CZ  1 
ATOM   100 N N   . PRO A 1 17  ? 3.115   5.021   11.128  1.00 75.26  ? 144 PRO A N   1 
ATOM   101 C CA  . PRO A 1 17  ? 1.665   5.103   11.340  1.00 76.07  ? 144 PRO A CA  1 
ATOM   102 C C   . PRO A 1 17  ? 1.203   6.287   12.185  1.00 76.09  ? 144 PRO A C   1 
ATOM   103 O O   . PRO A 1 17  ? 0.214   6.942   11.854  1.00 75.54  ? 144 PRO A O   1 
ATOM   104 C CB  . PRO A 1 17  ? 1.330   3.749   11.972  1.00 76.55  ? 144 PRO A CB  1 
ATOM   105 C CG  . PRO A 1 17  ? 2.627   3.333   12.624  1.00 76.78  ? 144 PRO A CG  1 
ATOM   106 C CD  . PRO A 1 17  ? 3.651   3.737   11.612  1.00 74.55  ? 144 PRO A CD  1 
ATOM   107 N N   . ASP A 1 18  ? 1.931   6.566   13.262  1.00 77.70  ? 145 ASP A N   1 
ATOM   108 C CA  . ASP A 1 18  ? 1.600   7.664   14.166  1.00 78.92  ? 145 ASP A CA  1 
ATOM   109 C C   . ASP A 1 18  ? 1.645   9.018   13.498  1.00 78.60  ? 145 ASP A C   1 
ATOM   110 O O   . ASP A 1 18  ? 0.691   9.795   13.575  1.00 79.13  ? 145 ASP A O   1 
ATOM   111 C CB  . ASP A 1 18  ? 2.548   7.687   15.369  1.00 81.22  ? 145 ASP A CB  1 
ATOM   112 C CG  . ASP A 1 18  ? 2.264   6.572   16.352  1.00 83.06  ? 145 ASP A CG  1 
ATOM   113 O OD1 . ASP A 1 18  ? 1.067   6.281   16.577  1.00 83.54  ? 145 ASP A OD1 1 
ATOM   114 O OD2 . ASP A 1 18  ? 3.231   6.001   16.906  1.00 84.43  ? 145 ASP A OD2 1 
ATOM   115 N N   . ALA A 1 19  ? 2.763   9.312   12.848  1.00 77.20  ? 146 ALA A N   1 
ATOM   116 C CA  . ALA A 1 19  ? 2.905   10.591  12.182  1.00 75.82  ? 146 ALA A CA  1 
ATOM   117 C C   . ALA A 1 19  ? 2.225   10.627  10.816  1.00 74.68  ? 146 ALA A C   1 
ATOM   118 O O   . ALA A 1 19  ? 2.177   11.685  10.190  1.00 75.48  ? 146 ALA A O   1 
ATOM   119 C CB  . ALA A 1 19  ? 4.381   10.938  12.046  1.00 75.09  ? 146 ALA A CB  1 
ATOM   120 N N   . TYR A 1 20  ? 1.678   9.492   10.367  1.00 73.80  ? 147 TYR A N   1 
ATOM   121 C CA  . TYR A 1 20  ? 1.019   9.414   9.052   1.00 72.80  ? 147 TYR A CA  1 
ATOM   122 C C   . TYR A 1 20  ? 2.019   9.929   8.030   1.00 70.98  ? 147 TYR A C   1 
ATOM   123 O O   . TYR A 1 20  ? 1.723   10.838  7.250   1.00 68.64  ? 147 TYR A O   1 
ATOM   124 C CB  . TYR A 1 20  ? -0.244  10.282  9.005   1.00 76.01  ? 147 TYR A CB  1 
ATOM   125 C CG  . TYR A 1 20  ? -1.523  9.585   9.424   1.00 78.52  ? 147 TYR A CG  1 
ATOM   126 C CD1 . TYR A 1 20  ? -2.234  8.800   8.519   1.00 80.52  ? 147 TYR A CD1 1 
ATOM   127 C CD2 . TYR A 1 20  ? -2.031  9.722   10.720  1.00 79.88  ? 147 TYR A CD2 1 
ATOM   128 C CE1 . TYR A 1 20  ? -3.426  8.166   8.883   1.00 81.72  ? 147 TYR A CE1 1 
ATOM   129 C CE2 . TYR A 1 20  ? -3.223  9.093   11.100  1.00 81.19  ? 147 TYR A CE2 1 
ATOM   130 C CZ  . TYR A 1 20  ? -3.916  8.316   10.174  1.00 82.20  ? 147 TYR A CZ  1 
ATOM   131 O OH  . TYR A 1 20  ? -5.103  7.702   10.517  1.00 82.00  ? 147 TYR A OH  1 
ATOM   132 N N   . VAL A 1 21  ? 3.209   9.327   8.065   1.00 69.16  ? 148 VAL A N   1 
ATOM   133 C CA  . VAL A 1 21  ? 4.326   9.684   7.197   1.00 65.83  ? 148 VAL A CA  1 
ATOM   134 C C   . VAL A 1 21  ? 4.973   8.451   6.554   1.00 63.95  ? 148 VAL A C   1 
ATOM   135 O O   . VAL A 1 21  ? 4.965   7.361   7.135   1.00 61.32  ? 148 VAL A O   1 
ATOM   136 C CB  . VAL A 1 21  ? 5.408   10.432  8.023   1.00 67.22  ? 148 VAL A CB  1 
ATOM   137 C CG1 . VAL A 1 21  ? 6.692   10.609  7.202   1.00 66.40  ? 148 VAL A CG1 1 
ATOM   138 C CG2 . VAL A 1 21  ? 4.867   11.781  8.481   1.00 65.17  ? 148 VAL A CG2 1 
ATOM   139 N N   . VAL A 1 22  ? 5.521   8.633   5.352   1.00 61.82  ? 149 VAL A N   1 
ATOM   140 C CA  . VAL A 1 22  ? 6.214   7.553   4.652   1.00 60.93  ? 149 VAL A CA  1 
ATOM   141 C C   . VAL A 1 22  ? 7.502   8.103   4.045   1.00 60.92  ? 149 VAL A C   1 
ATOM   142 O O   . VAL A 1 22  ? 7.557   9.258   3.617   1.00 58.05  ? 149 VAL A O   1 
ATOM   143 C CB  . VAL A 1 22  ? 5.344   6.907   3.517   1.00 59.26  ? 149 VAL A CB  1 
ATOM   144 C CG1 . VAL A 1 22  ? 6.116   5.779   2.835   1.00 55.71  ? 149 VAL A CG1 1 
ATOM   145 C CG2 . VAL A 1 22  ? 4.063   6.339   4.097   1.00 58.71  ? 149 VAL A CG2 1 
ATOM   146 N N   . SER A 1 23  ? 8.546   7.280   4.046   1.00 62.74  ? 150 SER A N   1 
ATOM   147 C CA  . SER A 1 23  ? 9.826   7.678   3.474   1.00 65.34  ? 150 SER A CA  1 
ATOM   148 C C   . SER A 1 23  ? 10.450  6.493   2.783   1.00 66.55  ? 150 SER A C   1 
ATOM   149 O O   . SER A 1 23  ? 10.286  5.350   3.206   1.00 65.66  ? 150 SER A O   1 
ATOM   150 C CB  . SER A 1 23  ? 10.796  8.180   4.552   1.00 65.54  ? 150 SER A CB  1 
ATOM   151 O OG  . SER A 1 23  ? 11.231  7.122   5.388   1.00 65.44  ? 150 SER A OG  1 
ATOM   152 N N   . LYS A 1 24  ? 11.147  6.775   1.695   1.00 69.61  ? 151 LYS A N   1 
ATOM   153 C CA  . LYS A 1 24  ? 11.840  5.745   0.944   1.00 72.97  ? 151 LYS A CA  1 
ATOM   154 C C   . LYS A 1 24  ? 13.261  6.236   0.859   1.00 74.59  ? 151 LYS A C   1 
ATOM   155 O O   . LYS A 1 24  ? 13.498  7.379   0.467   1.00 74.09  ? 151 LYS A O   1 
ATOM   156 C CB  . LYS A 1 24  ? 11.278  5.593   -0.482  1.00 72.99  ? 151 LYS A CB  1 
ATOM   157 C CG  . LYS A 1 24  ? 12.141  4.678   -1.375  1.00 73.55  ? 151 LYS A CG  1 
ATOM   158 C CD  . LYS A 1 24  ? 11.593  4.501   -2.794  1.00 74.15  ? 151 LYS A CD  1 
ATOM   159 C CE  . LYS A 1 24  ? 11.694  5.777   -3.617  1.00 71.92  ? 151 LYS A CE  1 
ATOM   160 N NZ  . LYS A 1 24  ? 11.159  5.615   -4.998  1.00 68.47  ? 151 LYS A NZ  1 
ATOM   161 N N   . ARG A 1 25  ? 14.210  5.399   1.258   1.00 77.53  ? 152 ARG A N   1 
ATOM   162 C CA  . ARG A 1 25  ? 15.597  5.811   1.154   1.00 79.13  ? 152 ARG A CA  1 
ATOM   163 C C   . ARG A 1 25  ? 15.766  7.131   1.931   1.00 81.38  ? 152 ARG A C   1 
ATOM   164 O O   . ARG A 1 25  ? 16.619  7.959   1.600   1.00 82.80  ? 152 ARG A O   1 
ATOM   165 C CB  . ARG A 1 25  ? 15.888  6.003   -0.331  1.00 76.61  ? 152 ARG A CB  1 
ATOM   166 C CG  . ARG A 1 25  ? 17.284  5.781   -0.795  1.00 74.89  ? 152 ARG A CG  1 
ATOM   167 C CD  . ARG A 1 25  ? 17.235  5.689   -2.305  1.00 72.21  ? 152 ARG A CD  1 
ATOM   168 N NE  . ARG A 1 25  ? 16.649  4.417   -2.722  1.00 69.97  ? 152 ARG A NE  1 
ATOM   169 C CZ  . ARG A 1 25  ? 15.859  4.255   -3.783  1.00 67.43  ? 152 ARG A CZ  1 
ATOM   170 N NH1 . ARG A 1 25  ? 15.390  3.043   -4.073  1.00 68.11  ? 152 ARG A NH1 1 
ATOM   171 N NH2 . ARG A 1 25  ? 15.515  5.296   -4.535  1.00 60.93  ? 152 ARG A NH2 1 
ATOM   172 N N   . ASP A 1 26  ? 14.926  7.322   2.946   1.00 81.90  ? 153 ASP A N   1 
ATOM   173 C CA  . ASP A 1 26  ? 14.952  8.510   3.797   1.00 82.90  ? 153 ASP A CA  1 
ATOM   174 C C   . ASP A 1 26  ? 14.222  9.738   3.261   1.00 82.56  ? 153 ASP A C   1 
ATOM   175 O O   . ASP A 1 26  ? 14.013  10.701  3.998   1.00 81.79  ? 153 ASP A O   1 
ATOM   176 C CB  . ASP A 1 26  ? 16.393  8.877   4.161   1.00 84.08  ? 153 ASP A CB  1 
ATOM   177 C CG  . ASP A 1 26  ? 17.030  7.860   5.099   1.00 86.72  ? 153 ASP A CG  1 
ATOM   178 O OD1 . ASP A 1 26  ? 16.465  7.625   6.191   1.00 86.76  ? 153 ASP A OD1 1 
ATOM   179 O OD2 . ASP A 1 26  ? 18.091  7.294   4.745   1.00 87.31  ? 153 ASP A OD2 1 
ATOM   180 N N   . GLU A 1 27  ? 13.833  9.707   1.989   1.00 81.58  ? 154 GLU A N   1 
ATOM   181 C CA  . GLU A 1 27  ? 13.097  10.822  1.392   1.00 81.19  ? 154 GLU A CA  1 
ATOM   182 C C   . GLU A 1 27  ? 11.624  10.671  1.774   1.00 80.24  ? 154 GLU A C   1 
ATOM   183 O O   . GLU A 1 27  ? 11.049  9.590   1.638   1.00 80.36  ? 154 GLU A O   1 
ATOM   184 C CB  . GLU A 1 27  ? 13.234  10.798  -0.129  1.00 82.29  ? 154 GLU A CB  1 
ATOM   185 C CG  . GLU A 1 27  ? 14.659  10.969  -0.613  1.00 87.64  ? 154 GLU A CG  1 
ATOM   186 C CD  . GLU A 1 27  ? 14.947  12.368  -1.140  1.00 90.22  ? 154 GLU A CD  1 
ATOM   187 O OE1 . GLU A 1 27  ? 14.530  12.669  -2.284  1.00 92.24  ? 154 GLU A OE1 1 
ATOM   188 O OE2 . GLU A 1 27  ? 15.582  13.165  -0.411  1.00 90.20  ? 154 GLU A OE2 1 
ATOM   189 N N   . THR A 1 28  ? 11.013  11.741  2.267   1.00 78.37  ? 155 THR A N   1 
ATOM   190 C CA  . THR A 1 28  ? 9.611   11.666  2.650   1.00 77.50  ? 155 THR A CA  1 
ATOM   191 C C   . THR A 1 28  ? 8.759   11.695  1.395   1.00 76.39  ? 155 THR A C   1 
ATOM   192 O O   . THR A 1 28  ? 9.075   12.408  0.440   1.00 77.28  ? 155 THR A O   1 
ATOM   193 C CB  . THR A 1 28  ? 9.208   12.834  3.581   1.00 77.31  ? 155 THR A CB  1 
ATOM   194 O OG1 . THR A 1 28  ? 9.927   14.015  3.213   1.00 78.28  ? 155 THR A OG1 1 
ATOM   195 C CG2 . THR A 1 28  ? 9.507   12.487  5.028   1.00 77.44  ? 155 THR A CG2 1 
ATOM   196 N N   . ILE A 1 29  ? 7.692   10.901  1.392   1.00 74.16  ? 156 ILE A N   1 
ATOM   197 C CA  . ILE A 1 29  ? 6.790   10.826  0.243   1.00 71.75  ? 156 ILE A CA  1 
ATOM   198 C C   . ILE A 1 29  ? 5.372   11.241  0.628   1.00 69.99  ? 156 ILE A C   1 
ATOM   199 O O   . ILE A 1 29  ? 4.732   10.606  1.477   1.00 68.37  ? 156 ILE A O   1 
ATOM   200 C CB  . ILE A 1 29  ? 6.746   9.391   -0.355  1.00 71.39  ? 156 ILE A CB  1 
ATOM   201 C CG1 . ILE A 1 29  ? 8.157   8.953   -0.764  1.00 72.76  ? 156 ILE A CG1 1 
ATOM   202 C CG2 . ILE A 1 29  ? 5.824   9.363   -1.568  1.00 70.23  ? 156 ILE A CG2 1 
ATOM   203 C CD1 . ILE A 1 29  ? 8.239   7.550   -1.337  1.00 73.70  ? 156 ILE A CD1 1 
ATOM   204 N N   . GLU A 1 30  ? 4.885   12.311  0.005   1.00 67.49  ? 157 GLU A N   1 
ATOM   205 C CA  . GLU A 1 30  ? 3.539   12.796  0.293   1.00 65.42  ? 157 GLU A CA  1 
ATOM   206 C C   . GLU A 1 30  ? 2.461   11.876  -0.287  1.00 61.07  ? 157 GLU A C   1 
ATOM   207 O O   . GLU A 1 30  ? 2.402   11.634  -1.489  1.00 58.95  ? 157 GLU A O   1 
ATOM   208 C CB  . GLU A 1 30  ? 3.337   14.224  -0.252  1.00 67.09  ? 157 GLU A CB  1 
ATOM   209 C CG  . GLU A 1 30  ? 4.272   15.282  0.323   1.00 70.23  ? 157 GLU A CG  1 
ATOM   210 C CD  . GLU A 1 30  ? 3.697   16.696  0.258   1.00 73.62  ? 157 GLU A CD  1 
ATOM   211 O OE1 . GLU A 1 30  ? 2.966   17.018  -0.708  1.00 76.16  ? 157 GLU A OE1 1 
ATOM   212 O OE2 . GLU A 1 30  ? 3.990   17.497  1.174   1.00 74.69  ? 157 GLU A OE2 1 
ATOM   213 N N   . LEU A 1 31  ? 1.605   11.370  0.588   1.00 58.68  ? 158 LEU A N   1 
ATOM   214 C CA  . LEU A 1 31  ? 0.521   10.503  0.165   1.00 56.69  ? 158 LEU A CA  1 
ATOM   215 C C   . LEU A 1 31  ? -0.820  11.081  0.587   1.00 54.57  ? 158 LEU A C   1 
ATOM   216 O O   . LEU A 1 31  ? -0.895  11.907  1.490   1.00 55.65  ? 158 LEU A O   1 
ATOM   217 C CB  . LEU A 1 31  ? 0.684   9.105   0.776   1.00 56.73  ? 158 LEU A CB  1 
ATOM   218 C CG  . LEU A 1 31  ? 1.935   8.316   0.369   1.00 57.44  ? 158 LEU A CG  1 
ATOM   219 C CD1 . LEU A 1 31  ? 1.934   6.971   1.066   1.00 53.08  ? 158 LEU A CD1 1 
ATOM   220 C CD2 . LEU A 1 31  ? 1.970   8.140   -1.154  1.00 58.69  ? 158 LEU A CD2 1 
ATOM   221 N N   . THR A 1 32  ? -1.879  10.663  -0.091  1.00 54.51  ? 159 THR A N   1 
ATOM   222 C CA  . THR A 1 32  ? -3.220  11.100  0.274   1.00 52.00  ? 159 THR A CA  1 
ATOM   223 C C   . THR A 1 32  ? -3.586  10.260  1.496   1.00 52.02  ? 159 THR A C   1 
ATOM   224 O O   . THR A 1 32  ? -2.912  9.268   1.808   1.00 50.42  ? 159 THR A O   1 
ATOM   225 C CB  . THR A 1 32  ? -4.264  10.810  -0.839  1.00 49.83  ? 159 THR A CB  1 
ATOM   226 O OG1 . THR A 1 32  ? -4.428  9.395   -0.994  1.00 49.73  ? 159 THR A OG1 1 
ATOM   227 C CG2 . THR A 1 32  ? -3.823  11.412  -2.164  1.00 49.01  ? 159 THR A CG2 1 
ATOM   228 N N   . HIS A 1 33  ? -4.640  10.665  2.193   1.00 53.74  ? 160 HIS A N   1 
ATOM   229 C CA  . HIS A 1 33  ? -5.101  9.922   3.352   1.00 53.06  ? 160 HIS A CA  1 
ATOM   230 C C   . HIS A 1 33  ? -5.388  8.484   2.915   1.00 53.09  ? 160 HIS A C   1 
ATOM   231 O O   . HIS A 1 33  ? -4.896  7.536   3.526   1.00 53.90  ? 160 HIS A O   1 
ATOM   232 C CB  . HIS A 1 33  ? -6.373  10.554  3.921   1.00 55.96  ? 160 HIS A CB  1 
ATOM   233 C CG  . HIS A 1 33  ? -7.015  9.735   4.999   1.00 58.10  ? 160 HIS A CG  1 
ATOM   234 N ND1 . HIS A 1 33  ? -6.533  9.693   6.290   1.00 57.49  ? 160 HIS A ND1 1 
ATOM   235 C CD2 . HIS A 1 33  ? -8.055  8.869   4.956   1.00 56.27  ? 160 HIS A CD2 1 
ATOM   236 C CE1 . HIS A 1 33  ? -7.248  8.835   6.995   1.00 57.75  ? 160 HIS A CE1 1 
ATOM   237 N NE2 . HIS A 1 33  ? -8.177  8.321   6.209   1.00 57.53  ? 160 HIS A NE2 1 
ATOM   238 N N   . ARG A 1 34  ? -6.188  8.335   1.861   1.00 51.78  ? 161 ARG A N   1 
ATOM   239 C CA  . ARG A 1 34  ? -6.529  7.023   1.310   1.00 54.16  ? 161 ARG A CA  1 
ATOM   240 C C   . ARG A 1 34  ? -5.283  6.204   0.952   1.00 55.07  ? 161 ARG A C   1 
ATOM   241 O O   . ARG A 1 34  ? -5.172  5.030   1.304   1.00 54.90  ? 161 ARG A O   1 
ATOM   242 C CB  . ARG A 1 34  ? -7.356  7.184   0.032   1.00 55.38  ? 161 ARG A CB  1 
ATOM   243 C CG  . ARG A 1 34  ? -8.842  7.280   0.197   1.00 58.61  ? 161 ARG A CG  1 
ATOM   244 C CD  . ARG A 1 34  ? -9.434  5.920   0.465   1.00 59.40  ? 161 ARG A CD  1 
ATOM   245 N NE  . ARG A 1 34  ? -9.586  5.644   1.886   1.00 62.76  ? 161 ARG A NE  1 
ATOM   246 C CZ  . ARG A 1 34  ? -10.479 6.235   2.676   1.00 64.08  ? 161 ARG A CZ  1 
ATOM   247 N NH1 . ARG A 1 34  ? -11.306 7.143   2.175   1.00 66.14  ? 161 ARG A NH1 1 
ATOM   248 N NH2 . ARG A 1 34  ? -10.550 5.912   3.967   1.00 63.56  ? 161 ARG A NH2 1 
ATOM   249 N N   . GLU A 1 35  ? -4.363  6.827   0.222   1.00 53.71  ? 162 GLU A N   1 
ATOM   250 C CA  . GLU A 1 35  ? -3.150  6.153   -0.196  1.00 54.30  ? 162 GLU A CA  1 
ATOM   251 C C   . GLU A 1 35  ? -2.393  5.597   0.985   1.00 54.34  ? 162 GLU A C   1 
ATOM   252 O O   . GLU A 1 35  ? -1.994  4.434   0.967   1.00 51.72  ? 162 GLU A O   1 
ATOM   253 C CB  . GLU A 1 35  ? -2.272  7.107   -0.996  1.00 53.92  ? 162 GLU A CB  1 
ATOM   254 C CG  . GLU A 1 35  ? -2.771  7.285   -2.408  1.00 53.80  ? 162 GLU A CG  1 
ATOM   255 C CD  . GLU A 1 35  ? -2.260  8.550   -3.056  1.00 54.17  ? 162 GLU A CD  1 
ATOM   256 O OE1 . GLU A 1 35  ? -2.708  8.857   -4.180  1.00 54.24  ? 162 GLU A OE1 1 
ATOM   257 O OE2 . GLU A 1 35  ? -1.419  9.240   -2.442  1.00 53.10  ? 162 GLU A OE2 1 
ATOM   258 N N   . PHE A 1 36  ? -2.201  6.425   2.010   1.00 55.85  ? 163 PHE A N   1 
ATOM   259 C CA  . PHE A 1 36  ? -1.505  5.996   3.220   1.00 56.26  ? 163 PHE A CA  1 
ATOM   260 C C   . PHE A 1 36  ? -2.252  4.824   3.874   1.00 57.72  ? 163 PHE A C   1 
ATOM   261 O O   . PHE A 1 36  ? -1.640  3.818   4.237   1.00 56.88  ? 163 PHE A O   1 
ATOM   262 C CB  . PHE A 1 36  ? -1.371  7.174   4.209   1.00 56.07  ? 163 PHE A CB  1 
ATOM   263 C CG  . PHE A 1 36  ? -0.577  6.838   5.450   1.00 55.36  ? 163 PHE A CG  1 
ATOM   264 C CD1 . PHE A 1 36  ? -1.198  6.277   6.564   1.00 55.77  ? 163 PHE A CD1 1 
ATOM   265 C CD2 . PHE A 1 36  ? 0.803   6.996   5.469   1.00 56.03  ? 163 PHE A CD2 1 
ATOM   266 C CE1 . PHE A 1 36  ? -0.462  5.872   7.670   1.00 54.65  ? 163 PHE A CE1 1 
ATOM   267 C CE2 . PHE A 1 36  ? 1.552   6.593   6.574   1.00 56.81  ? 163 PHE A CE2 1 
ATOM   268 C CZ  . PHE A 1 36  ? 0.917   6.027   7.677   1.00 56.33  ? 163 PHE A CZ  1 
ATOM   269 N N   . GLU A 1 37  ? -3.571  4.961   4.013   1.00 59.45  ? 164 GLU A N   1 
ATOM   270 C CA  . GLU A 1 37  ? -4.420  3.915   4.602   1.00 62.36  ? 164 GLU A CA  1 
ATOM   271 C C   . GLU A 1 37  ? -4.172  2.535   3.984   1.00 61.92  ? 164 GLU A C   1 
ATOM   272 O O   . GLU A 1 37  ? -4.033  1.528   4.682   1.00 63.48  ? 164 GLU A O   1 
ATOM   273 C CB  . GLU A 1 37  ? -5.897  4.261   4.398   1.00 66.64  ? 164 GLU A CB  1 
ATOM   274 C CG  . GLU A 1 37  ? -6.379  5.494   5.139   1.00 73.42  ? 164 GLU A CG  1 
ATOM   275 C CD  . GLU A 1 37  ? -6.368  5.297   6.634   1.00 75.77  ? 164 GLU A CD  1 
ATOM   276 O OE1 . GLU A 1 37  ? -5.265  5.157   7.204   1.00 78.15  ? 164 GLU A OE1 1 
ATOM   277 O OE2 . GLU A 1 37  ? -7.466  5.274   7.235   1.00 80.18  ? 164 GLU A OE2 1 
ATOM   278 N N   . LEU A 1 38  ? -4.136  2.503   2.660   1.00 60.61  ? 165 LEU A N   1 
ATOM   279 C CA  . LEU A 1 38  ? -3.932  1.274   1.908   1.00 57.43  ? 165 LEU A CA  1 
ATOM   280 C C   . LEU A 1 38  ? -2.526  0.732   2.116   1.00 57.10  ? 165 LEU A C   1 
ATOM   281 O O   . LEU A 1 38  ? -2.336  -0.432  2.481   1.00 55.25  ? 165 LEU A O   1 
ATOM   282 C CB  . LEU A 1 38  ? -4.186  1.558   0.425   1.00 55.46  ? 165 LEU A CB  1 
ATOM   283 C CG  . LEU A 1 38  ? -3.892  0.497   -0.630  1.00 53.24  ? 165 LEU A CG  1 
ATOM   284 C CD1 . LEU A 1 38  ? -4.765  -0.704  -0.413  1.00 54.59  ? 165 LEU A CD1 1 
ATOM   285 C CD2 . LEU A 1 38  ? -4.133  1.097   -1.998  1.00 55.01  ? 165 LEU A CD2 1 
ATOM   286 N N   . LEU A 1 39  ? -1.542  1.589   1.876   1.00 56.71  ? 166 LEU A N   1 
ATOM   287 C CA  . LEU A 1 39  ? -0.155  1.204   2.039   1.00 57.16  ? 166 LEU A CA  1 
ATOM   288 C C   . LEU A 1 39  ? 0.065   0.684   3.453   1.00 58.58  ? 166 LEU A C   1 
ATOM   289 O O   . LEU A 1 39  ? 0.656   -0.383  3.647   1.00 59.56  ? 166 LEU A O   1 
ATOM   290 C CB  . LEU A 1 39  ? 0.758   2.396   1.765   1.00 53.37  ? 166 LEU A CB  1 
ATOM   291 C CG  . LEU A 1 39  ? 2.226   2.101   2.034   1.00 51.03  ? 166 LEU A CG  1 
ATOM   292 C CD1 . LEU A 1 39  ? 2.676   0.912   1.202   1.00 51.24  ? 166 LEU A CD1 1 
ATOM   293 C CD2 . LEU A 1 39  ? 3.037   3.321   1.733   1.00 48.99  ? 166 LEU A CD2 1 
ATOM   294 N N   . HIS A 1 40  ? -0.432  1.438   4.430   1.00 60.05  ? 167 HIS A N   1 
ATOM   295 C CA  . HIS A 1 40  ? -0.310  1.077   5.842   1.00 61.65  ? 167 HIS A CA  1 
ATOM   296 C C   . HIS A 1 40  ? -0.958  -0.276  6.135   1.00 60.54  ? 167 HIS A C   1 
ATOM   297 O O   . HIS A 1 40  ? -0.417  -1.083  6.889   1.00 60.01  ? 167 HIS A O   1 
ATOM   298 C CB  . HIS A 1 40  ? -0.957  2.160   6.722   1.00 64.83  ? 167 HIS A CB  1 
ATOM   299 C CG  . HIS A 1 40  ? -0.818  1.914   8.194   1.00 68.53  ? 167 HIS A CG  1 
ATOM   300 N ND1 . HIS A 1 40  ? -1.597  2.557   9.131   1.00 70.12  ? 167 HIS A ND1 1 
ATOM   301 C CD2 . HIS A 1 40  ? 0.014   1.102   8.890   1.00 69.86  ? 167 HIS A CD2 1 
ATOM   302 C CE1 . HIS A 1 40  ? -1.251  2.151   10.341  1.00 71.31  ? 167 HIS A CE1 1 
ATOM   303 N NE2 . HIS A 1 40  ? -0.276  1.269   10.222  1.00 70.73  ? 167 HIS A NE2 1 
ATOM   304 N N   . TYR A 1 41  ? -2.121  -0.521  5.544   1.00 60.12  ? 168 TYR A N   1 
ATOM   305 C CA  . TYR A 1 41  ? -2.806  -1.786  5.762   1.00 61.12  ? 168 TYR A CA  1 
ATOM   306 C C   . TYR A 1 41  ? -2.048  -2.977  5.185   1.00 62.57  ? 168 TYR A C   1 
ATOM   307 O O   . TYR A 1 41  ? -2.070  -4.067  5.747   1.00 63.24  ? 168 TYR A O   1 
ATOM   308 C CB  . TYR A 1 41  ? -4.198  -1.751  5.156   1.00 60.11  ? 168 TYR A CB  1 
ATOM   309 C CG  . TYR A 1 41  ? -4.957  -3.023  5.408   1.00 61.26  ? 168 TYR A CG  1 
ATOM   310 C CD1 . TYR A 1 41  ? -5.295  -3.406  6.709   1.00 59.73  ? 168 TYR A CD1 1 
ATOM   311 C CD2 . TYR A 1 41  ? -5.328  -3.858  4.354   1.00 60.12  ? 168 TYR A CD2 1 
ATOM   312 C CE1 . TYR A 1 41  ? -5.983  -4.587  6.952   1.00 59.29  ? 168 TYR A CE1 1 
ATOM   313 C CE2 . TYR A 1 41  ? -6.016  -5.043  4.588   1.00 59.55  ? 168 TYR A CE2 1 
ATOM   314 C CZ  . TYR A 1 41  ? -6.339  -5.398  5.888   1.00 58.86  ? 168 TYR A CZ  1 
ATOM   315 O OH  . TYR A 1 41  ? -7.021  -6.557  6.123   1.00 60.37  ? 168 TYR A OH  1 
ATOM   316 N N   . LEU A 1 42  ? -1.393  -2.774  4.048   1.00 65.62  ? 169 LEU A N   1 
ATOM   317 C CA  . LEU A 1 42  ? -0.627  -3.844  3.420   1.00 67.44  ? 169 LEU A CA  1 
ATOM   318 C C   . LEU A 1 42  ? 0.652   -4.066  4.207   1.00 67.85  ? 169 LEU A C   1 
ATOM   319 O O   . LEU A 1 42  ? 1.167   -5.181  4.256   1.00 67.41  ? 169 LEU A O   1 
ATOM   320 C CB  . LEU A 1 42  ? -0.279  -3.486  1.971   1.00 67.43  ? 169 LEU A CB  1 
ATOM   321 C CG  . LEU A 1 42  ? -1.394  -3.564  0.925   1.00 67.18  ? 169 LEU A CG  1 
ATOM   322 C CD1 . LEU A 1 42  ? -0.953  -2.840  -0.346  1.00 66.64  ? 169 LEU A CD1 1 
ATOM   323 C CD2 . LEU A 1 42  ? -1.725  -5.022  0.635   1.00 66.35  ? 169 LEU A CD2 1 
ATOM   324 N N   . ALA A 1 43  ? 1.158   -2.997  4.818   1.00 68.28  ? 170 ALA A N   1 
ATOM   325 C CA  . ALA A 1 43  ? 2.380   -3.070  5.610   1.00 69.48  ? 170 ALA A CA  1 
ATOM   326 C C   . ALA A 1 43  ? 2.143   -3.771  6.947   1.00 71.37  ? 170 ALA A C   1 
ATOM   327 O O   . ALA A 1 43  ? 3.090   -4.237  7.582   1.00 72.44  ? 170 ALA A O   1 
ATOM   328 C CB  . ALA A 1 43  ? 2.946   -1.675  5.838   1.00 68.88  ? 170 ALA A CB  1 
ATOM   329 N N   . LYS A 1 44  ? 0.883   -3.831  7.382   1.00 72.14  ? 171 LYS A N   1 
ATOM   330 C CA  . LYS A 1 44  ? 0.542   -4.509  8.632   1.00 73.07  ? 171 LYS A CA  1 
ATOM   331 C C   . LYS A 1 44  ? 0.523   -6.017  8.367   1.00 74.44  ? 171 LYS A C   1 
ATOM   332 O O   . LYS A 1 44  ? 0.799   -6.817  9.262   1.00 75.12  ? 171 LYS A O   1 
ATOM   333 C CB  . LYS A 1 44  ? -0.851  -4.107  9.129   1.00 72.21  ? 171 LYS A CB  1 
ATOM   334 C CG  . LYS A 1 44  ? -1.034  -2.675  9.549   1.00 73.46  ? 171 LYS A CG  1 
ATOM   335 C CD  . LYS A 1 44  ? -2.442  -2.473  10.100  1.00 74.34  ? 171 LYS A CD  1 
ATOM   336 C CE  . LYS A 1 44  ? -2.683  -1.025  10.508  1.00 78.00  ? 171 LYS A CE  1 
ATOM   337 N NZ  . LYS A 1 44  ? -3.982  -0.819  11.224  1.00 78.10  ? 171 LYS A NZ  1 
ATOM   338 N N   . HIS A 1 45  ? 0.181   -6.388  7.133   1.00 74.52  ? 172 HIS A N   1 
ATOM   339 C CA  . HIS A 1 45  ? 0.086   -7.785  6.721   1.00 74.92  ? 172 HIS A CA  1 
ATOM   340 C C   . HIS A 1 45  ? 1.125   -8.140  5.656   1.00 75.10  ? 172 HIS A C   1 
ATOM   341 O O   . HIS A 1 45  ? 0.847   -8.911  4.737   1.00 75.14  ? 172 HIS A O   1 
ATOM   342 C CB  . HIS A 1 45  ? -1.317  -8.068  6.168   1.00 75.82  ? 172 HIS A CB  1 
ATOM   343 C CG  . HIS A 1 45  ? -2.416  -7.863  7.163   1.00 76.87  ? 172 HIS A CG  1 
ATOM   344 N ND1 . HIS A 1 45  ? -2.625  -6.663  7.806   1.00 77.30  ? 172 HIS A ND1 1 
ATOM   345 C CD2 . HIS A 1 45  ? -3.366  -8.709  7.627   1.00 77.36  ? 172 HIS A CD2 1 
ATOM   346 C CE1 . HIS A 1 45  ? -3.654  -6.777  8.627   1.00 76.64  ? 172 HIS A CE1 1 
ATOM   347 N NE2 . HIS A 1 45  ? -4.122  -8.009  8.537   1.00 77.69  ? 172 HIS A NE2 1 
ATOM   348 N N   . ILE A 1 46  ? 2.318   -7.575  5.793   1.00 75.24  ? 173 ILE A N   1 
ATOM   349 C CA  . ILE A 1 46  ? 3.410   -7.809  4.854   1.00 75.58  ? 173 ILE A CA  1 
ATOM   350 C C   . ILE A 1 46  ? 3.442   -9.210  4.247   1.00 76.18  ? 173 ILE A C   1 
ATOM   351 O O   . ILE A 1 46  ? 3.379   -10.208 4.963   1.00 77.00  ? 173 ILE A O   1 
ATOM   352 C CB  . ILE A 1 46  ? 4.761   -7.537  5.533   1.00 74.97  ? 173 ILE A CB  1 
ATOM   353 C CG1 . ILE A 1 46  ? 4.765   -6.114  6.090   1.00 75.91  ? 173 ILE A CG1 1 
ATOM   354 C CG2 . ILE A 1 46  ? 5.900   -7.717  4.536   1.00 76.10  ? 173 ILE A CG2 1 
ATOM   355 C CD1 . ILE A 1 46  ? 5.946   -5.789  6.988   1.00 77.38  ? 173 ILE A CD1 1 
ATOM   356 N N   . GLY A 1 47  ? 3.521   -9.270  2.921   1.00 76.91  ? 174 GLY A N   1 
ATOM   357 C CA  . GLY A 1 47  ? 3.596   -10.542 2.223   1.00 77.66  ? 174 GLY A CA  1 
ATOM   358 C C   . GLY A 1 47  ? 2.306   -11.309 2.045   1.00 78.72  ? 174 GLY A C   1 
ATOM   359 O O   . GLY A 1 47  ? 2.310   -12.430 1.540   1.00 79.79  ? 174 GLY A O   1 
ATOM   360 N N   . GLN A 1 48  ? 1.193   -10.717 2.451   1.00 79.66  ? 175 GLN A N   1 
ATOM   361 C CA  . GLN A 1 48  ? -0.092  -11.386 2.322   1.00 79.91  ? 175 GLN A CA  1 
ATOM   362 C C   . GLN A 1 48  ? -0.919  -10.828 1.166   1.00 78.96  ? 175 GLN A C   1 
ATOM   363 O O   . GLN A 1 48  ? -1.151  -9.624  1.074   1.00 78.40  ? 175 GLN A O   1 
ATOM   364 C CB  . GLN A 1 48  ? -0.869  -11.260 3.625   1.00 81.64  ? 175 GLN A CB  1 
ATOM   365 C CG  . GLN A 1 48  ? -2.276  -11.793 3.549   1.00 85.27  ? 175 GLN A CG  1 
ATOM   366 C CD  . GLN A 1 48  ? -2.981  -11.703 4.879   1.00 88.77  ? 175 GLN A CD  1 
ATOM   367 O OE1 . GLN A 1 48  ? -4.181  -11.965 4.976   1.00 90.96  ? 175 GLN A OE1 1 
ATOM   368 N NE2 . GLN A 1 48  ? -2.236  -11.335 5.923   1.00 88.88  ? 175 GLN A NE2 1 
ATOM   369 N N   . VAL A 1 49  ? -1.359  -11.715 0.282   1.00 78.39  ? 176 VAL A N   1 
ATOM   370 C CA  . VAL A 1 49  ? -2.161  -11.302 -0.864  1.00 77.59  ? 176 VAL A CA  1 
ATOM   371 C C   . VAL A 1 49  ? -3.598  -11.000 -0.445  1.00 76.35  ? 176 VAL A C   1 
ATOM   372 O O   . VAL A 1 49  ? -4.219  -11.774 0.293   1.00 75.61  ? 176 VAL A O   1 
ATOM   373 C CB  . VAL A 1 49  ? -2.184  -12.394 -1.956  1.00 76.51  ? 176 VAL A CB  1 
ATOM   374 C CG1 . VAL A 1 49  ? -2.911  -11.879 -3.192  1.00 76.03  ? 176 VAL A CG1 1 
ATOM   375 C CG2 . VAL A 1 49  ? -0.766  -12.806 -2.301  1.00 75.68  ? 176 VAL A CG2 1 
ATOM   376 N N   . MET A 1 50  ? -4.126  -9.874  -0.915  1.00 74.44  ? 177 MET A N   1 
ATOM   377 C CA  . MET A 1 50  ? -5.488  -9.500  -0.572  1.00 72.53  ? 177 MET A CA  1 
ATOM   378 C C   . MET A 1 50  ? -6.279  -8.936  -1.743  1.00 69.72  ? 177 MET A C   1 
ATOM   379 O O   . MET A 1 50  ? -5.790  -8.087  -2.487  1.00 66.57  ? 177 MET A O   1 
ATOM   380 C CB  . MET A 1 50  ? -5.448  -8.543  0.614   1.00 75.83  ? 177 MET A CB  1 
ATOM   381 C CG  . MET A 1 50  ? -4.907  -9.267  1.835   1.00 79.11  ? 177 MET A CG  1 
ATOM   382 S SD  . MET A 1 50  ? -4.610  -8.286  3.268   1.00 81.06  ? 177 MET A SD  1 
ATOM   383 C CE  . MET A 1 50  ? -3.143  -7.408  2.753   1.00 81.76  ? 177 MET A CE  1 
ATOM   384 N N   . THR A 1 51  ? -7.504  -9.431  -1.903  1.00 67.25  ? 178 THR A N   1 
ATOM   385 C CA  . THR A 1 51  ? -8.364  -9.020  -3.007  1.00 66.63  ? 178 THR A CA  1 
ATOM   386 C C   . THR A 1 51  ? -8.778  -7.567  -2.946  1.00 64.43  ? 178 THR A C   1 
ATOM   387 O O   . THR A 1 51  ? -8.817  -6.968  -1.877  1.00 63.10  ? 178 THR A O   1 
ATOM   388 C CB  . THR A 1 51  ? -9.660  -9.868  -3.082  1.00 67.23  ? 178 THR A CB  1 
ATOM   389 O OG1 . THR A 1 51  ? -10.507 -9.566  -1.965  1.00 67.98  ? 178 THR A OG1 1 
ATOM   390 C CG2 . THR A 1 51  ? -9.327  -11.342 -3.090  1.00 65.82  ? 178 THR A CG2 1 
ATOM   391 N N   . ARG A 1 52  ? -9.075  -7.002  -4.111  1.00 63.20  ? 179 ARG A N   1 
ATOM   392 C CA  . ARG A 1 52  ? -9.521  -5.625  -4.187  1.00 64.11  ? 179 ARG A CA  1 
ATOM   393 C C   . ARG A 1 52  ? -10.802 -5.504  -3.360  1.00 63.18  ? 179 ARG A C   1 
ATOM   394 O O   . ARG A 1 52  ? -11.032 -4.496  -2.688  1.00 63.42  ? 179 ARG A O   1 
ATOM   395 C CB  . ARG A 1 52  ? -9.818  -5.250  -5.638  1.00 65.29  ? 179 ARG A CB  1 
ATOM   396 C CG  . ARG A 1 52  ? -8.644  -5.363  -6.578  1.00 66.11  ? 179 ARG A CG  1 
ATOM   397 C CD  . ARG A 1 52  ? -9.089  -5.033  -7.991  1.00 69.64  ? 179 ARG A CD  1 
ATOM   398 N NE  . ARG A 1 52  ? -10.111 -5.971  -8.450  1.00 71.62  ? 179 ARG A NE  1 
ATOM   399 C CZ  . ARG A 1 52  ? -10.887 -5.786  -9.512  1.00 71.15  ? 179 ARG A CZ  1 
ATOM   400 N NH1 . ARG A 1 52  ? -10.772 -4.691  -10.246 1.00 70.53  ? 179 ARG A NH1 1 
ATOM   401 N NH2 . ARG A 1 52  ? -11.787 -6.706  -9.839  1.00 74.48  ? 179 ARG A NH2 1 
ATOM   402 N N   . GLU A 1 53  ? -11.623 -6.553  -3.411  1.00 63.32  ? 180 GLU A N   1 
ATOM   403 C CA  . GLU A 1 53  ? -12.895 -6.613  -2.690  1.00 62.58  ? 180 GLU A CA  1 
ATOM   404 C C   . GLU A 1 53  ? -12.687 -6.506  -1.187  1.00 60.67  ? 180 GLU A C   1 
ATOM   405 O O   . GLU A 1 53  ? -13.426 -5.795  -0.501  1.00 60.67  ? 180 GLU A O   1 
ATOM   406 C CB  . GLU A 1 53  ? -13.640 -7.914  -3.032  1.00 65.92  ? 180 GLU A CB  1 
ATOM   407 C CG  . GLU A 1 53  ? -13.957 -8.090  -4.540  1.00 69.47  ? 180 GLU A CG  1 
ATOM   408 C CD  . GLU A 1 53  ? -12.800 -8.672  -5.350  1.00 69.72  ? 180 GLU A CD  1 
ATOM   409 O OE1 . GLU A 1 53  ? -12.744 -8.434  -6.574  1.00 73.33  ? 180 GLU A OE1 1 
ATOM   410 O OE2 . GLU A 1 53  ? -11.954 -9.382  -4.774  1.00 71.13  ? 180 GLU A OE2 1 
ATOM   411 N N   . HIS A 1 54  ? -11.682 -7.216  -0.679  1.00 60.09  ? 181 HIS A N   1 
ATOM   412 C CA  . HIS A 1 54  ? -11.356 -7.169  0.744   1.00 59.28  ? 181 HIS A CA  1 
ATOM   413 C C   . HIS A 1 54  ? -10.779 -5.797  1.115   1.00 57.48  ? 181 HIS A C   1 
ATOM   414 O O   . HIS A 1 54  ? -11.238 -5.153  2.063   1.00 56.86  ? 181 HIS A O   1 
ATOM   415 C CB  . HIS A 1 54  ? -10.332 -8.250  1.108   1.00 60.63  ? 181 HIS A CB  1 
ATOM   416 C CG  . HIS A 1 54  ? -9.864  -8.177  2.534   1.00 61.81  ? 181 HIS A CG  1 
ATOM   417 N ND1 . HIS A 1 54  ? -10.683 -8.483  3.606   1.00 59.45  ? 181 HIS A ND1 1 
ATOM   418 C CD2 . HIS A 1 54  ? -8.680  -7.789  3.069   1.00 59.72  ? 181 HIS A CD2 1 
ATOM   419 C CE1 . HIS A 1 54  ? -10.023 -8.286  4.732   1.00 56.79  ? 181 HIS A CE1 1 
ATOM   420 N NE2 . HIS A 1 54  ? -8.805  -7.865  4.436   1.00 57.84  ? 181 HIS A NE2 1 
ATOM   421 N N   . LEU A 1 55  ? -9.766  -5.364  0.364   1.00 57.32  ? 182 LEU A N   1 
ATOM   422 C CA  . LEU A 1 55  ? -9.118  -4.070  0.597   1.00 56.77  ? 182 LEU A CA  1 
ATOM   423 C C   . LEU A 1 55  ? -10.117 -2.922  0.545   1.00 55.59  ? 182 LEU A C   1 
ATOM   424 O O   . LEU A 1 55  ? -9.984  -1.942  1.273   1.00 55.55  ? 182 LEU A O   1 
ATOM   425 C CB  . LEU A 1 55  ? -8.006  -3.831  -0.436  1.00 56.84  ? 182 LEU A CB  1 
ATOM   426 C CG  . LEU A 1 55  ? -6.735  -4.686  -0.326  1.00 55.32  ? 182 LEU A CG  1 
ATOM   427 C CD1 . LEU A 1 55  ? -5.875  -4.500  -1.576  1.00 50.08  ? 182 LEU A CD1 1 
ATOM   428 C CD2 . LEU A 1 55  ? -5.968  -4.308  0.940   1.00 53.01  ? 182 LEU A CD2 1 
ATOM   429 N N   . LEU A 1 56  ? -11.128 -3.061  -0.307  1.00 55.30  ? 183 LEU A N   1 
ATOM   430 C CA  . LEU A 1 56  ? -12.152 -2.037  -0.461  1.00 55.55  ? 183 LEU A CA  1 
ATOM   431 C C   . LEU A 1 56  ? -12.914 -1.743  0.834   1.00 56.57  ? 183 LEU A C   1 
ATOM   432 O O   . LEU A 1 56  ? -12.907 -0.619  1.330   1.00 56.87  ? 183 LEU A O   1 
ATOM   433 C CB  . LEU A 1 56  ? -13.133 -2.451  -1.562  1.00 55.77  ? 183 LEU A CB  1 
ATOM   434 C CG  . LEU A 1 56  ? -14.046 -1.343  -2.120  1.00 56.40  ? 183 LEU A CG  1 
ATOM   435 C CD1 . LEU A 1 56  ? -13.206 -0.246  -2.791  1.00 53.42  ? 183 LEU A CD1 1 
ATOM   436 C CD2 . LEU A 1 56  ? -15.027 -1.949  -3.106  1.00 55.31  ? 183 LEU A CD2 1 
ATOM   437 N N   . GLN A 1 57  ? -13.574 -2.751  1.383   1.00 57.90  ? 184 GLN A N   1 
ATOM   438 C CA  . GLN A 1 57  ? -14.332 -2.570  2.620   1.00 60.08  ? 184 GLN A CA  1 
ATOM   439 C C   . GLN A 1 57  ? -13.420 -2.223  3.794   1.00 58.65  ? 184 GLN A C   1 
ATOM   440 O O   . GLN A 1 57  ? -13.801 -1.456  4.675   1.00 58.81  ? 184 GLN A O   1 
ATOM   441 C CB  . GLN A 1 57  ? -15.083 -3.849  2.956   1.00 61.66  ? 184 GLN A CB  1 
ATOM   442 C CG  . GLN A 1 57  ? -14.147 -4.988  3.253   1.00 65.10  ? 184 GLN A CG  1 
ATOM   443 C CD  . GLN A 1 57  ? -14.876 -6.278  3.425   1.00 67.71  ? 184 GLN A CD  1 
ATOM   444 O OE1 . GLN A 1 57  ? -15.684 -6.655  2.577   1.00 70.33  ? 184 GLN A OE1 1 
ATOM   445 N NE2 . GLN A 1 57  ? -14.598 -6.977  4.519   1.00 70.38  ? 184 GLN A NE2 1 
ATOM   446 N N   . THR A 1 58  ? -12.223 -2.806  3.795   1.00 57.07  ? 185 THR A N   1 
ATOM   447 C CA  . THR A 1 58  ? -11.248 -2.585  4.858   1.00 55.08  ? 185 THR A CA  1 
ATOM   448 C C   . THR A 1 58  ? -10.667 -1.173  4.927   1.00 51.77  ? 185 THR A C   1 
ATOM   449 O O   . THR A 1 58  ? -10.639 -0.567  5.991   1.00 49.43  ? 185 THR A O   1 
ATOM   450 C CB  . THR A 1 58  ? -10.059 -3.594  4.759   1.00 56.56  ? 185 THR A CB  1 
ATOM   451 O OG1 . THR A 1 58  ? -10.522 -4.920  5.035   1.00 54.60  ? 185 THR A OG1 1 
ATOM   452 C CG2 . THR A 1 58  ? -8.974  -3.244  5.780   1.00 57.81  ? 185 THR A CG2 1 
ATOM   453 N N   . VAL A 1 59  ? -10.195 -0.663  3.792   1.00 52.36  ? 186 VAL A N   1 
ATOM   454 C CA  . VAL A 1 59  ? -9.585  0.666   3.720   1.00 50.07  ? 186 VAL A CA  1 
ATOM   455 C C   . VAL A 1 59  ? -10.600 1.765   3.402   1.00 50.47  ? 186 VAL A C   1 
ATOM   456 O O   . VAL A 1 59  ? -10.435 2.905   3.813   1.00 48.59  ? 186 VAL A O   1 
ATOM   457 C CB  . VAL A 1 59  ? -8.440  0.670   2.662   1.00 50.74  ? 186 VAL A CB  1 
ATOM   458 C CG1 . VAL A 1 59  ? -7.998  2.109   2.326   1.00 43.48  ? 186 VAL A CG1 1 
ATOM   459 C CG2 . VAL A 1 59  ? -7.272  -0.180  3.181   1.00 47.65  ? 186 VAL A CG2 1 
ATOM   460 N N   . TRP A 1 60  ? -11.654 1.422   2.675   1.00 52.54  ? 187 TRP A N   1 
ATOM   461 C CA  . TRP A 1 60  ? -12.671 2.410   2.336   1.00 54.71  ? 187 TRP A CA  1 
ATOM   462 C C   . TRP A 1 60  ? -13.891 2.341   3.255   1.00 57.28  ? 187 TRP A C   1 
ATOM   463 O O   . TRP A 1 60  ? -14.646 3.306   3.352   1.00 58.66  ? 187 TRP A O   1 
ATOM   464 C CB  . TRP A 1 60  ? -13.093 2.254   0.875   1.00 52.62  ? 187 TRP A CB  1 
ATOM   465 C CG  . TRP A 1 60  ? -12.173 2.933   -0.095  1.00 48.81  ? 187 TRP A CG  1 
ATOM   466 C CD1 . TRP A 1 60  ? -12.366 4.153   -0.692  1.00 49.53  ? 187 TRP A CD1 1 
ATOM   467 C CD2 . TRP A 1 60  ? -10.942 2.417   -0.624  1.00 48.21  ? 187 TRP A CD2 1 
ATOM   468 N NE1 . TRP A 1 60  ? -11.336 4.424   -1.572  1.00 50.06  ? 187 TRP A NE1 1 
ATOM   469 C CE2 . TRP A 1 60  ? -10.448 3.378   -1.553  1.00 49.08  ? 187 TRP A CE2 1 
ATOM   470 C CE3 . TRP A 1 60  ? -10.206 1.238   -0.411  1.00 45.77  ? 187 TRP A CE3 1 
ATOM   471 C CZ2 . TRP A 1 60  ? -9.251  3.194   -2.268  1.00 44.87  ? 187 TRP A CZ2 1 
ATOM   472 C CZ3 . TRP A 1 60  ? -9.012  1.054   -1.124  1.00 47.10  ? 187 TRP A CZ3 1 
ATOM   473 C CH2 . TRP A 1 60  ? -8.549  2.034   -2.047  1.00 44.94  ? 187 TRP A CH2 1 
ATOM   474 N N   . GLY A 1 61  ? -14.081 1.210   3.934   1.00 58.92  ? 188 GLY A N   1 
ATOM   475 C CA  . GLY A 1 61  ? -15.210 1.088   4.841   1.00 59.78  ? 188 GLY A CA  1 
ATOM   476 C C   . GLY A 1 61  ? -16.292 0.138   4.371   1.00 60.30  ? 188 GLY A C   1 
ATOM   477 O O   . GLY A 1 61  ? -16.563 0.035   3.177   1.00 58.52  ? 188 GLY A O   1 
ATOM   478 N N   . TYR A 1 62  ? -16.929 -0.546  5.316   1.00 61.38  ? 189 TYR A N   1 
ATOM   479 C CA  . TYR A 1 62  ? -17.975 -1.504  4.978   1.00 62.35  ? 189 TYR A CA  1 
ATOM   480 C C   . TYR A 1 62  ? -19.196 -0.852  4.320   1.00 63.45  ? 189 TYR A C   1 
ATOM   481 O O   . TYR A 1 62  ? -19.969 -1.517  3.630   1.00 62.78  ? 189 TYR A O   1 
ATOM   482 C CB  . TYR A 1 62  ? -18.384 -2.267  6.232   1.00 61.26  ? 189 TYR A CB  1 
ATOM   483 C CG  . TYR A 1 62  ? -17.233 -2.984  6.892   1.00 58.69  ? 189 TYR A CG  1 
ATOM   484 C CD1 . TYR A 1 62  ? -16.661 -4.110  6.300   1.00 60.19  ? 189 TYR A CD1 1 
ATOM   485 C CD2 . TYR A 1 62  ? -16.690 -2.517  8.087   1.00 59.44  ? 189 TYR A CD2 1 
ATOM   486 C CE1 . TYR A 1 62  ? -15.571 -4.757  6.879   1.00 58.79  ? 189 TYR A CE1 1 
ATOM   487 C CE2 . TYR A 1 62  ? -15.603 -3.150  8.675   1.00 59.60  ? 189 TYR A CE2 1 
ATOM   488 C CZ  . TYR A 1 62  ? -15.048 -4.269  8.064   1.00 59.56  ? 189 TYR A CZ  1 
ATOM   489 O OH  . TYR A 1 62  ? -13.965 -4.896  8.629   1.00 62.40  ? 189 TYR A OH  1 
ATOM   490 N N   . ASP A 1 63  ? -19.346 0.454   4.519   1.00 64.49  ? 190 ASP A N   1 
ATOM   491 C CA  . ASP A 1 63  ? -20.462 1.209   3.954   1.00 66.37  ? 190 ASP A CA  1 
ATOM   492 C C   . ASP A 1 63  ? -20.199 1.705   2.522   1.00 65.40  ? 190 ASP A C   1 
ATOM   493 O O   . ASP A 1 63  ? -21.092 2.242   1.860   1.00 62.74  ? 190 ASP A O   1 
ATOM   494 C CB  . ASP A 1 63  ? -20.754 2.417   4.846   1.00 71.07  ? 190 ASP A CB  1 
ATOM   495 C CG  . ASP A 1 63  ? -21.321 2.025   6.197   1.00 76.42  ? 190 ASP A CG  1 
ATOM   496 O OD1 . ASP A 1 63  ? -21.522 2.937   7.024   1.00 79.87  ? 190 ASP A OD1 1 
ATOM   497 O OD2 . ASP A 1 63  ? -21.572 0.819   6.436   1.00 77.60  ? 190 ASP A OD2 1 
ATOM   498 N N   . TYR A 1 64  ? -18.967 1.530   2.057   1.00 65.08  ? 191 TYR A N   1 
ATOM   499 C CA  . TYR A 1 64  ? -18.571 1.985   0.730   1.00 64.42  ? 191 TYR A CA  1 
ATOM   500 C C   . TYR A 1 64  ? -18.744 0.948   -0.382  1.00 63.32  ? 191 TYR A C   1 
ATOM   501 O O   . TYR A 1 64  ? -18.043 -0.065  -0.433  1.00 61.95  ? 191 TYR A O   1 
ATOM   502 C CB  . TYR A 1 64  ? -17.120 2.469   0.780   1.00 64.43  ? 191 TYR A CB  1 
ATOM   503 C CG  . TYR A 1 64  ? -16.613 3.057   -0.520  1.00 64.58  ? 191 TYR A CG  1 
ATOM   504 C CD1 . TYR A 1 64  ? -16.183 2.234   -1.567  1.00 63.03  ? 191 TYR A CD1 1 
ATOM   505 C CD2 . TYR A 1 64  ? -16.567 4.442   -0.702  1.00 63.35  ? 191 TYR A CD2 1 
ATOM   506 C CE1 . TYR A 1 64  ? -15.715 2.778   -2.761  1.00 63.83  ? 191 TYR A CE1 1 
ATOM   507 C CE2 . TYR A 1 64  ? -16.104 4.997   -1.887  1.00 61.84  ? 191 TYR A CE2 1 
ATOM   508 C CZ  . TYR A 1 64  ? -15.677 4.164   -2.908  1.00 63.57  ? 191 TYR A CZ  1 
ATOM   509 O OH  . TYR A 1 64  ? -15.189 4.721   -4.063  1.00 62.05  ? 191 TYR A OH  1 
ATOM   510 N N   . PHE A 1 65  ? -19.673 1.216   -1.293  1.00 63.00  ? 192 PHE A N   1 
ATOM   511 C CA  . PHE A 1 65  ? -19.911 0.274   -2.372  1.00 63.52  ? 192 PHE A CA  1 
ATOM   512 C C   . PHE A 1 65  ? -19.565 0.761   -3.780  1.00 64.53  ? 192 PHE A C   1 
ATOM   513 O O   . PHE A 1 65  ? -20.161 0.304   -4.757  1.00 65.54  ? 192 PHE A O   1 
ATOM   514 C CB  . PHE A 1 65  ? -21.360 -0.221  -2.330  1.00 61.39  ? 192 PHE A CB  1 
ATOM   515 C CG  . PHE A 1 65  ? -21.729 -0.899  -1.044  1.00 58.55  ? 192 PHE A CG  1 
ATOM   516 C CD1 . PHE A 1 65  ? -22.331 -0.182  -0.014  1.00 56.45  ? 192 PHE A CD1 1 
ATOM   517 C CD2 . PHE A 1 65  ? -21.469 -2.258  -0.859  1.00 58.20  ? 192 PHE A CD2 1 
ATOM   518 C CE1 . PHE A 1 65  ? -22.671 -0.800  1.179   1.00 54.33  ? 192 PHE A CE1 1 
ATOM   519 C CE2 . PHE A 1 65  ? -21.808 -2.893  0.339   1.00 56.89  ? 192 PHE A CE2 1 
ATOM   520 C CZ  . PHE A 1 65  ? -22.409 -2.163  1.358   1.00 56.19  ? 192 PHE A CZ  1 
ATOM   521 N N   . GLY A 1 66  ? -18.600 1.676   -3.882  1.00 65.64  ? 193 GLY A N   1 
ATOM   522 C CA  . GLY A 1 66  ? -18.171 2.157   -5.185  1.00 64.97  ? 193 GLY A CA  1 
ATOM   523 C C   . GLY A 1 66  ? -17.461 1.032   -5.931  1.00 65.81  ? 193 GLY A C   1 
ATOM   524 O O   . GLY A 1 66  ? -17.250 -0.051  -5.376  1.00 64.26  ? 193 GLY A O   1 
ATOM   525 N N   . ASP A 1 67  ? -17.081 1.280   -7.180  1.00 66.64  ? 194 ASP A N   1 
ATOM   526 C CA  . ASP A 1 67  ? -16.410 0.273   -8.003  1.00 67.67  ? 194 ASP A CA  1 
ATOM   527 C C   . ASP A 1 67  ? -15.052 -0.178  -7.451  1.00 67.02  ? 194 ASP A C   1 
ATOM   528 O O   . ASP A 1 67  ? -14.298 0.621   -6.889  1.00 65.38  ? 194 ASP A O   1 
ATOM   529 C CB  . ASP A 1 67  ? -16.236 0.808   -9.436  1.00 70.31  ? 194 ASP A CB  1 
ATOM   530 C CG  . ASP A 1 67  ? -15.487 -0.160  -10.339 1.00 70.53  ? 194 ASP A CG  1 
ATOM   531 O OD1 . ASP A 1 67  ? -15.988 -1.277  -10.591 1.00 73.80  ? 194 ASP A OD1 1 
ATOM   532 O OD2 . ASP A 1 67  ? -14.388 0.200   -10.797 1.00 72.29  ? 194 ASP A OD2 1 
ATOM   533 N N   . VAL A 1 68  ? -14.745 -1.461  -7.631  1.00 65.74  ? 195 VAL A N   1 
ATOM   534 C CA  . VAL A 1 68  ? -13.480 -2.023  -7.156  1.00 67.50  ? 195 VAL A CA  1 
ATOM   535 C C   . VAL A 1 68  ? -12.191 -1.501  -7.832  1.00 68.04  ? 195 VAL A C   1 
ATOM   536 O O   . VAL A 1 68  ? -11.091 -1.685  -7.296  1.00 68.89  ? 195 VAL A O   1 
ATOM   537 C CB  . VAL A 1 68  ? -13.476 -3.572  -7.264  1.00 65.69  ? 195 VAL A CB  1 
ATOM   538 C CG1 . VAL A 1 68  ? -14.259 -4.170  -6.128  1.00 68.12  ? 195 VAL A CG1 1 
ATOM   539 C CG2 . VAL A 1 68  ? -14.060 -4.007  -8.589  1.00 63.90  ? 195 VAL A CG2 1 
ATOM   540 N N   . ARG A 1 69  ? -12.309 -0.865  -8.997  1.00 67.48  ? 196 ARG A N   1 
ATOM   541 C CA  . ARG A 1 69  ? -11.125 -0.355  -9.697  1.00 66.38  ? 196 ARG A CA  1 
ATOM   542 C C   . ARG A 1 69  ? -10.447 0.805   -8.956  1.00 62.51  ? 196 ARG A C   1 
ATOM   543 O O   . ARG A 1 69  ? -9.324  1.187   -9.283  1.00 59.46  ? 196 ARG A O   1 
ATOM   544 C CB  . ARG A 1 69  ? -11.492 0.052   -11.135 1.00 70.44  ? 196 ARG A CB  1 
ATOM   545 C CG  . ARG A 1 69  ? -11.992 -1.129  -11.972 1.00 77.55  ? 196 ARG A CG  1 
ATOM   546 C CD  . ARG A 1 69  ? -12.389 -0.764  -13.408 1.00 83.78  ? 196 ARG A CD  1 
ATOM   547 N NE  . ARG A 1 69  ? -11.255 -0.365  -14.248 1.00 90.00  ? 196 ARG A NE  1 
ATOM   548 C CZ  . ARG A 1 69  ? -11.307 -0.256  -15.577 1.00 91.45  ? 196 ARG A CZ  1 
ATOM   549 N NH1 . ARG A 1 69  ? -12.438 -0.524  -16.218 1.00 92.57  ? 196 ARG A NH1 1 
ATOM   550 N NH2 . ARG A 1 69  ? -10.233 0.123   -16.271 1.00 89.81  ? 196 ARG A NH2 1 
ATOM   551 N N   . THR A 1 70  ? -11.136 1.346   -7.952  1.00 60.41  ? 197 THR A N   1 
ATOM   552 C CA  . THR A 1 70  ? -10.613 2.439   -7.129  1.00 59.69  ? 197 THR A CA  1 
ATOM   553 C C   . THR A 1 70  ? -9.354  1.953   -6.404  1.00 58.26  ? 197 THR A C   1 
ATOM   554 O O   . THR A 1 70  ? -8.410  2.718   -6.172  1.00 57.61  ? 197 THR A O   1 
ATOM   555 C CB  . THR A 1 70  ? -11.651 2.882   -6.067  1.00 60.73  ? 197 THR A CB  1 
ATOM   556 O OG1 . THR A 1 70  ? -12.929 3.042   -6.695  1.00 63.77  ? 197 THR A OG1 1 
ATOM   557 C CG2 . THR A 1 70  ? -11.254 4.198   -5.438  1.00 57.33  ? 197 THR A CG2 1 
ATOM   558 N N   . VAL A 1 71  ? -9.357  0.678   -6.032  1.00 56.70  ? 198 VAL A N   1 
ATOM   559 C CA  . VAL A 1 71  ? -8.214  0.071   -5.361  1.00 56.33  ? 198 VAL A CA  1 
ATOM   560 C C   . VAL A 1 71  ? -7.078  -0.006  -6.392  1.00 55.53  ? 198 VAL A C   1 
ATOM   561 O O   . VAL A 1 71  ? -5.915  0.202   -6.067  1.00 55.77  ? 198 VAL A O   1 
ATOM   562 C CB  . VAL A 1 71  ? -8.572  -1.349  -4.831  1.00 56.56  ? 198 VAL A CB  1 
ATOM   563 C CG1 . VAL A 1 71  ? -7.387  -1.962  -4.094  1.00 53.94  ? 198 VAL A CG1 1 
ATOM   564 C CG2 . VAL A 1 71  ? -9.782  -1.264  -3.902  1.00 54.67  ? 198 VAL A CG2 1 
ATOM   565 N N   . ASP A 1 72  ? -7.430  -0.304  -7.640  1.00 56.19  ? 199 ASP A N   1 
ATOM   566 C CA  . ASP A 1 72  ? -6.456  -0.366  -8.731  1.00 57.37  ? 199 ASP A CA  1 
ATOM   567 C C   . ASP A 1 72  ? -5.906  1.043   -8.962  1.00 54.53  ? 199 ASP A C   1 
ATOM   568 O O   . ASP A 1 72  ? -4.699  1.233   -9.096  1.00 54.93  ? 199 ASP A O   1 
ATOM   569 C CB  . ASP A 1 72  ? -7.121  -0.862  -10.024 1.00 60.66  ? 199 ASP A CB  1 
ATOM   570 C CG  . ASP A 1 72  ? -7.678  -2.274  -9.897  1.00 64.05  ? 199 ASP A CG  1 
ATOM   571 O OD1 . ASP A 1 72  ? -8.774  -2.526  -10.450 1.00 69.01  ? 199 ASP A OD1 1 
ATOM   572 O OD2 . ASP A 1 72  ? -7.021  -3.125  -9.259  1.00 62.73  ? 199 ASP A OD2 1 
ATOM   573 N N   . VAL A 1 73  ? -6.800  2.026   -9.018  1.00 52.03  ? 200 VAL A N   1 
ATOM   574 C CA  . VAL A 1 73  ? -6.390  3.413   -9.220  1.00 52.24  ? 200 VAL A CA  1 
ATOM   575 C C   . VAL A 1 73  ? -5.443  3.869   -8.123  1.00 53.01  ? 200 VAL A C   1 
ATOM   576 O O   . VAL A 1 73  ? -4.464  4.561   -8.392  1.00 55.58  ? 200 VAL A O   1 
ATOM   577 C CB  . VAL A 1 73  ? -7.596  4.394   -9.223  1.00 50.71  ? 200 VAL A CB  1 
ATOM   578 C CG1 . VAL A 1 73  ? -7.082  5.833   -9.195  1.00 46.28  ? 200 VAL A CG1 1 
ATOM   579 C CG2 . VAL A 1 73  ? -8.463  4.166   -10.453 1.00 46.88  ? 200 VAL A CG2 1 
ATOM   580 N N   . THR A 1 74  ? -5.755  3.487   -6.885  1.00 52.96  ? 201 THR A N   1 
ATOM   581 C CA  . THR A 1 74  ? -4.955  3.848   -5.715  1.00 50.77  ? 201 THR A CA  1 
ATOM   582 C C   . THR A 1 74  ? -3.597  3.115   -5.675  1.00 51.46  ? 201 THR A C   1 
ATOM   583 O O   . THR A 1 74  ? -2.584  3.672   -5.230  1.00 51.47  ? 201 THR A O   1 
ATOM   584 C CB  . THR A 1 74  ? -5.761  3.578   -4.436  1.00 49.26  ? 201 THR A CB  1 
ATOM   585 O OG1 . THR A 1 74  ? -7.058  4.179   -4.570  1.00 49.17  ? 201 THR A OG1 1 
ATOM   586 C CG2 . THR A 1 74  ? -5.060  4.175   -3.221  1.00 46.66  ? 201 THR A CG2 1 
ATOM   587 N N   . VAL A 1 75  ? -3.577  1.878   -6.154  1.00 51.26  ? 202 VAL A N   1 
ATOM   588 C CA  . VAL A 1 75  ? -2.347  1.107   -6.201  1.00 52.32  ? 202 VAL A CA  1 
ATOM   589 C C   . VAL A 1 75  ? -1.419  1.687   -7.280  1.00 54.94  ? 202 VAL A C   1 
ATOM   590 O O   . VAL A 1 75  ? -0.185  1.682   -7.132  1.00 54.13  ? 202 VAL A O   1 
ATOM   591 C CB  . VAL A 1 75  ? -2.651  -0.367  -6.495  1.00 49.09  ? 202 VAL A CB  1 
ATOM   592 C CG1 . VAL A 1 75  ? -1.391  -1.092  -6.938  1.00 51.47  ? 202 VAL A CG1 1 
ATOM   593 C CG2 . VAL A 1 75  ? -3.212  -1.019  -5.243  1.00 48.36  ? 202 VAL A CG2 1 
ATOM   594 N N   . ARG A 1 76  ? -2.022  2.199   -8.355  1.00 54.79  ? 203 ARG A N   1 
ATOM   595 C CA  . ARG A 1 76  ? -1.260  2.802   -9.445  1.00 55.44  ? 203 ARG A CA  1 
ATOM   596 C C   . ARG A 1 76  ? -0.553  4.056   -8.918  1.00 55.41  ? 203 ARG A C   1 
ATOM   597 O O   . ARG A 1 76  ? 0.651   4.253   -9.142  1.00 56.51  ? 203 ARG A O   1 
ATOM   598 C CB  . ARG A 1 76  ? -2.194  3.168   -10.604 1.00 56.05  ? 203 ARG A CB  1 
ATOM   599 C CG  . ARG A 1 76  ? -1.505  3.798   -11.807 1.00 55.99  ? 203 ARG A CG  1 
ATOM   600 C CD  . ARG A 1 76  ? -2.529  4.255   -12.813 1.00 59.56  ? 203 ARG A CD  1 
ATOM   601 N NE  . ARG A 1 76  ? -1.958  5.071   -13.885 1.00 65.11  ? 203 ARG A NE  1 
ATOM   602 C CZ  . ARG A 1 76  ? -1.261  4.602   -14.921 1.00 68.08  ? 203 ARG A CZ  1 
ATOM   603 N NH1 . ARG A 1 76  ? -1.019  3.294   -15.059 1.00 66.13  ? 203 ARG A NH1 1 
ATOM   604 N NH2 . ARG A 1 76  ? -0.818  5.455   -15.837 1.00 68.52  ? 203 ARG A NH2 1 
ATOM   605 N N   . ARG A 1 77  ? -1.303  4.892   -8.207  1.00 53.22  ? 204 ARG A N   1 
ATOM   606 C CA  . ARG A 1 77  ? -0.751  6.116   -7.644  1.00 54.02  ? 204 ARG A CA  1 
ATOM   607 C C   . ARG A 1 77  ? 0.353   5.876   -6.606  1.00 53.96  ? 204 ARG A C   1 
ATOM   608 O O   . ARG A 1 77  ? 1.340   6.617   -6.581  1.00 53.07  ? 204 ARG A O   1 
ATOM   609 C CB  . ARG A 1 77  ? -1.878  6.968   -7.067  1.00 50.75  ? 204 ARG A CB  1 
ATOM   610 C CG  . ARG A 1 77  ? -2.754  7.538   -8.164  1.00 51.91  ? 204 ARG A CG  1 
ATOM   611 C CD  . ARG A 1 77  ? -1.923  8.362   -9.141  1.00 54.52  ? 204 ARG A CD  1 
ATOM   612 N NE  . ARG A 1 77  ? -1.541  9.649   -8.562  1.00 61.05  ? 204 ARG A NE  1 
ATOM   613 C CZ  . ARG A 1 77  ? -0.396  10.293  -8.805  1.00 60.94  ? 204 ARG A CZ  1 
ATOM   614 N NH1 . ARG A 1 77  ? 0.504   9.771   -9.620  1.00 58.38  ? 204 ARG A NH1 1 
ATOM   615 N NH2 . ARG A 1 77  ? -0.161  11.474  -8.240  1.00 60.77  ? 204 ARG A NH2 1 
ATOM   616 N N   . LEU A 1 78  ? 0.184   4.852   -5.763  1.00 52.45  ? 205 LEU A N   1 
ATOM   617 C CA  . LEU A 1 78  ? 1.191   4.489   -4.766  1.00 51.62  ? 205 LEU A CA  1 
ATOM   618 C C   . LEU A 1 78  ? 2.464   4.072   -5.486  1.00 51.66  ? 205 LEU A C   1 
ATOM   619 O O   . LEU A 1 78  ? 3.565   4.413   -5.068  1.00 52.65  ? 205 LEU A O   1 
ATOM   620 C CB  . LEU A 1 78  ? 0.719   3.314   -3.906  1.00 50.96  ? 205 LEU A CB  1 
ATOM   621 C CG  . LEU A 1 78  ? -0.149  3.568   -2.670  1.00 50.45  ? 205 LEU A CG  1 
ATOM   622 C CD1 . LEU A 1 78  ? -0.525  2.220   -2.077  1.00 49.41  ? 205 LEU A CD1 1 
ATOM   623 C CD2 . LEU A 1 78  ? 0.597   4.436   -1.636  1.00 46.56  ? 205 LEU A CD2 1 
ATOM   624 N N   . ARG A 1 79  ? 2.300   3.320   -6.570  1.00 52.92  ? 206 ARG A N   1 
ATOM   625 C CA  . ARG A 1 79  ? 3.428   2.859   -7.376  1.00 53.30  ? 206 ARG A CA  1 
ATOM   626 C C   . ARG A 1 79  ? 4.185   4.014   -8.006  1.00 53.81  ? 206 ARG A C   1 
ATOM   627 O O   . ARG A 1 79  ? 5.410   4.091   -7.910  1.00 53.35  ? 206 ARG A O   1 
ATOM   628 C CB  . ARG A 1 79  ? 2.942   1.910   -8.476  1.00 53.42  ? 206 ARG A CB  1 
ATOM   629 C CG  . ARG A 1 79  ? 2.731   0.495   -7.981  1.00 51.46  ? 206 ARG A CG  1 
ATOM   630 C CD  . ARG A 1 79  ? 2.177   -0.416  -9.043  1.00 50.88  ? 206 ARG A CD  1 
ATOM   631 N NE  . ARG A 1 79  ? 1.999   -1.768  -8.516  1.00 54.21  ? 206 ARG A NE  1 
ATOM   632 C CZ  . ARG A 1 79  ? 1.219   -2.695  -9.062  1.00 54.32  ? 206 ARG A CZ  1 
ATOM   633 N NH1 . ARG A 1 79  ? 0.528   -2.421  -10.165 1.00 55.04  ? 206 ARG A NH1 1 
ATOM   634 N NH2 . ARG A 1 79  ? 1.124   -3.894  -8.502  1.00 54.32  ? 206 ARG A NH2 1 
ATOM   635 N N   . GLU A 1 80  ? 3.455   4.913   -8.653  1.00 54.78  ? 207 GLU A N   1 
ATOM   636 C CA  . GLU A 1 80  ? 4.085   6.060   -9.287  1.00 56.65  ? 207 GLU A CA  1 
ATOM   637 C C   . GLU A 1 80  ? 4.822   6.888   -8.243  1.00 57.51  ? 207 GLU A C   1 
ATOM   638 O O   . GLU A 1 80  ? 5.937   7.355   -8.478  1.00 58.69  ? 207 GLU A O   1 
ATOM   639 C CB  . GLU A 1 80  ? 3.036   6.919   -10.002 1.00 55.80  ? 207 GLU A CB  1 
ATOM   640 C CG  . GLU A 1 80  ? 2.181   6.124   -10.974 1.00 58.20  ? 207 GLU A CG  1 
ATOM   641 C CD  . GLU A 1 80  ? 1.101   6.956   -11.671 1.00 61.43  ? 207 GLU A CD  1 
ATOM   642 O OE1 . GLU A 1 80  ? 0.358   7.697   -10.993 1.00 62.06  ? 207 GLU A OE1 1 
ATOM   643 O OE2 . GLU A 1 80  ? 0.978   6.851   -12.911 1.00 66.57  ? 207 GLU A OE2 1 
ATOM   644 N N   . LYS A 1 81  ? 4.210   7.044   -7.075  1.00 58.57  ? 208 LYS A N   1 
ATOM   645 C CA  . LYS A 1 81  ? 4.803   7.832   -5.999  1.00 58.65  ? 208 LYS A CA  1 
ATOM   646 C C   . LYS A 1 81  ? 5.933   7.145   -5.223  1.00 59.40  ? 208 LYS A C   1 
ATOM   647 O O   . LYS A 1 81  ? 6.826   7.813   -4.701  1.00 59.17  ? 208 LYS A O   1 
ATOM   648 C CB  . LYS A 1 81  ? 3.714   8.250   -5.004  1.00 59.35  ? 208 LYS A CB  1 
ATOM   649 C CG  . LYS A 1 81  ? 2.700   9.260   -5.531  1.00 56.80  ? 208 LYS A CG  1 
ATOM   650 C CD  . LYS A 1 81  ? 1.646   9.557   -4.479  1.00 54.72  ? 208 LYS A CD  1 
ATOM   651 C CE  . LYS A 1 81  ? 0.689   10.650  -4.928  1.00 54.00  ? 208 LYS A CE  1 
ATOM   652 N NZ  . LYS A 1 81  ? -0.046  11.271  -3.779  1.00 50.71  ? 208 LYS A NZ  1 
ATOM   653 N N   . ILE A 1 82  ? 5.904   5.821   -5.153  1.00 59.31  ? 209 ILE A N   1 
ATOM   654 C CA  . ILE A 1 82  ? 6.906   5.086   -4.384  1.00 60.38  ? 209 ILE A CA  1 
ATOM   655 C C   . ILE A 1 82  ? 7.917   4.212   -5.142  1.00 62.05  ? 209 ILE A C   1 
ATOM   656 O O   . ILE A 1 82  ? 9.098   4.181   -4.783  1.00 62.02  ? 209 ILE A O   1 
ATOM   657 C CB  . ILE A 1 82  ? 6.186   4.225   -3.323  1.00 58.21  ? 209 ILE A CB  1 
ATOM   658 C CG1 . ILE A 1 82  ? 5.489   5.153   -2.333  1.00 57.68  ? 209 ILE A CG1 1 
ATOM   659 C CG2 . ILE A 1 82  ? 7.154   3.294   -2.620  1.00 54.92  ? 209 ILE A CG2 1 
ATOM   660 C CD1 . ILE A 1 82  ? 4.702   4.431   -1.257  1.00 60.85  ? 209 ILE A CD1 1 
ATOM   661 N N   . GLU A 1 83  ? 7.465   3.498   -6.167  1.00 62.86  ? 210 GLU A N   1 
ATOM   662 C CA  . GLU A 1 83  ? 8.357   2.630   -6.937  1.00 66.25  ? 210 GLU A CA  1 
ATOM   663 C C   . GLU A 1 83  ? 9.384   3.372   -7.791  1.00 67.34  ? 210 GLU A C   1 
ATOM   664 O O   . GLU A 1 83  ? 9.097   4.431   -8.343  1.00 67.34  ? 210 GLU A O   1 
ATOM   665 C CB  . GLU A 1 83  ? 7.547   1.720   -7.869  1.00 65.30  ? 210 GLU A CB  1 
ATOM   666 C CG  . GLU A 1 83  ? 6.677   0.705   -7.170  1.00 66.71  ? 210 GLU A CG  1 
ATOM   667 C CD  . GLU A 1 83  ? 7.471   -0.224  -6.274  1.00 66.06  ? 210 GLU A CD  1 
ATOM   668 O OE1 . GLU A 1 83  ? 8.712   -0.278  -6.421  1.00 65.17  ? 210 GLU A OE1 1 
ATOM   669 O OE2 . GLU A 1 83  ? 6.847   -0.907  -5.433  1.00 64.53  ? 210 GLU A OE2 1 
ATOM   670 N N   . ASP A 1 84  ? 10.586  2.814   -7.896  1.00 70.03  ? 211 ASP A N   1 
ATOM   671 C CA  . ASP A 1 84  ? 11.611  3.420   -8.739  1.00 73.36  ? 211 ASP A CA  1 
ATOM   672 C C   . ASP A 1 84  ? 11.116  3.213   -10.173 1.00 73.98  ? 211 ASP A C   1 
ATOM   673 O O   . ASP A 1 84  ? 11.082  4.150   -10.970 1.00 73.02  ? 211 ASP A O   1 
ATOM   674 C CB  . ASP A 1 84  ? 12.963  2.749   -8.502  1.00 74.66  ? 211 ASP A CB  1 
ATOM   675 C CG  . ASP A 1 84  ? 13.482  2.984   -7.089  1.00 77.36  ? 211 ASP A CG  1 
ATOM   676 O OD1 . ASP A 1 84  ? 13.419  4.149   -6.629  1.00 77.35  ? 211 ASP A OD1 1 
ATOM   677 O OD2 . ASP A 1 84  ? 13.948  2.015   -6.441  1.00 78.33  ? 211 ASP A OD2 1 
ATOM   678 N N   . ASN A 1 85  ? 10.712  1.982   -10.479 1.00 75.86  ? 212 ASN A N   1 
ATOM   679 C CA  . ASN A 1 85  ? 10.139  1.647   -11.778 1.00 76.77  ? 212 ASN A CA  1 
ATOM   680 C C   . ASN A 1 85  ? 8.834   0.876   -11.523 1.00 76.12  ? 212 ASN A C   1 
ATOM   681 O O   . ASN A 1 85  ? 8.845   -0.290  -11.131 1.00 73.55  ? 212 ASN A O   1 
ATOM   682 C CB  . ASN A 1 85  ? 11.089  0.789   -12.618 1.00 79.65  ? 212 ASN A CB  1 
ATOM   683 C CG  . ASN A 1 85  ? 10.577  0.579   -14.049 1.00 82.03  ? 212 ASN A CG  1 
ATOM   684 O OD1 . ASN A 1 85  ? 11.074  -0.281  -14.778 1.00 83.99  ? 212 ASN A OD1 1 
ATOM   685 N ND2 . ASN A 1 85  ? 9.584   1.372   -14.454 1.00 82.22  ? 212 ASN A ND2 1 
ATOM   686 N N   . PRO A 1 86  ? 7.689   1.536   -11.736 1.00 76.79  ? 213 PRO A N   1 
ATOM   687 C CA  . PRO A 1 86  ? 6.362   0.948   -11.537 1.00 77.68  ? 213 PRO A CA  1 
ATOM   688 C C   . PRO A 1 86  ? 6.114   -0.264  -12.422 1.00 79.69  ? 213 PRO A C   1 
ATOM   689 O O   . PRO A 1 86  ? 5.292   -1.119  -12.085 1.00 81.04  ? 213 PRO A O   1 
ATOM   690 C CB  . PRO A 1 86  ? 5.421   2.096   -11.886 1.00 76.95  ? 213 PRO A CB  1 
ATOM   691 C CG  . PRO A 1 86  ? 6.229   3.316   -11.613 1.00 77.69  ? 213 PRO A CG  1 
ATOM   692 C CD  . PRO A 1 86  ? 7.577   2.943   -12.153 1.00 77.55  ? 213 PRO A CD  1 
ATOM   693 N N   . SER A 1 87  ? 6.814   -0.317  -13.557 1.00 81.67  ? 214 SER A N   1 
ATOM   694 C CA  . SER A 1 87  ? 6.695   -1.407  -14.530 1.00 81.92  ? 214 SER A CA  1 
ATOM   695 C C   . SER A 1 87  ? 6.935   -2.753  -13.859 1.00 83.29  ? 214 SER A C   1 
ATOM   696 O O   . SER A 1 87  ? 6.342   -3.765  -14.237 1.00 83.55  ? 214 SER A O   1 
ATOM   697 C CB  . SER A 1 87  ? 7.694   -1.202  -15.663 1.00 81.33  ? 214 SER A CB  1 
ATOM   698 O OG  . SER A 1 87  ? 7.554   0.094   -16.213 1.00 81.25  ? 214 SER A OG  1 
ATOM   699 N N   . HIS A 1 88  ? 7.828   -2.764  -12.878 1.00 85.51  ? 215 HIS A N   1 
ATOM   700 C CA  . HIS A 1 88  ? 8.092   -3.972  -12.113 1.00 88.13  ? 215 HIS A CA  1 
ATOM   701 C C   . HIS A 1 88  ? 8.261   -3.581  -10.649 1.00 87.24  ? 215 HIS A C   1 
ATOM   702 O O   . HIS A 1 88  ? 9.380   -3.472  -10.139 1.00 87.39  ? 215 HIS A O   1 
ATOM   703 C CB  . HIS A 1 88  ? 9.344   -4.707  -12.590 1.00 92.46  ? 215 HIS A CB  1 
ATOM   704 C CG  . HIS A 1 88  ? 9.420   -6.118  -12.093 1.00 97.20  ? 215 HIS A CG  1 
ATOM   705 N ND1 . HIS A 1 88  ? 8.620   -7.126  -12.592 1.00 99.33  ? 215 HIS A ND1 1 
ATOM   706 C CD2 . HIS A 1 88  ? 10.156  -6.680  -11.106 1.00 99.73  ? 215 HIS A CD2 1 
ATOM   707 C CE1 . HIS A 1 88  ? 8.861   -8.246  -11.933 1.00 99.96  ? 215 HIS A CE1 1 
ATOM   708 N NE2 . HIS A 1 88  ? 9.790   -8.003  -11.026 1.00 101.13 ? 215 HIS A NE2 1 
ATOM   709 N N   . PRO A 1 89  ? 7.135   -3.358  -9.956  1.00 85.76  ? 216 PRO A N   1 
ATOM   710 C CA  . PRO A 1 89  ? 7.118   -2.971  -8.543  1.00 83.50  ? 216 PRO A CA  1 
ATOM   711 C C   . PRO A 1 89  ? 8.042   -3.822  -7.694  1.00 80.89  ? 216 PRO A C   1 
ATOM   712 O O   . PRO A 1 89  ? 8.236   -5.001  -7.961  1.00 80.73  ? 216 PRO A O   1 
ATOM   713 C CB  . PRO A 1 89  ? 5.653   -3.146  -8.162  1.00 84.20  ? 216 PRO A CB  1 
ATOM   714 C CG  . PRO A 1 89  ? 4.949   -2.772  -9.436  1.00 85.51  ? 216 PRO A CG  1 
ATOM   715 C CD  . PRO A 1 89  ? 5.762   -3.513  -10.472 1.00 85.14  ? 216 PRO A CD  1 
ATOM   716 N N   . ASN A 1 90  ? 8.607   -3.204  -6.667  1.00 78.74  ? 217 ASN A N   1 
ATOM   717 C CA  . ASN A 1 90  ? 9.520   -3.877  -5.753  1.00 76.68  ? 217 ASN A CA  1 
ATOM   718 C C   . ASN A 1 90  ? 8.830   -4.105  -4.396  1.00 73.99  ? 217 ASN A C   1 
ATOM   719 O O   . ASN A 1 90  ? 9.159   -5.044  -3.661  1.00 71.89  ? 217 ASN A O   1 
ATOM   720 C CB  . ASN A 1 90  ? 10.779  -3.013  -5.597  1.00 77.83  ? 217 ASN A CB  1 
ATOM   721 C CG  . ASN A 1 90  ? 11.652  -3.445  -4.448  1.00 77.84  ? 217 ASN A CG  1 
ATOM   722 O OD1 . ASN A 1 90  ? 12.223  -4.537  -4.454  1.00 79.04  ? 217 ASN A OD1 1 
ATOM   723 N ND2 . ASN A 1 90  ? 11.765  -2.583  -3.449  1.00 77.27  ? 217 ASN A ND2 1 
ATOM   724 N N   . TRP A 1 91  ? 7.859   -3.243  -4.096  1.00 72.22  ? 218 TRP A N   1 
ATOM   725 C CA  . TRP A 1 91  ? 7.088   -3.296  -2.855  1.00 69.62  ? 218 TRP A CA  1 
ATOM   726 C C   . TRP A 1 91  ? 5.644   -3.757  -3.070  1.00 69.52  ? 218 TRP A C   1 
ATOM   727 O O   . TRP A 1 91  ? 5.235   -4.799  -2.566  1.00 68.37  ? 218 TRP A O   1 
ATOM   728 C CB  . TRP A 1 91  ? 7.095   -1.917  -2.189  1.00 67.19  ? 218 TRP A CB  1 
ATOM   729 C CG  . TRP A 1 91  ? 8.403   -1.589  -1.525  1.00 65.23  ? 218 TRP A CG  1 
ATOM   730 C CD1 . TRP A 1 91  ? 8.907   -2.160  -0.396  1.00 63.31  ? 218 TRP A CD1 1 
ATOM   731 C CD2 . TRP A 1 91  ? 9.379   -0.630  -1.960  1.00 64.13  ? 218 TRP A CD2 1 
ATOM   732 N NE1 . TRP A 1 91  ? 10.132  -1.619  -0.096  1.00 63.89  ? 218 TRP A NE1 1 
ATOM   733 C CE2 . TRP A 1 91  ? 10.447  -0.676  -1.039  1.00 63.56  ? 218 TRP A CE2 1 
ATOM   734 C CE3 . TRP A 1 91  ? 9.453   0.265   -3.038  1.00 64.00  ? 218 TRP A CE3 1 
ATOM   735 C CZ2 . TRP A 1 91  ? 11.582  0.140   -1.160  1.00 63.89  ? 218 TRP A CZ2 1 
ATOM   736 C CZ3 . TRP A 1 91  ? 10.583  1.078   -3.160  1.00 62.19  ? 218 TRP A CZ3 1 
ATOM   737 C CH2 . TRP A 1 91  ? 11.629  1.008   -2.225  1.00 62.63  ? 218 TRP A CH2 1 
ATOM   738 N N   . ILE A 1 92  ? 4.876   -2.976  -3.821  1.00 69.83  ? 219 ILE A N   1 
ATOM   739 C CA  . ILE A 1 92  ? 3.479   -3.297  -4.097  1.00 70.96  ? 219 ILE A CA  1 
ATOM   740 C C   . ILE A 1 92  ? 3.388   -4.211  -5.319  1.00 71.42  ? 219 ILE A C   1 
ATOM   741 O O   . ILE A 1 92  ? 3.498   -3.757  -6.458  1.00 71.67  ? 219 ILE A O   1 
ATOM   742 C CB  . ILE A 1 92  ? 2.678   -2.010  -4.359  1.00 71.88  ? 219 ILE A CB  1 
ATOM   743 C CG1 . ILE A 1 92  ? 3.013   -0.979  -3.278  1.00 73.47  ? 219 ILE A CG1 1 
ATOM   744 C CG2 . ILE A 1 92  ? 1.178   -2.303  -4.356  1.00 70.77  ? 219 ILE A CG2 1 
ATOM   745 C CD1 . ILE A 1 92  ? 2.564   0.439   -3.611  1.00 74.42  ? 219 ILE A CD1 1 
ATOM   746 N N   . VAL A 1 93  ? 3.170   -5.500  -5.083  1.00 72.53  ? 220 VAL A N   1 
ATOM   747 C CA  . VAL A 1 93  ? 3.101   -6.464  -6.175  1.00 71.77  ? 220 VAL A CA  1 
ATOM   748 C C   . VAL A 1 93  ? 1.709   -6.980  -6.504  1.00 72.77  ? 220 VAL A C   1 
ATOM   749 O O   . VAL A 1 93  ? 0.837   -7.080  -5.633  1.00 71.71  ? 220 VAL A O   1 
ATOM   750 C CB  . VAL A 1 93  ? 3.997   -7.681  -5.885  1.00 71.48  ? 220 VAL A CB  1 
ATOM   751 C CG1 . VAL A 1 93  ? 4.107   -8.546  -7.132  1.00 69.98  ? 220 VAL A CG1 1 
ATOM   752 C CG2 . VAL A 1 93  ? 5.365   -7.219  -5.416  1.00 71.41  ? 220 VAL A CG2 1 
ATOM   753 N N   . THR A 1 94  ? 1.523   -7.315  -7.780  1.00 74.75  ? 221 THR A N   1 
ATOM   754 C CA  . THR A 1 94  ? 0.262   -7.845  -8.282  1.00 75.37  ? 221 THR A CA  1 
ATOM   755 C C   . THR A 1 94  ? 0.285   -9.367  -8.380  1.00 77.15  ? 221 THR A C   1 
ATOM   756 O O   . THR A 1 94  ? 1.130   -9.939  -9.060  1.00 76.86  ? 221 THR A O   1 
ATOM   757 C CB  . THR A 1 94  ? -0.066  -7.312  -9.693  1.00 73.55  ? 221 THR A CB  1 
ATOM   758 O OG1 . THR A 1 94  ? -0.409  -5.926  -9.628  1.00 74.09  ? 221 THR A OG1 1 
ATOM   759 C CG2 . THR A 1 94  ? -1.230  -8.082  -10.288 1.00 74.75  ? 221 THR A CG2 1 
ATOM   760 N N   . ARG A 1 95  ? -0.638  -10.014 -7.676  1.00 80.58  ? 222 ARG A N   1 
ATOM   761 C CA  . ARG A 1 95  ? -0.779  -11.464 -7.737  1.00 82.04  ? 222 ARG A CA  1 
ATOM   762 C C   . ARG A 1 95  ? -1.886  -11.587 -8.770  1.00 82.51  ? 222 ARG A C   1 
ATOM   763 O O   . ARG A 1 95  ? -3.070  -11.615 -8.431  1.00 82.28  ? 222 ARG A O   1 
ATOM   764 C CB  . ARG A 1 95  ? -1.248  -12.037 -6.398  1.00 83.89  ? 222 ARG A CB  1 
ATOM   765 C CG  . ARG A 1 95  ? -1.477  -13.544 -6.428  1.00 85.31  ? 222 ARG A CG  1 
ATOM   766 C CD  . ARG A 1 95  ? -0.176  -14.314 -6.640  1.00 87.82  ? 222 ARG A CD  1 
ATOM   767 N NE  . ARG A 1 95  ? -0.427  -15.713 -6.982  1.00 90.19  ? 222 ARG A NE  1 
ATOM   768 C CZ  . ARG A 1 95  ? -1.065  -16.579 -6.198  1.00 91.32  ? 222 ARG A CZ  1 
ATOM   769 N NH1 . ARG A 1 95  ? -1.520  -16.200 -5.011  1.00 91.52  ? 222 ARG A NH1 1 
ATOM   770 N NH2 . ARG A 1 95  ? -1.261  -17.825 -6.609  1.00 91.64  ? 222 ARG A NH2 1 
ATOM   771 N N   . ARG A 1 96  ? -1.484  -11.614 -10.034 1.00 83.26  ? 223 ARG A N   1 
ATOM   772 C CA  . ARG A 1 96  ? -2.410  -11.681 -11.149 1.00 84.04  ? 223 ARG A CA  1 
ATOM   773 C C   . ARG A 1 96  ? -3.644  -12.535 -10.909 1.00 82.68  ? 223 ARG A C   1 
ATOM   774 O O   . ARG A 1 96  ? -3.548  -13.684 -10.485 1.00 82.52  ? 223 ARG A O   1 
ATOM   775 C CB  . ARG A 1 96  ? -1.663  -12.145 -12.399 1.00 87.42  ? 223 ARG A CB  1 
ATOM   776 C CG  . ARG A 1 96  ? -0.497  -11.217 -12.766 1.00 90.54  ? 223 ARG A CG  1 
ATOM   777 C CD  . ARG A 1 96  ? -0.004  -11.463 -14.175 1.00 93.37  ? 223 ARG A CD  1 
ATOM   778 N NE  . ARG A 1 96  ? 0.381   -12.858 -14.382 1.00 96.84  ? 223 ARG A NE  1 
ATOM   779 C CZ  . ARG A 1 96  ? 0.776   -13.361 -15.548 1.00 97.03  ? 223 ARG A CZ  1 
ATOM   780 N NH1 . ARG A 1 96  ? 0.837   -12.584 -16.623 1.00 96.39  ? 223 ARG A NH1 1 
ATOM   781 N NH2 . ARG A 1 96  ? 1.111   -14.641 -15.640 1.00 97.94  ? 223 ARG A NH2 1 
ATOM   782 N N   . GLY A 1 97  ? -4.805  -11.938 -11.161 1.00 81.06  ? 224 GLY A N   1 
ATOM   783 C CA  . GLY A 1 97  ? -6.061  -12.639 -10.990 1.00 80.54  ? 224 GLY A CA  1 
ATOM   784 C C   . GLY A 1 97  ? -6.525  -12.819 -9.557  1.00 81.50  ? 224 GLY A C   1 
ATOM   785 O O   . GLY A 1 97  ? -7.623  -13.316 -9.315  1.00 82.74  ? 224 GLY A O   1 
ATOM   786 N N   . VAL A 1 98  ? -5.708  -12.413 -8.596  1.00 80.68  ? 225 VAL A N   1 
ATOM   787 C CA  . VAL A 1 98  ? -6.085  -12.563 -7.197  1.00 79.30  ? 225 VAL A CA  1 
ATOM   788 C C   . VAL A 1 98  ? -6.251  -11.192 -6.523  1.00 78.76  ? 225 VAL A C   1 
ATOM   789 O O   . VAL A 1 98  ? -7.356  -10.808 -6.115  1.00 78.82  ? 225 VAL A O   1 
ATOM   790 C CB  . VAL A 1 98  ? -5.020  -13.417 -6.446  1.00 79.64  ? 225 VAL A CB  1 
ATOM   791 C CG1 . VAL A 1 98  ? -5.438  -13.647 -5.005  1.00 78.53  ? 225 VAL A CG1 1 
ATOM   792 C CG2 . VAL A 1 98  ? -4.826  -14.747 -7.164  1.00 77.10  ? 225 VAL A CG2 1 
ATOM   793 N N   . GLY A 1 99  ? -5.152  -10.451 -6.427  1.00 76.90  ? 226 GLY A N   1 
ATOM   794 C CA  . GLY A 1 99  ? -5.197  -9.143  -5.803  1.00 74.09  ? 226 GLY A CA  1 
ATOM   795 C C   . GLY A 1 99  ? -3.839  -8.477  -5.708  1.00 72.53  ? 226 GLY A C   1 
ATOM   796 O O   . GLY A 1 99  ? -3.077  -8.469  -6.672  1.00 72.16  ? 226 GLY A O   1 
ATOM   797 N N   . TYR A 1 100 ? -3.534  -7.922  -4.537  1.00 71.53  ? 227 TYR A N   1 
ATOM   798 C CA  . TYR A 1 100 ? -2.271  -7.225  -4.308  1.00 70.07  ? 227 TYR A CA  1 
ATOM   799 C C   . TYR A 1 100 ? -1.650  -7.596  -2.960  1.00 71.41  ? 227 TYR A C   1 
ATOM   800 O O   . TYR A 1 100 ? -2.303  -8.183  -2.091  1.00 70.66  ? 227 TYR A O   1 
ATOM   801 C CB  . TYR A 1 100 ? -2.489  -5.705  -4.337  1.00 66.52  ? 227 TYR A CB  1 
ATOM   802 C CG  . TYR A 1 100 ? -2.987  -5.106  -5.646  1.00 63.96  ? 227 TYR A CG  1 
ATOM   803 C CD1 . TYR A 1 100 ? -2.155  -5.014  -6.764  1.00 62.39  ? 227 TYR A CD1 1 
ATOM   804 C CD2 . TYR A 1 100 ? -4.276  -4.570  -5.740  1.00 60.34  ? 227 TYR A CD2 1 
ATOM   805 C CE1 . TYR A 1 100 ? -2.598  -4.392  -7.941  1.00 61.00  ? 227 TYR A CE1 1 
ATOM   806 C CE2 . TYR A 1 100 ? -4.724  -3.952  -6.898  1.00 56.71  ? 227 TYR A CE2 1 
ATOM   807 C CZ  . TYR A 1 100 ? -3.883  -3.857  -7.995  1.00 59.14  ? 227 TYR A CZ  1 
ATOM   808 O OH  . TYR A 1 100 ? -4.306  -3.171  -9.120  1.00 54.36  ? 227 TYR A OH  1 
ATOM   809 N N   . TYR A 1 101 ? -0.379  -7.242  -2.796  1.00 73.66  ? 228 TYR A N   1 
ATOM   810 C CA  . TYR A 1 101 ? 0.343   -7.511  -1.558  1.00 76.67  ? 228 TYR A CA  1 
ATOM   811 C C   . TYR A 1 101 ? 1.643   -6.713  -1.494  1.00 77.68  ? 228 TYR A C   1 
ATOM   812 O O   . TYR A 1 101 ? 2.219   -6.371  -2.529  1.00 76.61  ? 228 TYR A O   1 
ATOM   813 C CB  . TYR A 1 101 ? 0.632   -9.018  -1.423  1.00 78.54  ? 228 TYR A CB  1 
ATOM   814 C CG  . TYR A 1 101 ? 1.602   -9.614  -2.439  1.00 80.59  ? 228 TYR A CG  1 
ATOM   815 C CD1 . TYR A 1 101 ? 2.989   -9.477  -2.290  1.00 81.32  ? 228 TYR A CD1 1 
ATOM   816 C CD2 . TYR A 1 101 ? 1.130   -10.339 -3.536  1.00 81.19  ? 228 TYR A CD2 1 
ATOM   817 C CE1 . TYR A 1 101 ? 3.876   -10.052 -3.210  1.00 81.10  ? 228 TYR A CE1 1 
ATOM   818 C CE2 . TYR A 1 101 ? 2.005   -10.915 -4.457  1.00 81.04  ? 228 TYR A CE2 1 
ATOM   819 C CZ  . TYR A 1 101 ? 3.373   -10.772 -4.291  1.00 81.20  ? 228 TYR A CZ  1 
ATOM   820 O OH  . TYR A 1 101 ? 4.224   -11.355 -5.206  1.00 79.48  ? 228 TYR A OH  1 
ATOM   821 N N   . LEU A 1 102 ? 2.085   -6.392  -0.278  1.00 79.62  ? 229 LEU A N   1 
ATOM   822 C CA  . LEU A 1 102 ? 3.336   -5.663  -0.088  1.00 81.38  ? 229 LEU A CA  1 
ATOM   823 C C   . LEU A 1 102 ? 4.413   -6.732  0.071   1.00 84.31  ? 229 LEU A C   1 
ATOM   824 O O   . LEU A 1 102 ? 4.330   -7.573  0.966   1.00 83.49  ? 229 LEU A O   1 
ATOM   825 C CB  . LEU A 1 102 ? 3.270   -4.770  1.150   1.00 78.42  ? 229 LEU A CB  1 
ATOM   826 C CG  . LEU A 1 102 ? 4.506   -3.892  1.378   1.00 77.23  ? 229 LEU A CG  1 
ATOM   827 C CD1 . LEU A 1 102 ? 4.786   -3.039  0.159   1.00 74.62  ? 229 LEU A CD1 1 
ATOM   828 C CD2 . LEU A 1 102 ? 4.286   -3.015  2.583   1.00 76.19  ? 229 LEU A CD2 1 
ATOM   829 N N   . ARG A 1 103 ? 5.411   -6.689  -0.810  1.00 88.45  ? 230 ARG A N   1 
ATOM   830 C CA  . ARG A 1 103 ? 6.493   -7.670  -0.844  1.00 91.96  ? 230 ARG A CA  1 
ATOM   831 C C   . ARG A 1 103 ? 7.480   -7.690  0.317   1.00 95.63  ? 230 ARG A C   1 
ATOM   832 O O   . ARG A 1 103 ? 8.069   -6.667  0.688   1.00 95.80  ? 230 ARG A O   1 
ATOM   833 C CB  . ARG A 1 103 ? 7.279   -7.535  -2.153  1.00 91.71  ? 230 ARG A CB  1 
ATOM   834 C CG  . ARG A 1 103 ? 8.219   -8.703  -2.437  1.00 90.88  ? 230 ARG A CG  1 
ATOM   835 C CD  . ARG A 1 103 ? 9.082   -8.452  -3.662  1.00 91.24  ? 230 ARG A CD  1 
ATOM   836 N NE  . ARG A 1 103 ? 10.159  -7.499  -3.397  1.00 92.20  ? 230 ARG A NE  1 
ATOM   837 C CZ  . ARG A 1 103 ? 11.229  -7.768  -2.654  1.00 92.40  ? 230 ARG A CZ  1 
ATOM   838 N NH1 . ARG A 1 103 ? 11.373  -8.964  -2.098  1.00 91.81  ? 230 ARG A NH1 1 
ATOM   839 N NH2 . ARG A 1 103 ? 12.157  -6.838  -2.467  1.00 92.93  ? 230 ARG A NH2 1 
ATOM   840 N N   . ASN A 1 104 ? 7.656   -8.888  0.868   1.00 99.26  ? 231 ASN A N   1 
ATOM   841 C CA  . ASN A 1 104 ? 8.574   -9.143  1.969   1.00 102.84 ? 231 ASN A CA  1 
ATOM   842 C C   . ASN A 1 104 ? 9.947   -9.336  1.320   1.00 105.40 ? 231 ASN A C   1 
ATOM   843 O O   . ASN A 1 104 ? 10.186  -10.356 0.666   1.00 105.74 ? 231 ASN A O   1 
ATOM   844 C CB  . ASN A 1 104 ? 8.136   -10.424 2.697   1.00 103.32 ? 231 ASN A CB  1 
ATOM   845 C CG  . ASN A 1 104 ? 8.968   -10.726 3.936   1.00 103.60 ? 231 ASN A CG  1 
ATOM   846 O OD1 . ASN A 1 104 ? 10.189  -10.877 3.861   1.00 104.00 ? 231 ASN A OD1 1 
ATOM   847 N ND2 . ASN A 1 104 ? 8.303   -10.827 5.085   1.00 102.72 ? 231 ASN A ND2 1 
ATOM   848 N N   . PRO A 1 105 ? 10.857  -8.351  1.469   1.00 107.58 ? 232 PRO A N   1 
ATOM   849 C CA  . PRO A 1 105 ? 12.204  -8.430  0.886   1.00 110.01 ? 232 PRO A CA  1 
ATOM   850 C C   . PRO A 1 105 ? 12.979  -9.688  1.302   1.00 112.31 ? 232 PRO A C   1 
ATOM   851 O O   . PRO A 1 105 ? 13.989  -9.601  2.003   1.00 113.40 ? 232 PRO A O   1 
ATOM   852 C CB  . PRO A 1 105 ? 12.867  -7.145  1.383   1.00 109.05 ? 232 PRO A CB  1 
ATOM   853 C CG  . PRO A 1 105 ? 11.717  -6.195  1.473   1.00 108.17 ? 232 PRO A CG  1 
ATOM   854 C CD  . PRO A 1 105 ? 10.661  -7.050  2.134   1.00 107.48 ? 232 PRO A CD  1 
ATOM   855 N N   . GLU A 1 106 ? 12.500  -10.848 0.854   1.00 114.46 ? 233 GLU A N   1 
ATOM   856 C CA  . GLU A 1 106 ? 13.103  -12.148 1.166   1.00 116.11 ? 233 GLU A CA  1 
ATOM   857 C C   . GLU A 1 106 ? 13.003  -12.533 2.646   1.00 116.54 ? 233 GLU A C   1 
ATOM   858 O O   . GLU A 1 106 ? 12.683  -11.658 3.481   1.00 116.62 ? 233 GLU A O   1 
ATOM   859 C CB  . GLU A 1 106 ? 14.574  -12.182 0.715   1.00 116.46 ? 233 GLU A CB  1 
ATOM   860 C CG  . GLU A 1 106 ? 14.769  -12.546 -0.757  1.00 116.83 ? 233 GLU A CG  1 
ATOM   861 C CD  . GLU A 1 106 ? 14.307  -13.966 -1.082  1.00 116.87 ? 233 GLU A CD  1 
ATOM   862 O OE1 . GLU A 1 106 ? 14.948  -14.935 -0.614  1.00 116.89 ? 233 GLU A OE1 1 
ATOM   863 O OE2 . GLU A 1 106 ? 13.297  -14.114 -1.803  1.00 116.50 ? 233 GLU A OE2 1 
HETATM 864 O O   . HOH B 2 .   ? -0.730  -0.139  -10.675 1.00 44.79  ? 1   HOH A O   1 
HETATM 865 O O   . HOH B 2 .   ? -15.285 3.386   -6.790  1.00 49.55  ? 2   HOH A O   1 
HETATM 866 O O   . HOH B 2 .   ? -3.463  -1.068  -10.079 1.00 44.70  ? 3   HOH A O   1 
HETATM 867 O O   . HOH B 2 .   ? -4.991  7.600   -5.241  1.00 46.57  ? 4   HOH A O   1 
HETATM 868 O O   . HOH B 2 .   ? -7.665  10.306  0.611   1.00 46.02  ? 5   HOH A O   1 
HETATM 869 O O   . HOH B 2 .   ? 1.184   11.311  4.271   1.00 61.01  ? 6   HOH A O   1 
HETATM 870 O O   . HOH B 2 .   ? -8.476  -10.696 0.637   1.00 59.31  ? 7   HOH A O   1 
HETATM 871 O O   . HOH B 2 .   ? -10.477 6.922   -2.961  1.00 59.58  ? 8   HOH A O   1 
HETATM 872 O O   . HOH B 2 .   ? 14.396  -1.002  -3.922  1.00 52.01  ? 9   HOH A O   1 
HETATM 873 O O   . HOH B 2 .   ? -21.356 4.087   -0.537  1.00 78.29  ? 10  HOH A O   1 
HETATM 874 O O   . HOH B 2 .   ? 0.304   -7.525  1.871   1.00 50.89  ? 11  HOH A O   1 
HETATM 875 O O   . HOH B 2 .   ? 3.885   -6.021  9.797   1.00 61.49  ? 12  HOH A O   1 
HETATM 876 O O   . HOH B 2 .   ? 6.164   13.447  -1.900  1.00 55.56  ? 13  HOH A O   1 
HETATM 877 O O   . HOH B 2 .   ? -0.431  9.186   -14.140 1.00 52.82  ? 14  HOH A O   1 
HETATM 878 O O   . HOH B 2 .   ? 14.719  -1.593  7.024   1.00 67.52  ? 15  HOH A O   1 
HETATM 879 O O   . HOH B 2 .   ? 3.431   -3.278  -12.900 1.00 64.15  ? 16  HOH A O   1 
HETATM 880 O O   . HOH B 2 .   ? -15.309 -7.649  -7.604  1.00 73.94  ? 17  HOH A O   1 
HETATM 881 O O   . HOH B 2 .   ? 7.031   10.475  -4.834  1.00 54.91  ? 18  HOH A O   1 
HETATM 882 O O   . HOH B 2 .   ? -13.085 7.023   4.806   1.00 65.38  ? 19  HOH A O   1 
HETATM 883 O O   . HOH B 2 .   ? -10.110 -8.636  -7.143  1.00 64.26  ? 20  HOH A O   1 
HETATM 884 O O   . HOH B 2 .   ? 13.885  6.834   12.884  1.00 59.94  ? 21  HOH A O   1 
HETATM 885 O O   . HOH B 2 .   ? 4.484   12.276  -3.839  1.00 60.34  ? 22  HOH A O   1 
HETATM 886 O O   . HOH B 2 .   ? -15.327 6.261   2.638   1.00 61.92  ? 23  HOH A O   1 
HETATM 887 O O   . HOH B 2 .   ? -23.986 4.079   6.166   1.00 66.86  ? 24  HOH A O   1 
HETATM 888 O O   . HOH B 2 .   ? 18.461  12.574  -0.565  1.00 61.09  ? 25  HOH A O   1 
HETATM 889 O O   . HOH B 2 .   ? 13.594  5.475   4.497   1.00 58.17  ? 26  HOH A O   1 
HETATM 890 O O   . HOH B 2 .   ? -3.438  3.994   10.642  1.00 63.40  ? 27  HOH A O   1 
HETATM 891 O O   . HOH B 2 .   ? 2.232   -12.611 -7.305  1.00 73.41  ? 28  HOH A O   1 
HETATM 892 O O   . HOH B 2 .   ? -8.120  -1.565  -16.605 1.00 73.15  ? 29  HOH A O   1 
HETATM 893 O O   . HOH B 2 .   ? -2.907  10.929  -13.235 1.00 59.90  ? 30  HOH A O   1 
HETATM 894 O O   . HOH B 2 .   ? -9.019  3.113   6.465   1.00 50.90  ? 31  HOH A O   1 
HETATM 895 O O   . HOH B 2 .   ? -15.154 0.090   -14.348 1.00 62.02  ? 32  HOH A O   1 
HETATM 896 O O   . HOH B 2 .   ? -2.289  3.698   13.333  1.00 61.76  ? 33  HOH A O   1 
HETATM 897 O O   . HOH B 2 .   ? -4.747  1.571   7.430   1.00 58.94  ? 34  HOH A O   1 
HETATM 898 O O   . HOH B 2 .   ? 12.256  -2.416  -13.134 1.00 64.43  ? 35  HOH A O   1 
HETATM 899 O O   . HOH B 2 .   ? -7.245  -8.641  -8.746  1.00 56.45  ? 36  HOH A O   1 
HETATM 900 O O   . HOH B 2 .   ? -6.838  9.670   -2.857  1.00 52.83  ? 37  HOH A O   1 
HETATM 901 O O   . HOH B 2 .   ? -11.071 -12.047 0.434   1.00 69.92  ? 38  HOH A O   1 
# 
